data_2DKP
#
_entry.id   2DKP
#
_entity_poly.entity_id   1
_entity_poly.type   'polypeptide(L)'
_entity_poly.pdbx_seq_one_letter_code
;GSSGSSGKRSNSIKRNPNAPVVRRGWLYKQDSTGMKLWKKRWFVLSDLCLFYYRDEKEEGILGSILLPSFQIALLTSEDH
INRKYAFKAAHPNMRTYYFCTDTGKEMELWMKAMLDAALVQTSGPSSG
;
_entity_poly.pdbx_strand_id   A
#
# COMPACT_ATOMS: atom_id res chain seq x y z
N GLY A 1 29.26 35.82 -8.52
CA GLY A 1 28.59 35.03 -7.50
C GLY A 1 27.64 34.00 -8.07
N SER A 2 26.92 33.31 -7.20
CA SER A 2 25.96 32.30 -7.62
C SER A 2 24.60 32.52 -6.99
N SER A 3 23.60 31.78 -7.46
CA SER A 3 22.24 31.90 -6.93
C SER A 3 21.52 30.56 -7.01
N GLY A 4 21.05 30.09 -5.86
CA GLY A 4 20.34 28.82 -5.80
C GLY A 4 18.89 28.94 -6.25
N SER A 5 17.99 29.06 -5.28
CA SER A 5 16.57 29.19 -5.57
C SER A 5 16.07 27.99 -6.37
N SER A 6 16.50 26.80 -5.96
CA SER A 6 16.11 25.57 -6.65
C SER A 6 15.43 24.61 -5.68
N GLY A 7 14.10 24.60 -5.69
CA GLY A 7 13.36 23.72 -4.81
C GLY A 7 12.23 22.99 -5.52
N LYS A 8 11.44 22.24 -4.77
CA LYS A 8 10.33 21.50 -5.34
C LYS A 8 8.99 22.07 -4.87
N ARG A 9 8.43 22.97 -5.67
CA ARG A 9 7.16 23.59 -5.33
C ARG A 9 6.08 22.54 -5.06
N SER A 10 5.95 21.58 -5.98
CA SER A 10 4.97 20.52 -5.84
C SER A 10 5.52 19.38 -4.99
N ASN A 11 4.85 19.10 -3.88
CA ASN A 11 5.28 18.03 -2.98
C ASN A 11 5.05 16.66 -3.61
N SER A 12 6.00 16.24 -4.44
CA SER A 12 5.90 14.94 -5.12
C SER A 12 6.75 13.90 -4.41
N ILE A 13 6.51 12.62 -4.74
CA ILE A 13 7.25 11.54 -4.14
C ILE A 13 8.06 10.78 -5.19
N LYS A 14 9.27 10.36 -4.81
CA LYS A 14 10.14 9.62 -5.72
C LYS A 14 10.64 8.33 -5.07
N ARG A 15 10.50 7.23 -5.79
CA ARG A 15 10.94 5.93 -5.28
C ARG A 15 12.46 5.87 -5.17
N ASN A 16 12.94 5.09 -4.21
CA ASN A 16 14.38 4.95 -4.01
C ASN A 16 14.87 3.57 -4.43
N PRO A 17 15.33 3.47 -5.68
CA PRO A 17 15.83 2.21 -6.24
C PRO A 17 16.72 1.45 -5.27
N ASN A 18 17.65 2.18 -4.65
CA ASN A 18 18.56 1.58 -3.69
C ASN A 18 17.81 0.85 -2.58
N ALA A 19 16.82 1.52 -2.01
CA ALA A 19 16.00 0.95 -0.95
C ALA A 19 15.67 -0.51 -1.24
N PRO A 20 16.38 -1.43 -0.58
CA PRO A 20 16.18 -2.87 -0.76
C PRO A 20 14.70 -3.25 -0.75
N VAL A 21 14.17 -3.57 -1.93
CA VAL A 21 12.76 -3.96 -2.05
C VAL A 21 12.49 -5.26 -1.31
N VAL A 22 11.49 -5.25 -0.45
CA VAL A 22 11.11 -6.43 0.31
C VAL A 22 10.52 -7.51 -0.59
N ARG A 23 9.46 -7.15 -1.31
CA ARG A 23 8.81 -8.08 -2.22
C ARG A 23 7.89 -7.34 -3.19
N ARG A 24 7.83 -7.82 -4.43
CA ARG A 24 6.99 -7.20 -5.44
C ARG A 24 6.24 -8.26 -6.24
N GLY A 25 4.92 -8.10 -6.34
CA GLY A 25 4.10 -9.05 -7.08
C GLY A 25 2.78 -8.46 -7.51
N TRP A 26 2.03 -9.23 -8.30
CA TRP A 26 0.74 -8.77 -8.79
C TRP A 26 -0.34 -8.95 -7.73
N LEU A 27 -0.71 -7.84 -7.09
CA LEU A 27 -1.73 -7.87 -6.04
C LEU A 27 -3.06 -7.36 -6.57
N TYR A 28 -4.16 -7.77 -5.94
CA TYR A 28 -5.49 -7.36 -6.34
C TYR A 28 -6.05 -6.32 -5.38
N LYS A 29 -6.39 -5.14 -5.91
CA LYS A 29 -6.96 -4.07 -5.09
C LYS A 29 -8.42 -3.83 -5.44
N GLN A 30 -9.18 -3.38 -4.44
CA GLN A 30 -10.61 -3.11 -4.64
C GLN A 30 -10.94 -1.67 -4.27
N ASP A 31 -11.82 -1.05 -5.05
CA ASP A 31 -12.22 0.33 -4.80
C ASP A 31 -13.54 0.38 -4.04
N SER A 32 -13.92 1.58 -3.59
CA SER A 32 -15.16 1.75 -2.84
C SER A 32 -16.02 2.82 -3.49
N THR A 33 -16.11 2.79 -4.81
CA THR A 33 -16.92 3.76 -5.55
C THR A 33 -17.92 3.06 -6.46
N GLY A 34 -19.11 2.81 -5.92
CA GLY A 34 -20.15 2.14 -6.69
C GLY A 34 -20.08 0.63 -6.59
N MET A 35 -19.22 0.03 -7.41
CA MET A 35 -19.05 -1.42 -7.40
C MET A 35 -17.71 -1.81 -6.81
N LYS A 36 -17.73 -2.76 -5.88
CA LYS A 36 -16.51 -3.23 -5.23
C LYS A 36 -15.88 -4.37 -6.02
N LEU A 37 -15.12 -4.02 -7.06
CA LEU A 37 -14.46 -5.02 -7.89
C LEU A 37 -12.96 -5.02 -7.63
N TRP A 38 -12.28 -6.04 -8.16
CA TRP A 38 -10.84 -6.16 -7.99
C TRP A 38 -10.10 -5.82 -9.29
N LYS A 39 -9.06 -5.01 -9.18
CA LYS A 39 -8.27 -4.60 -10.34
C LYS A 39 -6.86 -5.17 -10.26
N LYS A 40 -6.42 -5.79 -11.34
CA LYS A 40 -5.08 -6.37 -11.40
C LYS A 40 -4.03 -5.30 -11.74
N ARG A 41 -3.05 -5.15 -10.87
CA ARG A 41 -2.00 -4.16 -11.08
C ARG A 41 -0.67 -4.64 -10.48
N TRP A 42 0.42 -3.96 -10.84
CA TRP A 42 1.74 -4.33 -10.34
C TRP A 42 2.09 -3.51 -9.10
N PHE A 43 2.17 -4.18 -7.96
CA PHE A 43 2.50 -3.52 -6.70
C PHE A 43 3.93 -3.82 -6.29
N VAL A 44 4.48 -3.00 -5.39
CA VAL A 44 5.84 -3.18 -4.91
C VAL A 44 5.99 -2.65 -3.49
N LEU A 45 6.66 -3.43 -2.64
CA LEU A 45 6.88 -3.05 -1.25
C LEU A 45 8.32 -2.61 -1.03
N SER A 46 8.54 -1.29 -1.02
CA SER A 46 9.88 -0.74 -0.83
C SER A 46 9.81 0.62 -0.14
N ASP A 47 10.80 0.89 0.71
CA ASP A 47 10.84 2.16 1.43
C ASP A 47 9.65 2.30 2.37
N LEU A 48 9.28 1.21 3.01
CA LEU A 48 8.15 1.20 3.94
C LEU A 48 6.94 1.91 3.32
N CYS A 49 6.84 1.84 2.00
CA CYS A 49 5.72 2.47 1.29
C CYS A 49 5.21 1.56 0.17
N LEU A 50 4.15 2.00 -0.50
CA LEU A 50 3.57 1.23 -1.58
C LEU A 50 3.73 1.95 -2.92
N PHE A 51 4.14 1.22 -3.95
CA PHE A 51 4.33 1.78 -5.27
C PHE A 51 3.89 0.81 -6.35
N TYR A 52 3.17 1.31 -7.34
CA TYR A 52 2.69 0.49 -8.45
C TYR A 52 2.85 1.20 -9.78
N TYR A 53 2.80 0.43 -10.86
CA TYR A 53 2.95 0.99 -12.20
C TYR A 53 2.01 0.30 -13.18
N ARG A 54 1.89 0.87 -14.38
CA ARG A 54 1.03 0.30 -15.41
C ARG A 54 1.23 -1.21 -15.53
N ASP A 55 2.48 -1.61 -15.65
CA ASP A 55 2.82 -3.03 -15.77
C ASP A 55 4.18 -3.33 -15.13
N GLU A 56 4.63 -4.56 -15.28
CA GLU A 56 5.91 -4.97 -14.71
C GLU A 56 7.03 -4.04 -15.15
N LYS A 57 6.94 -3.57 -16.40
CA LYS A 57 7.95 -2.67 -16.94
C LYS A 57 8.30 -1.58 -15.94
N GLU A 58 7.33 -1.21 -15.10
CA GLU A 58 7.54 -0.19 -14.09
C GLU A 58 7.87 1.16 -14.75
N GLU A 59 7.32 1.38 -15.93
CA GLU A 59 7.57 2.62 -16.66
C GLU A 59 6.76 3.76 -16.07
N GLY A 60 7.37 4.50 -15.14
CA GLY A 60 6.70 5.62 -14.51
C GLY A 60 5.64 5.16 -13.52
N ILE A 61 5.62 5.80 -12.35
CA ILE A 61 4.66 5.46 -11.32
C ILE A 61 3.35 6.22 -11.52
N LEU A 62 2.23 5.49 -11.47
CA LEU A 62 0.92 6.09 -11.64
C LEU A 62 0.44 6.75 -10.35
N GLY A 63 0.92 6.23 -9.22
CA GLY A 63 0.54 6.80 -7.93
C GLY A 63 1.13 6.01 -6.77
N SER A 64 1.60 6.74 -5.75
CA SER A 64 2.20 6.10 -4.58
C SER A 64 1.20 6.08 -3.42
N ILE A 65 1.37 5.11 -2.54
CA ILE A 65 0.49 4.96 -1.37
C ILE A 65 1.30 4.82 -0.09
N LEU A 66 1.05 5.72 0.87
CA LEU A 66 1.75 5.68 2.14
C LEU A 66 1.13 4.66 3.08
N LEU A 67 1.85 3.58 3.35
CA LEU A 67 1.37 2.54 4.24
C LEU A 67 1.30 3.02 5.69
N PRO A 68 2.36 3.74 6.11
CA PRO A 68 2.44 4.29 7.47
C PRO A 68 1.16 5.00 7.89
N SER A 69 0.41 5.48 6.90
CA SER A 69 -0.84 6.19 7.17
C SER A 69 -2.02 5.24 7.15
N PHE A 70 -1.85 4.10 6.48
CA PHE A 70 -2.91 3.10 6.39
C PHE A 70 -2.88 2.17 7.60
N GLN A 71 -4.04 1.61 7.94
CA GLN A 71 -4.16 0.70 9.07
C GLN A 71 -4.53 -0.69 8.61
N ILE A 72 -3.58 -1.62 8.69
CA ILE A 72 -3.81 -3.00 8.29
C ILE A 72 -4.53 -3.78 9.39
N ALA A 73 -5.72 -4.27 9.07
CA ALA A 73 -6.51 -5.03 10.03
C ALA A 73 -7.38 -6.06 9.31
N LEU A 74 -7.53 -7.23 9.94
CA LEU A 74 -8.34 -8.30 9.36
C LEU A 74 -9.79 -7.86 9.19
N LEU A 75 -10.38 -8.21 8.05
CA LEU A 75 -11.76 -7.85 7.78
C LEU A 75 -12.67 -8.22 8.95
N THR A 76 -13.84 -7.60 9.00
CA THR A 76 -14.81 -7.87 10.07
C THR A 76 -16.17 -8.24 9.50
N SER A 77 -17.09 -8.64 10.38
CA SER A 77 -18.42 -9.02 9.97
C SER A 77 -18.96 -8.07 8.92
N GLU A 78 -18.88 -6.77 9.20
CA GLU A 78 -19.36 -5.75 8.28
C GLU A 78 -18.76 -5.95 6.89
N ASP A 79 -17.46 -6.20 6.85
CA ASP A 79 -16.75 -6.41 5.59
C ASP A 79 -16.71 -7.90 5.22
N HIS A 80 -17.87 -8.55 5.30
CA HIS A 80 -17.96 -9.97 4.99
C HIS A 80 -17.89 -10.20 3.48
N ILE A 81 -16.73 -9.92 2.90
CA ILE A 81 -16.53 -10.09 1.47
C ILE A 81 -16.38 -11.56 1.11
N ASN A 82 -17.10 -12.00 0.07
CA ASN A 82 -17.05 -13.38 -0.37
C ASN A 82 -15.59 -13.86 -0.50
N ARG A 83 -14.74 -13.01 -1.05
CA ARG A 83 -13.33 -13.34 -1.22
C ARG A 83 -12.62 -13.36 0.12
N LYS A 84 -12.55 -14.53 0.74
CA LYS A 84 -11.88 -14.68 2.03
C LYS A 84 -10.37 -14.53 1.88
N TYR A 85 -9.66 -14.67 3.00
CA TYR A 85 -8.21 -14.55 3.00
C TYR A 85 -7.77 -13.18 2.46
N ALA A 86 -8.46 -12.13 2.92
CA ALA A 86 -8.15 -10.78 2.49
C ALA A 86 -8.18 -9.81 3.65
N PHE A 87 -7.52 -8.66 3.49
CA PHE A 87 -7.47 -7.65 4.54
C PHE A 87 -7.90 -6.29 4.00
N LYS A 88 -7.95 -5.30 4.89
CA LYS A 88 -8.34 -3.95 4.51
C LYS A 88 -7.44 -2.92 5.16
N ALA A 89 -7.29 -1.76 4.51
CA ALA A 89 -6.45 -0.69 5.03
C ALA A 89 -7.26 0.59 5.22
N ALA A 90 -7.28 1.10 6.44
CA ALA A 90 -8.01 2.32 6.75
C ALA A 90 -7.10 3.54 6.67
N HIS A 91 -7.64 4.64 6.16
CA HIS A 91 -6.88 5.88 6.03
C HIS A 91 -7.69 7.08 6.51
N PRO A 92 -7.02 8.01 7.19
CA PRO A 92 -7.67 9.22 7.72
C PRO A 92 -7.96 10.24 6.63
N ASN A 93 -6.95 10.52 5.80
CA ASN A 93 -7.10 11.48 4.72
C ASN A 93 -7.55 10.78 3.44
N MET A 94 -7.94 9.52 3.56
CA MET A 94 -8.38 8.74 2.40
C MET A 94 -9.44 7.72 2.83
N ARG A 95 -9.86 6.89 1.87
CA ARG A 95 -10.87 5.88 2.13
C ARG A 95 -10.22 4.56 2.58
N THR A 96 -11.05 3.55 2.79
CA THR A 96 -10.55 2.25 3.21
C THR A 96 -10.29 1.33 2.01
N TYR A 97 -9.05 0.88 1.88
CA TYR A 97 -8.66 0.01 0.78
C TYR A 97 -8.88 -1.45 1.14
N TYR A 98 -8.71 -2.33 0.15
CA TYR A 98 -8.90 -3.75 0.37
C TYR A 98 -7.94 -4.56 -0.51
N PHE A 99 -7.23 -5.50 0.10
CA PHE A 99 -6.27 -6.34 -0.61
C PHE A 99 -6.51 -7.81 -0.30
N CYS A 100 -6.54 -8.63 -1.34
CA CYS A 100 -6.76 -10.07 -1.18
C CYS A 100 -5.79 -10.87 -2.05
N THR A 101 -5.55 -12.11 -1.66
CA THR A 101 -4.63 -12.97 -2.41
C THR A 101 -5.32 -14.27 -2.81
N ASP A 102 -4.56 -15.18 -3.43
CA ASP A 102 -5.10 -16.45 -3.87
C ASP A 102 -5.12 -17.47 -2.73
N THR A 103 -4.05 -17.47 -1.93
CA THR A 103 -3.94 -18.38 -0.80
C THR A 103 -3.60 -17.64 0.49
N GLY A 104 -3.39 -18.39 1.57
CA GLY A 104 -3.06 -17.78 2.84
C GLY A 104 -1.66 -17.20 2.85
N LYS A 105 -0.72 -17.90 2.22
CA LYS A 105 0.67 -17.44 2.17
C LYS A 105 0.77 -16.11 1.45
N GLU A 106 0.43 -16.10 0.17
CA GLU A 106 0.48 -14.88 -0.62
C GLU A 106 0.01 -13.67 0.20
N MET A 107 -0.85 -13.92 1.16
CA MET A 107 -1.37 -12.86 2.02
C MET A 107 -0.39 -12.53 3.14
N GLU A 108 0.20 -13.57 3.73
CA GLU A 108 1.15 -13.38 4.82
C GLU A 108 2.38 -12.61 4.34
N LEU A 109 2.78 -12.87 3.10
CA LEU A 109 3.94 -12.20 2.52
C LEU A 109 3.68 -10.70 2.38
N TRP A 110 2.44 -10.33 2.09
CA TRP A 110 2.06 -8.94 1.94
C TRP A 110 1.86 -8.27 3.29
N MET A 111 1.18 -8.98 4.20
CA MET A 111 0.92 -8.45 5.53
C MET A 111 2.22 -8.24 6.29
N LYS A 112 2.91 -9.33 6.61
CA LYS A 112 4.17 -9.26 7.34
C LYS A 112 4.96 -8.02 6.94
N ALA A 113 4.97 -7.71 5.65
CA ALA A 113 5.67 -6.54 5.14
C ALA A 113 4.87 -5.27 5.35
N MET A 114 3.74 -5.17 4.66
CA MET A 114 2.88 -4.00 4.77
C MET A 114 2.85 -3.48 6.21
N LEU A 115 2.48 -4.35 7.13
CA LEU A 115 2.41 -3.98 8.55
C LEU A 115 3.69 -3.29 8.99
N ASP A 116 4.83 -3.86 8.59
CA ASP A 116 6.13 -3.29 8.94
C ASP A 116 6.21 -1.82 8.57
N ALA A 117 5.41 -1.43 7.57
CA ALA A 117 5.39 -0.04 7.12
C ALA A 117 4.25 0.73 7.79
N ALA A 118 3.11 0.08 7.95
CA ALA A 118 1.96 0.71 8.57
C ALA A 118 2.22 1.02 10.03
N LEU A 119 2.65 0.00 10.79
CA LEU A 119 2.94 0.17 12.21
C LEU A 119 3.61 1.52 12.47
N VAL A 120 4.42 1.96 11.51
CA VAL A 120 5.12 3.23 11.64
C VAL A 120 4.26 4.28 12.33
N GLN A 121 4.88 5.11 13.16
CA GLN A 121 4.15 6.15 13.89
C GLN A 121 4.48 7.52 13.33
N THR A 122 4.15 7.74 12.07
CA THR A 122 4.41 9.01 11.40
C THR A 122 3.18 9.52 10.68
N SER A 123 2.72 10.71 11.05
CA SER A 123 1.55 11.31 10.43
C SER A 123 1.47 12.80 10.73
N GLY A 124 1.36 13.61 9.69
CA GLY A 124 1.28 15.04 9.86
C GLY A 124 0.96 15.78 8.58
N PRO A 125 0.21 16.88 8.67
CA PRO A 125 -0.18 17.68 7.51
C PRO A 125 0.94 18.59 7.04
N SER A 126 0.67 19.39 6.01
CA SER A 126 1.65 20.30 5.46
C SER A 126 0.98 21.44 4.70
N SER A 127 1.68 22.56 4.57
CA SER A 127 1.15 23.72 3.88
C SER A 127 1.17 23.51 2.36
N GLY A 128 0.02 23.12 1.81
CA GLY A 128 -0.07 22.89 0.39
C GLY A 128 -1.27 22.03 0.02
N GLY A 1 18.68 18.71 -1.79
CA GLY A 1 19.41 17.96 -2.79
C GLY A 1 18.57 17.65 -4.01
N SER A 2 17.91 18.67 -4.55
CA SER A 2 17.06 18.49 -5.72
C SER A 2 16.95 19.79 -6.51
N SER A 3 16.79 19.68 -7.82
CA SER A 3 16.69 20.84 -8.69
C SER A 3 15.22 21.21 -8.92
N GLY A 4 15.01 22.35 -9.56
CA GLY A 4 13.64 22.80 -9.83
C GLY A 4 13.31 24.09 -9.12
N SER A 5 12.33 24.82 -9.66
CA SER A 5 11.91 26.09 -9.07
C SER A 5 10.53 25.96 -8.43
N SER A 6 10.49 26.04 -7.09
CA SER A 6 9.24 25.94 -6.36
C SER A 6 9.45 26.24 -4.88
N GLY A 7 8.40 26.76 -4.23
CA GLY A 7 8.49 27.08 -2.83
C GLY A 7 7.91 26.01 -1.94
N LYS A 8 8.36 24.77 -2.14
CA LYS A 8 7.89 23.64 -1.36
C LYS A 8 8.95 22.55 -1.29
N ARG A 9 9.36 22.21 -0.07
CA ARG A 9 10.37 21.17 0.13
C ARG A 9 9.83 19.80 -0.28
N SER A 10 8.51 19.66 -0.25
CA SER A 10 7.88 18.40 -0.63
C SER A 10 7.18 18.52 -1.98
N ASN A 11 7.87 18.10 -3.03
CA ASN A 11 7.32 18.15 -4.38
C ASN A 11 6.52 16.90 -4.70
N SER A 12 7.11 15.74 -4.45
CA SER A 12 6.45 14.46 -4.71
C SER A 12 7.25 13.30 -4.12
N ILE A 13 6.71 12.10 -4.26
CA ILE A 13 7.37 10.91 -3.74
C ILE A 13 7.89 10.04 -4.89
N LYS A 14 9.12 9.55 -4.75
CA LYS A 14 9.73 8.71 -5.75
C LYS A 14 10.41 7.49 -5.12
N ARG A 15 10.21 6.33 -5.73
CA ARG A 15 10.80 5.09 -5.23
C ARG A 15 12.29 5.05 -5.51
N ASN A 16 13.09 5.24 -4.46
CA ASN A 16 14.54 5.22 -4.59
C ASN A 16 15.03 3.88 -5.10
N PRO A 17 16.06 3.91 -5.96
CA PRO A 17 16.64 2.69 -6.54
C PRO A 17 17.57 1.97 -5.56
N ASN A 18 18.47 2.71 -4.94
CA ASN A 18 19.41 2.14 -3.98
C ASN A 18 18.67 1.41 -2.87
N ALA A 19 17.50 1.90 -2.52
CA ALA A 19 16.68 1.29 -1.47
C ALA A 19 16.38 -0.17 -1.79
N PRO A 20 16.42 -1.02 -0.76
CA PRO A 20 16.16 -2.46 -0.90
C PRO A 20 14.66 -2.77 -0.98
N VAL A 21 14.27 -3.50 -2.03
CA VAL A 21 12.87 -3.87 -2.22
C VAL A 21 12.50 -5.07 -1.36
N VAL A 22 11.44 -4.92 -0.57
CA VAL A 22 10.97 -6.00 0.29
C VAL A 22 10.37 -7.14 -0.52
N ARG A 23 9.32 -6.83 -1.28
CA ARG A 23 8.66 -7.83 -2.10
C ARG A 23 7.83 -7.17 -3.20
N ARG A 24 7.89 -7.72 -4.40
CA ARG A 24 7.15 -7.19 -5.53
C ARG A 24 6.30 -8.27 -6.19
N GLY A 25 5.00 -8.02 -6.29
CA GLY A 25 4.10 -8.98 -6.91
C GLY A 25 2.80 -8.35 -7.36
N TRP A 26 2.05 -9.07 -8.19
CA TRP A 26 0.78 -8.58 -8.69
C TRP A 26 -0.32 -8.70 -7.64
N LEU A 27 -0.54 -7.61 -6.92
CA LEU A 27 -1.55 -7.59 -5.86
C LEU A 27 -2.86 -7.02 -6.39
N TYR A 28 -3.99 -7.56 -5.92
CA TYR A 28 -5.30 -7.10 -6.34
C TYR A 28 -5.80 -5.98 -5.42
N LYS A 29 -6.31 -4.91 -6.03
CA LYS A 29 -6.83 -3.79 -5.28
C LYS A 29 -8.27 -3.48 -5.69
N GLN A 30 -9.08 -3.04 -4.72
CA GLN A 30 -10.47 -2.71 -4.99
C GLN A 30 -10.60 -1.30 -5.58
N ASP A 31 -11.23 -1.22 -6.75
CA ASP A 31 -11.41 0.05 -7.43
C ASP A 31 -12.22 1.01 -6.56
N SER A 32 -12.35 2.26 -7.02
CA SER A 32 -13.09 3.28 -6.28
C SER A 32 -14.13 3.94 -7.18
N THR A 33 -14.81 3.13 -7.99
CA THR A 33 -15.83 3.63 -8.89
C THR A 33 -16.93 2.59 -9.12
N GLY A 34 -18.17 3.04 -9.10
CA GLY A 34 -19.30 2.15 -9.30
C GLY A 34 -19.10 0.82 -8.61
N MET A 35 -18.87 -0.23 -9.39
CA MET A 35 -18.67 -1.56 -8.84
C MET A 35 -17.31 -1.68 -8.16
N LYS A 36 -17.25 -2.39 -7.05
CA LYS A 36 -16.02 -2.57 -6.30
C LYS A 36 -15.49 -4.00 -6.47
N LEU A 37 -14.74 -4.23 -7.54
CA LEU A 37 -14.18 -5.54 -7.81
C LEU A 37 -12.67 -5.55 -7.59
N TRP A 38 -12.04 -6.69 -7.83
CA TRP A 38 -10.60 -6.83 -7.66
C TRP A 38 -9.88 -6.68 -8.99
N LYS A 39 -9.04 -5.65 -9.11
CA LYS A 39 -8.29 -5.40 -10.33
C LYS A 39 -6.85 -5.89 -10.19
N LYS A 40 -6.27 -6.31 -11.30
CA LYS A 40 -4.89 -6.79 -11.31
C LYS A 40 -3.92 -5.67 -11.61
N ARG A 41 -3.03 -5.41 -10.65
CA ARG A 41 -2.04 -4.34 -10.80
C ARG A 41 -0.71 -4.75 -10.17
N TRP A 42 0.37 -4.14 -10.66
CA TRP A 42 1.70 -4.45 -10.15
C TRP A 42 2.01 -3.61 -8.91
N PHE A 43 2.15 -4.28 -7.77
CA PHE A 43 2.46 -3.59 -6.52
C PHE A 43 3.86 -3.93 -6.03
N VAL A 44 4.53 -2.95 -5.44
CA VAL A 44 5.87 -3.16 -4.92
C VAL A 44 6.02 -2.61 -3.51
N LEU A 45 6.66 -3.38 -2.64
CA LEU A 45 6.85 -2.97 -1.26
C LEU A 45 8.31 -2.60 -0.99
N SER A 46 8.61 -1.31 -1.02
CA SER A 46 9.96 -0.83 -0.79
C SER A 46 9.96 0.47 0.01
N ASP A 47 10.96 0.63 0.88
CA ASP A 47 11.07 1.82 1.70
C ASP A 47 9.81 2.01 2.55
N LEU A 48 9.34 0.91 3.14
CA LEU A 48 8.14 0.95 3.97
C LEU A 48 7.03 1.77 3.32
N CYS A 49 6.83 1.56 2.02
CA CYS A 49 5.80 2.28 1.28
C CYS A 49 5.29 1.44 0.11
N LEU A 50 4.12 1.81 -0.41
CA LEU A 50 3.52 1.10 -1.52
C LEU A 50 3.73 1.85 -2.83
N PHE A 51 4.12 1.12 -3.87
CA PHE A 51 4.35 1.72 -5.17
C PHE A 51 3.93 0.77 -6.30
N TYR A 52 3.06 1.25 -7.17
CA TYR A 52 2.57 0.45 -8.29
C TYR A 52 2.82 1.15 -9.62
N TYR A 53 2.71 0.39 -10.70
CA TYR A 53 2.93 0.94 -12.04
C TYR A 53 1.92 0.37 -13.03
N ARG A 54 2.00 0.82 -14.28
CA ARG A 54 1.11 0.36 -15.32
C ARG A 54 1.19 -1.16 -15.47
N ASP A 55 2.41 -1.68 -15.52
CA ASP A 55 2.62 -3.11 -15.67
C ASP A 55 3.94 -3.54 -15.02
N GLU A 56 4.24 -4.83 -15.10
CA GLU A 56 5.47 -5.35 -14.51
C GLU A 56 6.69 -4.61 -15.04
N LYS A 57 6.50 -3.89 -16.15
CA LYS A 57 7.58 -3.13 -16.76
C LYS A 57 8.18 -2.14 -15.76
N GLU A 58 7.37 -1.74 -14.78
CA GLU A 58 7.82 -0.80 -13.76
C GLU A 58 8.23 0.53 -14.39
N GLU A 59 7.46 0.97 -15.39
CA GLU A 59 7.75 2.22 -16.08
C GLU A 59 6.95 3.37 -15.46
N GLY A 60 7.60 4.14 -14.60
CA GLY A 60 6.95 5.27 -13.96
C GLY A 60 5.82 4.83 -13.04
N ILE A 61 5.77 5.40 -11.84
CA ILE A 61 4.73 5.07 -10.88
C ILE A 61 3.49 5.93 -11.08
N LEU A 62 2.36 5.27 -11.31
CA LEU A 62 1.09 5.96 -11.52
C LEU A 62 0.63 6.65 -10.24
N GLY A 63 0.89 6.02 -9.11
CA GLY A 63 0.50 6.58 -7.83
C GLY A 63 1.13 5.87 -6.65
N SER A 64 1.52 6.63 -5.64
CA SER A 64 2.15 6.06 -4.45
C SER A 64 1.17 6.04 -3.27
N ILE A 65 1.36 5.06 -2.39
CA ILE A 65 0.49 4.91 -1.23
C ILE A 65 1.32 4.78 0.05
N LEU A 66 1.08 5.68 0.99
CA LEU A 66 1.80 5.66 2.27
C LEU A 66 1.18 4.66 3.23
N LEU A 67 1.91 3.59 3.52
CA LEU A 67 1.43 2.55 4.43
C LEU A 67 1.35 3.09 5.85
N PRO A 68 2.39 3.82 6.28
CA PRO A 68 2.46 4.39 7.62
C PRO A 68 1.17 5.12 8.01
N SER A 69 0.43 5.56 7.01
CA SER A 69 -0.82 6.27 7.24
C SER A 69 -2.00 5.31 7.25
N PHE A 70 -1.85 4.18 6.57
CA PHE A 70 -2.90 3.18 6.49
C PHE A 70 -2.87 2.27 7.72
N GLN A 71 -3.98 1.56 7.95
CA GLN A 71 -4.09 0.67 9.09
C GLN A 71 -4.51 -0.73 8.65
N ILE A 72 -3.58 -1.68 8.73
CA ILE A 72 -3.85 -3.05 8.34
C ILE A 72 -4.59 -3.80 9.43
N ALA A 73 -5.81 -4.24 9.13
CA ALA A 73 -6.61 -4.97 10.09
C ALA A 73 -7.48 -6.02 9.39
N LEU A 74 -7.58 -7.20 9.99
CA LEU A 74 -8.38 -8.28 9.44
C LEU A 74 -9.83 -7.85 9.26
N LEU A 75 -10.41 -8.22 8.12
CA LEU A 75 -11.80 -7.86 7.82
C LEU A 75 -12.72 -8.24 8.99
N THR A 76 -13.86 -7.56 9.08
CA THR A 76 -14.81 -7.81 10.14
C THR A 76 -16.18 -8.19 9.59
N SER A 77 -16.96 -8.93 10.37
CA SER A 77 -18.29 -9.36 9.95
C SER A 77 -18.95 -8.28 9.09
N GLU A 78 -18.92 -7.04 9.58
CA GLU A 78 -19.53 -5.92 8.87
C GLU A 78 -19.24 -6.02 7.37
N ASP A 79 -17.96 -6.10 7.02
CA ASP A 79 -17.56 -6.19 5.62
C ASP A 79 -18.56 -7.01 4.82
N HIS A 80 -18.95 -6.48 3.67
CA HIS A 80 -19.90 -7.16 2.79
C HIS A 80 -19.18 -7.96 1.72
N ILE A 81 -18.03 -8.52 2.07
CA ILE A 81 -17.24 -9.32 1.13
C ILE A 81 -17.22 -10.79 1.55
N ASN A 82 -17.37 -11.67 0.57
CA ASN A 82 -17.36 -13.10 0.82
C ASN A 82 -16.09 -13.75 0.28
N ARG A 83 -14.95 -13.08 0.48
CA ARG A 83 -13.67 -13.58 0.00
C ARG A 83 -12.88 -14.20 1.14
N LYS A 84 -11.70 -14.71 0.82
CA LYS A 84 -10.83 -15.34 1.81
C LYS A 84 -9.43 -14.73 1.79
N TYR A 85 -8.72 -14.85 2.89
CA TYR A 85 -7.36 -14.31 2.99
C TYR A 85 -7.30 -12.89 2.46
N ALA A 86 -8.30 -12.09 2.81
CA ALA A 86 -8.37 -10.70 2.38
C ALA A 86 -8.36 -9.76 3.57
N PHE A 87 -7.73 -8.60 3.39
CA PHE A 87 -7.65 -7.61 4.46
C PHE A 87 -8.08 -6.23 3.95
N LYS A 88 -8.04 -5.24 4.83
CA LYS A 88 -8.44 -3.88 4.49
C LYS A 88 -7.57 -2.86 5.21
N ALA A 89 -7.32 -1.73 4.56
CA ALA A 89 -6.51 -0.67 5.14
C ALA A 89 -7.33 0.60 5.34
N ALA A 90 -7.28 1.13 6.56
CA ALA A 90 -8.01 2.35 6.88
C ALA A 90 -7.12 3.58 6.79
N HIS A 91 -7.67 4.68 6.29
CA HIS A 91 -6.92 5.92 6.15
C HIS A 91 -7.74 7.12 6.62
N PRO A 92 -7.09 8.06 7.30
CA PRO A 92 -7.74 9.26 7.83
C PRO A 92 -8.05 10.28 6.73
N ASN A 93 -7.05 10.57 5.89
CA ASN A 93 -7.23 11.51 4.80
C ASN A 93 -7.70 10.80 3.53
N MET A 94 -8.07 9.53 3.68
CA MET A 94 -8.55 8.75 2.54
C MET A 94 -9.58 7.72 2.98
N ARG A 95 -10.02 6.89 2.05
CA ARG A 95 -11.01 5.86 2.35
C ARG A 95 -10.34 4.54 2.71
N THR A 96 -11.15 3.51 2.94
CA THR A 96 -10.63 2.20 3.30
C THR A 96 -10.36 1.36 2.06
N TYR A 97 -9.14 0.83 1.95
CA TYR A 97 -8.76 0.01 0.82
C TYR A 97 -8.97 -1.47 1.12
N TYR A 98 -9.01 -2.28 0.07
CA TYR A 98 -9.21 -3.72 0.22
C TYR A 98 -8.22 -4.50 -0.64
N PHE A 99 -7.49 -5.42 -0.02
CA PHE A 99 -6.51 -6.23 -0.73
C PHE A 99 -6.72 -7.71 -0.42
N CYS A 100 -6.64 -8.55 -1.46
CA CYS A 100 -6.81 -9.98 -1.30
C CYS A 100 -5.76 -10.75 -2.10
N THR A 101 -5.59 -12.03 -1.77
CA THR A 101 -4.62 -12.87 -2.47
C THR A 101 -5.25 -14.17 -2.93
N ASP A 102 -4.48 -14.98 -3.64
CA ASP A 102 -4.97 -16.26 -4.14
C ASP A 102 -4.95 -17.32 -3.04
N THR A 103 -3.91 -17.29 -2.21
CA THR A 103 -3.77 -18.24 -1.12
C THR A 103 -3.35 -17.54 0.18
N GLY A 104 -3.53 -18.22 1.29
CA GLY A 104 -3.17 -17.65 2.58
C GLY A 104 -1.74 -17.18 2.63
N LYS A 105 -0.88 -17.84 1.85
CA LYS A 105 0.53 -17.47 1.81
C LYS A 105 0.73 -16.09 1.19
N GLU A 106 0.37 -15.96 -0.09
CA GLU A 106 0.49 -14.69 -0.79
C GLU A 106 0.03 -13.53 0.09
N MET A 107 -0.81 -13.84 1.06
CA MET A 107 -1.34 -12.82 1.98
C MET A 107 -0.38 -12.61 3.14
N GLU A 108 0.11 -13.69 3.73
CA GLU A 108 1.03 -13.62 4.85
C GLU A 108 2.26 -12.79 4.49
N LEU A 109 2.71 -12.91 3.24
CA LEU A 109 3.87 -12.18 2.76
C LEU A 109 3.57 -10.69 2.66
N TRP A 110 2.45 -10.37 2.02
CA TRP A 110 2.04 -8.97 1.85
C TRP A 110 1.83 -8.30 3.20
N MET A 111 1.05 -8.95 4.06
CA MET A 111 0.75 -8.40 5.38
C MET A 111 2.05 -8.19 6.17
N LYS A 112 2.76 -9.26 6.44
CA LYS A 112 4.01 -9.19 7.19
C LYS A 112 4.78 -7.92 6.83
N ALA A 113 4.81 -7.60 5.54
CA ALA A 113 5.52 -6.40 5.08
C ALA A 113 4.70 -5.15 5.35
N MET A 114 3.52 -5.06 4.74
CA MET A 114 2.65 -3.91 4.93
C MET A 114 2.63 -3.48 6.39
N LEU A 115 2.31 -4.40 7.28
CA LEU A 115 2.25 -4.12 8.70
C LEU A 115 3.55 -3.49 9.19
N ASP A 116 4.67 -3.96 8.66
CA ASP A 116 5.98 -3.44 9.02
C ASP A 116 6.09 -1.95 8.69
N ALA A 117 5.36 -1.52 7.66
CA ALA A 117 5.38 -0.14 7.24
C ALA A 117 4.30 0.66 7.97
N ALA A 118 3.09 0.12 8.03
CA ALA A 118 1.98 0.78 8.70
C ALA A 118 2.30 1.04 10.16
N LEU A 119 2.82 0.03 10.84
CA LEU A 119 3.17 0.15 12.25
C LEU A 119 3.99 1.42 12.51
N VAL A 120 4.72 1.86 11.48
CA VAL A 120 5.54 3.06 11.59
C VAL A 120 4.74 4.22 12.18
N GLN A 121 5.36 4.94 13.10
CA GLN A 121 4.71 6.08 13.73
C GLN A 121 5.33 7.40 13.28
N THR A 122 4.93 7.86 12.09
CA THR A 122 5.46 9.10 11.54
C THR A 122 4.33 10.07 11.22
N SER A 123 4.63 11.37 11.33
CA SER A 123 3.64 12.41 11.06
C SER A 123 3.42 12.58 9.56
N GLY A 124 2.16 12.76 9.17
CA GLY A 124 1.84 12.94 7.77
C GLY A 124 1.23 14.29 7.48
N PRO A 125 -0.02 14.48 7.88
CA PRO A 125 -0.74 15.75 7.66
C PRO A 125 -0.35 16.81 8.68
N SER A 126 0.83 16.68 9.26
CA SER A 126 1.32 17.63 10.25
C SER A 126 0.46 17.57 11.51
N SER A 127 0.06 16.36 11.89
CA SER A 127 -0.76 16.17 13.08
C SER A 127 0.08 16.27 14.34
N GLY A 128 -0.57 16.59 15.46
CA GLY A 128 0.14 16.72 16.72
C GLY A 128 -0.70 17.37 17.80
N GLY A 1 30.71 24.97 -16.60
CA GLY A 1 29.48 24.19 -16.67
C GLY A 1 28.67 24.26 -15.39
N SER A 2 27.36 24.15 -15.51
CA SER A 2 26.48 24.22 -14.36
C SER A 2 25.85 22.86 -14.08
N SER A 3 25.44 22.64 -12.83
CA SER A 3 24.82 21.38 -12.44
C SER A 3 23.30 21.46 -12.54
N GLY A 4 22.65 20.31 -12.43
CA GLY A 4 21.20 20.27 -12.51
C GLY A 4 20.53 20.65 -11.20
N SER A 5 19.44 21.41 -11.28
CA SER A 5 18.71 21.84 -10.10
C SER A 5 18.72 20.75 -9.03
N SER A 6 18.87 21.16 -7.77
CA SER A 6 18.89 20.21 -6.67
C SER A 6 18.01 20.70 -5.53
N GLY A 7 17.05 19.86 -5.13
CA GLY A 7 16.14 20.23 -4.05
C GLY A 7 15.90 19.08 -3.10
N LYS A 8 15.91 19.39 -1.80
CA LYS A 8 15.67 18.37 -0.78
C LYS A 8 14.19 18.21 -0.49
N ARG A 9 13.56 19.30 -0.03
CA ARG A 9 12.14 19.28 0.29
C ARG A 9 11.30 19.27 -0.99
N SER A 10 11.05 18.08 -1.51
CA SER A 10 10.26 17.93 -2.73
C SER A 10 8.82 17.54 -2.40
N ASN A 11 7.87 18.33 -2.91
CA ASN A 11 6.46 18.08 -2.67
C ASN A 11 6.09 16.65 -3.07
N SER A 12 6.46 16.26 -4.28
CA SER A 12 6.16 14.93 -4.79
C SER A 12 7.16 13.91 -4.24
N ILE A 13 6.81 12.63 -4.36
CA ILE A 13 7.66 11.56 -3.87
C ILE A 13 8.22 10.73 -5.02
N LYS A 14 9.50 10.39 -4.93
CA LYS A 14 10.15 9.59 -5.97
C LYS A 14 10.67 8.27 -5.40
N ARG A 15 10.50 7.20 -6.16
CA ARG A 15 10.95 5.88 -5.73
C ARG A 15 12.46 5.85 -5.57
N ASN A 16 12.94 5.06 -4.60
CA ASN A 16 14.37 4.95 -4.34
C ASN A 16 14.88 3.56 -4.72
N PRO A 17 15.38 3.43 -5.95
CA PRO A 17 15.91 2.16 -6.45
C PRO A 17 16.80 1.45 -5.44
N ASN A 18 17.75 2.20 -4.88
CA ASN A 18 18.67 1.66 -3.89
C ASN A 18 17.91 0.94 -2.78
N ALA A 19 16.92 1.62 -2.23
CA ALA A 19 16.11 1.03 -1.16
C ALA A 19 15.75 -0.42 -1.46
N PRO A 20 16.45 -1.35 -0.80
CA PRO A 20 16.21 -2.79 -0.98
C PRO A 20 14.73 -3.14 -0.96
N VAL A 21 14.22 -3.63 -2.08
CA VAL A 21 12.81 -4.01 -2.18
C VAL A 21 12.53 -5.29 -1.39
N VAL A 22 11.48 -5.25 -0.58
CA VAL A 22 11.10 -6.40 0.22
C VAL A 22 10.53 -7.52 -0.65
N ARG A 23 9.50 -7.19 -1.42
CA ARG A 23 8.85 -8.17 -2.29
C ARG A 23 7.93 -7.48 -3.29
N ARG A 24 8.05 -7.86 -4.56
CA ARG A 24 7.23 -7.28 -5.60
C ARG A 24 6.45 -8.37 -6.36
N GLY A 25 5.14 -8.21 -6.40
CA GLY A 25 4.30 -9.18 -7.08
C GLY A 25 2.94 -8.61 -7.47
N TRP A 26 2.26 -9.29 -8.39
CA TRP A 26 0.95 -8.84 -8.85
C TRP A 26 -0.09 -8.98 -7.76
N LEU A 27 -0.41 -7.86 -7.10
CA LEU A 27 -1.39 -7.87 -6.03
C LEU A 27 -2.73 -7.29 -6.50
N TYR A 28 -3.81 -7.75 -5.90
CA TYR A 28 -5.15 -7.28 -6.27
C TYR A 28 -5.62 -6.20 -5.31
N LYS A 29 -6.44 -5.28 -5.83
CA LYS A 29 -6.96 -4.18 -5.02
C LYS A 29 -8.33 -3.75 -5.52
N GLN A 30 -9.07 -3.04 -4.68
CA GLN A 30 -10.40 -2.56 -5.05
C GLN A 30 -10.32 -1.20 -5.74
N ASP A 31 -11.42 -0.79 -6.35
CA ASP A 31 -11.49 0.50 -7.04
C ASP A 31 -12.35 1.49 -6.27
N SER A 32 -11.82 2.71 -6.11
CA SER A 32 -12.54 3.75 -5.39
C SER A 32 -13.93 3.96 -5.97
N THR A 33 -13.97 4.38 -7.24
CA THR A 33 -15.24 4.62 -7.92
C THR A 33 -15.65 3.42 -8.75
N GLY A 34 -16.87 3.46 -9.28
CA GLY A 34 -17.36 2.36 -10.09
C GLY A 34 -17.36 1.05 -9.35
N MET A 35 -17.94 0.02 -9.97
CA MET A 35 -18.00 -1.31 -9.35
C MET A 35 -16.75 -1.57 -8.51
N LYS A 36 -16.97 -2.09 -7.30
CA LYS A 36 -15.86 -2.39 -6.40
C LYS A 36 -15.35 -3.81 -6.62
N LEU A 37 -14.58 -3.98 -7.70
CA LEU A 37 -14.01 -5.29 -8.04
C LEU A 37 -12.51 -5.31 -7.81
N TRP A 38 -11.93 -6.50 -7.78
CA TRP A 38 -10.49 -6.65 -7.58
C TRP A 38 -9.74 -6.52 -8.91
N LYS A 39 -9.05 -5.41 -9.09
CA LYS A 39 -8.30 -5.16 -10.31
C LYS A 39 -6.83 -5.54 -10.12
N LYS A 40 -6.28 -6.25 -11.10
CA LYS A 40 -4.88 -6.68 -11.04
C LYS A 40 -3.95 -5.53 -11.38
N ARG A 41 -2.87 -5.40 -10.62
CA ARG A 41 -1.90 -4.34 -10.84
C ARG A 41 -0.55 -4.70 -10.22
N TRP A 42 0.53 -4.16 -10.80
CA TRP A 42 1.87 -4.42 -10.30
C TRP A 42 2.16 -3.60 -9.05
N PHE A 43 2.41 -4.30 -7.94
CA PHE A 43 2.70 -3.63 -6.67
C PHE A 43 4.13 -3.90 -6.23
N VAL A 44 4.66 -3.02 -5.39
CA VAL A 44 6.02 -3.16 -4.89
C VAL A 44 6.16 -2.60 -3.48
N LEU A 45 6.75 -3.38 -2.59
CA LEU A 45 6.95 -2.96 -1.21
C LEU A 45 8.39 -2.55 -0.96
N SER A 46 8.64 -1.26 -0.90
CA SER A 46 9.99 -0.75 -0.66
C SER A 46 9.94 0.59 0.09
N ASP A 47 10.95 0.82 0.91
CA ASP A 47 11.03 2.06 1.69
C ASP A 47 9.80 2.21 2.58
N LEU A 48 9.26 1.10 3.04
CA LEU A 48 8.08 1.11 3.90
C LEU A 48 6.93 1.87 3.23
N CYS A 49 6.86 1.78 1.91
CA CYS A 49 5.81 2.45 1.16
C CYS A 49 5.33 1.60 0.00
N LEU A 50 4.07 1.79 -0.40
CA LEU A 50 3.50 1.03 -1.50
C LEU A 50 3.62 1.78 -2.82
N PHE A 51 4.13 1.10 -3.84
CA PHE A 51 4.31 1.70 -5.16
C PHE A 51 3.74 0.81 -6.25
N TYR A 52 2.84 1.34 -7.05
CA TYR A 52 2.23 0.59 -8.14
C TYR A 52 2.39 1.31 -9.47
N TYR A 53 2.43 0.55 -10.55
CA TYR A 53 2.58 1.12 -11.88
C TYR A 53 1.58 0.50 -12.86
N ARG A 54 1.70 0.88 -14.13
CA ARG A 54 0.79 0.36 -15.16
C ARG A 54 0.97 -1.14 -15.34
N ASP A 55 2.23 -1.58 -15.40
CA ASP A 55 2.54 -2.99 -15.57
C ASP A 55 3.86 -3.35 -14.88
N GLU A 56 4.26 -4.61 -15.00
CA GLU A 56 5.50 -5.07 -14.39
C GLU A 56 6.70 -4.30 -14.92
N LYS A 57 6.48 -3.55 -16.00
CA LYS A 57 7.55 -2.75 -16.60
C LYS A 57 7.91 -1.57 -15.70
N GLU A 58 7.04 -1.25 -14.75
CA GLU A 58 7.28 -0.14 -13.84
C GLU A 58 8.00 1.00 -14.55
N GLU A 59 7.47 1.41 -15.69
CA GLU A 59 8.07 2.49 -16.47
C GLU A 59 7.50 3.84 -16.05
N GLY A 60 7.03 3.92 -14.80
CA GLY A 60 6.46 5.15 -14.30
C GLY A 60 5.32 4.91 -13.32
N ILE A 61 5.53 5.33 -12.08
CA ILE A 61 4.51 5.16 -11.04
C ILE A 61 3.29 6.03 -11.31
N LEU A 62 2.11 5.47 -11.09
CA LEU A 62 0.86 6.20 -11.31
C LEU A 62 0.36 6.84 -10.02
N GLY A 63 0.79 6.28 -8.88
CA GLY A 63 0.38 6.81 -7.60
C GLY A 63 0.98 6.05 -6.44
N SER A 64 1.55 6.78 -5.48
CA SER A 64 2.17 6.16 -4.31
C SER A 64 1.19 6.12 -3.14
N ILE A 65 1.32 5.08 -2.32
CA ILE A 65 0.45 4.92 -1.15
C ILE A 65 1.27 4.81 0.13
N LEU A 66 0.98 5.68 1.09
CA LEU A 66 1.69 5.68 2.36
C LEU A 66 1.08 4.65 3.32
N LEU A 67 1.81 3.58 3.56
CA LEU A 67 1.36 2.52 4.46
C LEU A 67 1.27 3.02 5.90
N PRO A 68 2.30 3.77 6.33
CA PRO A 68 2.36 4.33 7.68
C PRO A 68 1.07 5.02 8.08
N SER A 69 0.33 5.50 7.08
CA SER A 69 -0.94 6.19 7.33
C SER A 69 -2.11 5.22 7.31
N PHE A 70 -1.93 4.10 6.60
CA PHE A 70 -2.97 3.09 6.50
C PHE A 70 -2.98 2.18 7.73
N GLN A 71 -4.07 1.45 7.91
CA GLN A 71 -4.20 0.55 9.05
C GLN A 71 -4.59 -0.86 8.60
N ILE A 72 -3.64 -1.78 8.69
CA ILE A 72 -3.88 -3.16 8.29
C ILE A 72 -4.61 -3.93 9.38
N ALA A 73 -5.88 -4.23 9.12
CA ALA A 73 -6.70 -4.97 10.08
C ALA A 73 -7.63 -5.94 9.36
N LEU A 74 -7.73 -7.16 9.89
CA LEU A 74 -8.58 -8.19 9.31
C LEU A 74 -9.99 -7.65 9.05
N LEU A 75 -10.65 -8.20 8.04
CA LEU A 75 -12.00 -7.77 7.69
C LEU A 75 -12.98 -8.08 8.81
N THR A 76 -14.22 -7.65 8.64
CA THR A 76 -15.26 -7.88 9.64
C THR A 76 -16.64 -7.87 9.02
N SER A 77 -17.65 -8.27 9.79
CA SER A 77 -19.02 -8.31 9.30
C SER A 77 -19.35 -7.05 8.50
N GLU A 78 -19.09 -5.89 9.10
CA GLU A 78 -19.36 -4.63 8.44
C GLU A 78 -19.03 -4.71 6.94
N ASP A 79 -17.84 -5.20 6.63
CA ASP A 79 -17.41 -5.34 5.25
C ASP A 79 -18.23 -6.39 4.51
N HIS A 80 -19.09 -5.95 3.61
CA HIS A 80 -19.94 -6.86 2.85
C HIS A 80 -19.17 -7.46 1.67
N ILE A 81 -17.94 -7.92 1.95
CA ILE A 81 -17.10 -8.51 0.92
C ILE A 81 -17.18 -10.04 0.96
N ASN A 82 -16.88 -10.60 2.13
CA ASN A 82 -16.91 -12.05 2.30
C ASN A 82 -15.77 -12.71 1.55
N ARG A 83 -14.68 -11.97 1.34
CA ARG A 83 -13.53 -12.48 0.62
C ARG A 83 -12.55 -13.15 1.59
N LYS A 84 -12.08 -14.33 1.22
CA LYS A 84 -11.14 -15.08 2.06
C LYS A 84 -9.73 -14.50 1.95
N TYR A 85 -8.89 -14.83 2.91
CA TYR A 85 -7.52 -14.32 2.93
C TYR A 85 -7.44 -12.92 2.36
N ALA A 86 -8.26 -12.01 2.91
CA ALA A 86 -8.29 -10.64 2.47
C ALA A 86 -8.25 -9.67 3.64
N PHE A 87 -7.67 -8.50 3.43
CA PHE A 87 -7.57 -7.49 4.48
C PHE A 87 -8.00 -6.12 3.97
N LYS A 88 -8.15 -5.17 4.89
CA LYS A 88 -8.56 -3.81 4.53
C LYS A 88 -7.66 -2.78 5.20
N ALA A 89 -7.29 -1.75 4.46
CA ALA A 89 -6.44 -0.69 4.99
C ALA A 89 -7.23 0.59 5.22
N ALA A 90 -7.24 1.06 6.47
CA ALA A 90 -7.97 2.28 6.81
C ALA A 90 -7.05 3.49 6.79
N HIS A 91 -7.50 4.56 6.13
CA HIS A 91 -6.71 5.78 6.04
C HIS A 91 -7.49 6.97 6.58
N PRO A 92 -6.78 7.87 7.29
CA PRO A 92 -7.39 9.06 7.89
C PRO A 92 -7.69 10.13 6.85
N ASN A 93 -6.70 10.45 6.02
CA ASN A 93 -6.87 11.46 4.99
C ASN A 93 -7.38 10.83 3.69
N MET A 94 -7.77 9.56 3.77
CA MET A 94 -8.27 8.84 2.60
C MET A 94 -9.34 7.84 3.01
N ARG A 95 -9.84 7.09 2.03
CA ARG A 95 -10.86 6.08 2.28
C ARG A 95 -10.24 4.76 2.69
N THR A 96 -11.08 3.75 2.91
CA THR A 96 -10.61 2.43 3.30
C THR A 96 -10.36 1.55 2.09
N TYR A 97 -9.11 1.08 1.95
CA TYR A 97 -8.73 0.23 0.83
C TYR A 97 -8.99 -1.23 1.15
N TYR A 98 -8.84 -2.09 0.14
CA TYR A 98 -9.04 -3.52 0.31
C TYR A 98 -8.09 -4.32 -0.55
N PHE A 99 -7.57 -5.42 0.00
CA PHE A 99 -6.64 -6.27 -0.73
C PHE A 99 -6.94 -7.74 -0.49
N CYS A 100 -6.46 -8.60 -1.38
CA CYS A 100 -6.68 -10.03 -1.27
C CYS A 100 -5.70 -10.81 -2.14
N THR A 101 -5.55 -12.09 -1.84
CA THR A 101 -4.64 -12.94 -2.59
C THR A 101 -5.29 -14.28 -2.95
N ASP A 102 -4.53 -15.14 -3.60
CA ASP A 102 -5.04 -16.45 -4.00
C ASP A 102 -5.08 -17.41 -2.81
N THR A 103 -4.01 -17.39 -2.01
CA THR A 103 -3.93 -18.25 -0.84
C THR A 103 -3.44 -17.47 0.38
N GLY A 104 -3.41 -18.14 1.53
CA GLY A 104 -2.97 -17.49 2.75
C GLY A 104 -1.54 -17.02 2.67
N LYS A 105 -0.67 -17.84 2.07
CA LYS A 105 0.74 -17.49 1.93
C LYS A 105 0.89 -16.15 1.23
N GLU A 106 0.47 -16.08 -0.03
CA GLU A 106 0.57 -14.85 -0.81
C GLU A 106 0.06 -13.66 0.00
N MET A 107 -0.74 -13.94 1.02
CA MET A 107 -1.31 -12.90 1.86
C MET A 107 -0.36 -12.55 3.00
N GLU A 108 0.13 -13.58 3.69
CA GLU A 108 1.06 -13.39 4.80
C GLU A 108 2.27 -12.58 4.37
N LEU A 109 2.76 -12.85 3.16
CA LEU A 109 3.92 -12.14 2.63
C LEU A 109 3.65 -10.64 2.53
N TRP A 110 2.50 -10.29 1.97
CA TRP A 110 2.12 -8.89 1.81
C TRP A 110 1.88 -8.24 3.18
N MET A 111 1.11 -8.93 4.02
CA MET A 111 0.79 -8.42 5.35
C MET A 111 2.07 -8.20 6.16
N LYS A 112 2.80 -9.28 6.42
CA LYS A 112 4.04 -9.20 7.18
C LYS A 112 4.79 -7.91 6.87
N ALA A 113 4.86 -7.57 5.59
CA ALA A 113 5.54 -6.35 5.17
C ALA A 113 4.68 -5.12 5.41
N MET A 114 3.55 -5.04 4.74
CA MET A 114 2.63 -3.92 4.89
C MET A 114 2.59 -3.44 6.34
N LEU A 115 2.32 -4.37 7.26
CA LEU A 115 2.25 -4.04 8.68
C LEU A 115 3.52 -3.35 9.14
N ASP A 116 4.67 -3.95 8.83
CA ASP A 116 5.95 -3.38 9.21
C ASP A 116 6.04 -1.91 8.82
N ALA A 117 5.36 -1.54 7.74
CA ALA A 117 5.35 -0.17 7.27
C ALA A 117 4.27 0.65 7.97
N ALA A 118 3.07 0.08 8.07
CA ALA A 118 1.95 0.75 8.71
C ALA A 118 2.27 1.08 10.17
N LEU A 119 2.67 0.06 10.92
CA LEU A 119 3.01 0.24 12.33
C LEU A 119 3.77 1.54 12.54
N VAL A 120 4.47 1.99 11.50
CA VAL A 120 5.24 3.23 11.58
C VAL A 120 4.41 4.36 12.16
N GLN A 121 5.03 5.15 13.04
CA GLN A 121 4.34 6.27 13.67
C GLN A 121 4.85 7.60 13.13
N THR A 122 4.11 8.17 12.17
CA THR A 122 4.49 9.44 11.57
C THR A 122 3.28 10.13 10.97
N SER A 123 3.43 11.42 10.66
CA SER A 123 2.35 12.21 10.09
C SER A 123 1.01 11.85 10.73
N GLY A 124 1.04 11.61 12.04
CA GLY A 124 -0.17 11.27 12.76
C GLY A 124 -0.25 11.91 14.13
N PRO A 125 -1.46 12.26 14.55
CA PRO A 125 -1.70 12.89 15.86
C PRO A 125 -0.94 12.18 16.98
N SER A 126 -1.14 10.88 17.09
CA SER A 126 -0.47 10.08 18.13
C SER A 126 -0.97 10.49 19.51
N SER A 127 -2.26 10.79 19.61
CA SER A 127 -2.86 11.20 20.88
C SER A 127 -2.53 10.19 21.97
N GLY A 128 -1.50 10.50 22.77
CA GLY A 128 -1.11 9.60 23.84
C GLY A 128 -0.07 10.22 24.76
N GLY A 1 27.99 9.16 10.85
CA GLY A 1 27.64 10.56 10.61
C GLY A 1 27.20 10.79 9.17
N SER A 2 26.58 11.94 8.93
CA SER A 2 26.10 12.29 7.60
C SER A 2 26.55 13.69 7.20
N SER A 3 27.32 13.78 6.13
CA SER A 3 27.83 15.05 5.65
C SER A 3 26.73 16.10 5.64
N GLY A 4 25.63 15.80 4.95
CA GLY A 4 24.51 16.73 4.88
C GLY A 4 23.95 16.84 3.48
N SER A 5 22.64 17.03 3.37
CA SER A 5 21.98 17.15 2.08
C SER A 5 20.91 18.24 2.12
N SER A 6 20.83 19.02 1.05
CA SER A 6 19.86 20.11 0.95
C SER A 6 19.15 20.09 -0.40
N GLY A 7 18.00 20.74 -0.47
CA GLY A 7 17.25 20.79 -1.71
C GLY A 7 16.01 21.67 -1.60
N LYS A 8 14.98 21.34 -2.37
CA LYS A 8 13.75 22.11 -2.36
C LYS A 8 12.58 21.24 -1.91
N ARG A 9 11.45 21.89 -1.61
CA ARG A 9 10.25 21.18 -1.17
C ARG A 9 9.45 20.67 -2.35
N SER A 10 9.32 19.36 -2.46
CA SER A 10 8.57 18.75 -3.55
C SER A 10 7.22 18.23 -3.08
N ASN A 11 6.32 17.98 -4.02
CA ASN A 11 4.99 17.49 -3.69
C ASN A 11 4.91 15.98 -3.87
N SER A 12 5.11 15.52 -5.10
CA SER A 12 5.06 14.08 -5.41
C SER A 12 6.10 13.32 -4.59
N ILE A 13 6.10 12.00 -4.74
CA ILE A 13 7.05 11.15 -4.02
C ILE A 13 7.95 10.40 -4.99
N LYS A 14 9.19 10.17 -4.56
CA LYS A 14 10.16 9.46 -5.38
C LYS A 14 10.67 8.21 -4.68
N ARG A 15 10.63 7.08 -5.38
CA ARG A 15 11.08 5.82 -4.82
C ARG A 15 12.55 5.57 -5.16
N ASN A 16 13.41 5.67 -4.15
CA ASN A 16 14.85 5.45 -4.35
C ASN A 16 15.11 4.06 -4.89
N PRO A 17 15.55 3.99 -6.16
CA PRO A 17 15.85 2.71 -6.83
C PRO A 17 16.72 1.80 -5.97
N ASN A 18 17.87 2.31 -5.55
CA ASN A 18 18.80 1.55 -4.71
C ASN A 18 18.05 0.87 -3.56
N ALA A 19 17.11 1.58 -2.97
CA ALA A 19 16.33 1.04 -1.86
C ALA A 19 16.09 -0.45 -2.03
N PRO A 20 16.13 -1.19 -0.91
CA PRO A 20 15.92 -2.64 -0.91
C PRO A 20 14.45 -3.01 -1.00
N VAL A 21 14.09 -3.74 -2.04
CA VAL A 21 12.70 -4.16 -2.24
C VAL A 21 12.36 -5.35 -1.35
N VAL A 22 11.39 -5.16 -0.47
CA VAL A 22 10.96 -6.22 0.44
C VAL A 22 10.23 -7.32 -0.30
N ARG A 23 9.23 -6.93 -1.10
CA ARG A 23 8.45 -7.89 -1.87
C ARG A 23 7.71 -7.20 -3.00
N ARG A 24 7.82 -7.75 -4.21
CA ARG A 24 7.16 -7.18 -5.37
C ARG A 24 6.39 -8.25 -6.13
N GLY A 25 5.07 -8.09 -6.20
CA GLY A 25 4.24 -9.05 -6.90
C GLY A 25 2.91 -8.46 -7.32
N TRP A 26 2.33 -9.03 -8.37
CA TRP A 26 1.04 -8.56 -8.88
C TRP A 26 -0.06 -8.73 -7.83
N LEU A 27 -0.36 -7.66 -7.11
CA LEU A 27 -1.39 -7.70 -6.07
C LEU A 27 -2.73 -7.24 -6.63
N TYR A 28 -3.80 -7.56 -5.92
CA TYR A 28 -5.15 -7.18 -6.34
C TYR A 28 -5.72 -6.13 -5.40
N LYS A 29 -6.08 -4.98 -5.96
CA LYS A 29 -6.65 -3.88 -5.19
C LYS A 29 -8.13 -3.72 -5.50
N GLN A 30 -8.89 -3.22 -4.52
CA GLN A 30 -10.32 -3.01 -4.68
C GLN A 30 -10.65 -1.52 -4.78
N ASP A 31 -11.82 -1.22 -5.32
CA ASP A 31 -12.25 0.16 -5.48
C ASP A 31 -13.69 0.34 -5.00
N SER A 32 -13.84 0.64 -3.72
CA SER A 32 -15.16 0.84 -3.13
C SER A 32 -16.12 1.49 -4.13
N THR A 33 -15.66 2.57 -4.74
CA THR A 33 -16.48 3.29 -5.72
C THR A 33 -17.29 2.32 -6.57
N GLY A 34 -18.61 2.46 -6.50
CA GLY A 34 -19.49 1.59 -7.26
C GLY A 34 -19.49 0.17 -6.74
N MET A 35 -19.06 -0.77 -7.59
CA MET A 35 -19.00 -2.18 -7.21
C MET A 35 -17.63 -2.54 -6.64
N LYS A 36 -17.63 -3.20 -5.49
CA LYS A 36 -16.39 -3.59 -4.84
C LYS A 36 -15.75 -4.77 -5.58
N LEU A 37 -15.02 -4.45 -6.65
CA LEU A 37 -14.34 -5.47 -7.44
C LEU A 37 -12.82 -5.36 -7.28
N TRP A 38 -12.11 -6.36 -7.79
CA TRP A 38 -10.66 -6.39 -7.70
C TRP A 38 -10.03 -6.05 -9.04
N LYS A 39 -8.74 -5.71 -9.02
CA LYS A 39 -8.02 -5.37 -10.24
C LYS A 39 -6.56 -5.80 -10.15
N LYS A 40 -6.04 -6.30 -11.27
CA LYS A 40 -4.65 -6.75 -11.32
C LYS A 40 -3.70 -5.59 -11.58
N ARG A 41 -2.66 -5.47 -10.76
CA ARG A 41 -1.68 -4.40 -10.89
C ARG A 41 -0.34 -4.82 -10.29
N TRP A 42 0.73 -4.22 -10.81
CA TRP A 42 2.07 -4.52 -10.32
C TRP A 42 2.40 -3.69 -9.09
N PHE A 43 2.45 -4.34 -7.93
CA PHE A 43 2.76 -3.66 -6.68
C PHE A 43 4.21 -3.92 -6.27
N VAL A 44 4.70 -3.10 -5.34
CA VAL A 44 6.06 -3.24 -4.85
C VAL A 44 6.22 -2.63 -3.46
N LEU A 45 6.79 -3.41 -2.54
CA LEU A 45 7.00 -2.95 -1.17
C LEU A 45 8.43 -2.49 -0.96
N SER A 46 8.64 -1.18 -1.03
CA SER A 46 9.97 -0.61 -0.85
C SER A 46 9.91 0.64 0.03
N ASP A 47 11.03 0.96 0.66
CA ASP A 47 11.11 2.14 1.52
C ASP A 47 9.84 2.28 2.36
N LEU A 48 9.43 1.19 2.99
CA LEU A 48 8.24 1.19 3.83
C LEU A 48 7.12 2.00 3.17
N CYS A 49 6.87 1.72 1.90
CA CYS A 49 5.83 2.43 1.16
C CYS A 49 5.27 1.54 0.04
N LEU A 50 4.17 1.99 -0.56
CA LEU A 50 3.54 1.24 -1.64
C LEU A 50 3.71 1.96 -2.97
N PHE A 51 4.15 1.22 -3.98
CA PHE A 51 4.35 1.79 -5.31
C PHE A 51 3.86 0.84 -6.39
N TYR A 52 3.04 1.37 -7.30
CA TYR A 52 2.49 0.57 -8.39
C TYR A 52 2.78 1.20 -9.75
N TYR A 53 2.66 0.41 -10.80
CA TYR A 53 2.90 0.91 -12.16
C TYR A 53 2.01 0.19 -13.17
N ARG A 54 1.72 0.87 -14.26
CA ARG A 54 0.87 0.31 -15.31
C ARG A 54 1.18 -1.18 -15.52
N ASP A 55 2.47 -1.49 -15.61
CA ASP A 55 2.91 -2.87 -15.81
C ASP A 55 4.19 -3.16 -15.04
N GLU A 56 4.69 -4.37 -15.17
CA GLU A 56 5.91 -4.77 -14.49
C GLU A 56 7.11 -3.97 -14.99
N LYS A 57 6.93 -3.29 -16.13
CA LYS A 57 7.99 -2.49 -16.72
C LYS A 57 8.39 -1.35 -15.79
N GLU A 58 7.44 -0.87 -15.01
CA GLU A 58 7.69 0.22 -14.08
C GLU A 58 8.22 1.45 -14.81
N GLU A 59 7.59 1.78 -15.94
CA GLU A 59 8.00 2.93 -16.73
C GLU A 59 7.83 4.22 -15.94
N GLY A 60 6.68 4.36 -15.29
CA GLY A 60 6.41 5.55 -14.51
C GLY A 60 5.33 5.33 -13.46
N ILE A 61 5.69 5.48 -12.19
CA ILE A 61 4.76 5.30 -11.09
C ILE A 61 3.51 6.14 -11.29
N LEU A 62 2.35 5.50 -11.26
CA LEU A 62 1.08 6.20 -11.44
C LEU A 62 0.62 6.84 -10.13
N GLY A 63 1.11 6.31 -9.01
CA GLY A 63 0.74 6.85 -7.72
C GLY A 63 1.33 6.04 -6.57
N SER A 64 1.73 6.74 -5.51
CA SER A 64 2.32 6.08 -4.35
C SER A 64 1.34 6.05 -3.18
N ILE A 65 1.45 5.04 -2.33
CA ILE A 65 0.58 4.89 -1.18
C ILE A 65 1.39 4.74 0.11
N LEU A 66 1.14 5.63 1.06
CA LEU A 66 1.84 5.60 2.34
C LEU A 66 1.20 4.57 3.28
N LEU A 67 1.91 3.48 3.53
CA LEU A 67 1.42 2.43 4.41
C LEU A 67 1.39 2.90 5.86
N PRO A 68 2.46 3.61 6.28
CA PRO A 68 2.57 4.14 7.64
C PRO A 68 1.30 4.86 8.09
N SER A 69 0.55 5.37 7.13
CA SER A 69 -0.69 6.10 7.43
C SER A 69 -1.88 5.15 7.41
N PHE A 70 -1.74 4.03 6.69
CA PHE A 70 -2.81 3.05 6.59
C PHE A 70 -2.80 2.11 7.79
N GLN A 71 -3.95 1.52 8.07
CA GLN A 71 -4.09 0.60 9.20
C GLN A 71 -4.51 -0.79 8.73
N ILE A 72 -3.57 -1.73 8.74
CA ILE A 72 -3.84 -3.09 8.32
C ILE A 72 -4.53 -3.88 9.43
N ALA A 73 -5.76 -4.31 9.16
CA ALA A 73 -6.53 -5.08 10.13
C ALA A 73 -7.44 -6.09 9.44
N LEU A 74 -7.56 -7.27 10.02
CA LEU A 74 -8.40 -8.32 9.46
C LEU A 74 -9.84 -7.85 9.32
N LEU A 75 -10.43 -8.12 8.16
CA LEU A 75 -11.81 -7.72 7.89
C LEU A 75 -12.71 -8.06 9.07
N THR A 76 -13.91 -7.49 9.08
CA THR A 76 -14.87 -7.73 10.15
C THR A 76 -16.20 -8.22 9.60
N SER A 77 -17.00 -8.86 10.45
CA SER A 77 -18.30 -9.37 10.05
C SER A 77 -18.95 -8.45 9.01
N GLU A 78 -18.94 -7.16 9.29
CA GLU A 78 -19.53 -6.17 8.39
C GLU A 78 -19.11 -6.43 6.95
N ASP A 79 -17.80 -6.55 6.75
CA ASP A 79 -17.25 -6.79 5.41
C ASP A 79 -17.56 -8.21 4.95
N HIS A 80 -18.73 -8.40 4.38
CA HIS A 80 -19.15 -9.72 3.89
C HIS A 80 -18.60 -9.99 2.50
N ILE A 81 -17.32 -10.36 2.43
CA ILE A 81 -16.67 -10.65 1.16
C ILE A 81 -16.51 -12.14 0.94
N ASN A 82 -16.52 -12.57 -0.33
CA ASN A 82 -16.38 -13.97 -0.65
C ASN A 82 -14.90 -14.39 -0.62
N ARG A 83 -14.04 -13.57 -1.19
CA ARG A 83 -12.61 -13.85 -1.21
C ARG A 83 -12.08 -14.15 0.20
N LYS A 84 -11.18 -15.11 0.29
CA LYS A 84 -10.60 -15.49 1.57
C LYS A 84 -9.20 -14.90 1.74
N TYR A 85 -8.73 -14.86 2.98
CA TYR A 85 -7.40 -14.32 3.26
C TYR A 85 -7.27 -12.89 2.76
N ALA A 86 -8.34 -12.11 2.94
CA ALA A 86 -8.35 -10.72 2.51
C ALA A 86 -8.36 -9.78 3.71
N PHE A 87 -7.74 -8.61 3.56
CA PHE A 87 -7.68 -7.62 4.62
C PHE A 87 -8.12 -6.25 4.11
N LYS A 88 -8.05 -5.25 5.00
CA LYS A 88 -8.44 -3.90 4.64
C LYS A 88 -7.54 -2.88 5.33
N ALA A 89 -7.30 -1.75 4.65
CA ALA A 89 -6.46 -0.70 5.20
C ALA A 89 -7.24 0.61 5.36
N ALA A 90 -7.33 1.09 6.59
CA ALA A 90 -8.06 2.33 6.87
C ALA A 90 -7.11 3.53 6.83
N HIS A 91 -7.64 4.66 6.37
CA HIS A 91 -6.84 5.88 6.29
C HIS A 91 -7.66 7.10 6.71
N PRO A 92 -7.02 8.02 7.44
CA PRO A 92 -7.68 9.24 7.93
C PRO A 92 -7.90 10.26 6.82
N ASN A 93 -6.85 10.52 6.04
CA ASN A 93 -6.94 11.48 4.95
C ASN A 93 -7.36 10.78 3.65
N MET A 94 -7.78 9.53 3.77
CA MET A 94 -8.22 8.75 2.62
C MET A 94 -9.32 7.77 2.99
N ARG A 95 -9.72 6.94 2.04
CA ARG A 95 -10.76 5.95 2.28
C ARG A 95 -10.16 4.61 2.68
N THR A 96 -11.03 3.64 2.96
CA THR A 96 -10.58 2.30 3.36
C THR A 96 -10.32 1.42 2.15
N TYR A 97 -9.08 0.94 2.03
CA TYR A 97 -8.71 0.08 0.91
C TYR A 97 -8.91 -1.38 1.25
N TYR A 98 -9.08 -2.22 0.23
CA TYR A 98 -9.29 -3.65 0.42
C TYR A 98 -8.40 -4.45 -0.52
N PHE A 99 -7.54 -5.30 0.06
CA PHE A 99 -6.65 -6.12 -0.74
C PHE A 99 -6.85 -7.60 -0.41
N CYS A 100 -6.58 -8.46 -1.39
CA CYS A 100 -6.73 -9.90 -1.20
C CYS A 100 -5.74 -10.67 -2.09
N THR A 101 -5.51 -11.92 -1.73
CA THR A 101 -4.59 -12.76 -2.49
C THR A 101 -5.25 -14.06 -2.93
N ASP A 102 -4.49 -14.92 -3.58
CA ASP A 102 -5.01 -16.20 -4.05
C ASP A 102 -5.05 -17.23 -2.91
N THR A 103 -3.97 -17.28 -2.13
CA THR A 103 -3.89 -18.21 -1.01
C THR A 103 -3.43 -17.49 0.26
N GLY A 104 -3.66 -18.14 1.40
CA GLY A 104 -3.26 -17.55 2.66
C GLY A 104 -1.82 -17.10 2.67
N LYS A 105 -0.96 -17.86 1.98
CA LYS A 105 0.46 -17.53 1.91
C LYS A 105 0.67 -16.15 1.29
N GLU A 106 0.30 -16.01 0.02
CA GLU A 106 0.44 -14.75 -0.69
C GLU A 106 -0.05 -13.59 0.16
N MET A 107 -0.90 -13.90 1.13
CA MET A 107 -1.45 -12.89 2.03
C MET A 107 -0.48 -12.57 3.16
N GLU A 108 0.07 -13.62 3.78
CA GLU A 108 1.00 -13.45 4.88
C GLU A 108 2.25 -12.69 4.42
N LEU A 109 2.63 -12.90 3.18
CA LEU A 109 3.81 -12.24 2.62
C LEU A 109 3.56 -10.74 2.46
N TRP A 110 2.36 -10.39 2.02
CA TRP A 110 1.99 -8.99 1.82
C TRP A 110 1.70 -8.32 3.16
N MET A 111 1.07 -9.05 4.06
CA MET A 111 0.73 -8.52 5.38
C MET A 111 1.99 -8.22 6.18
N LYS A 112 2.78 -9.26 6.45
CA LYS A 112 4.02 -9.10 7.21
C LYS A 112 4.74 -7.82 6.82
N ALA A 113 4.72 -7.50 5.53
CA ALA A 113 5.37 -6.30 5.03
C ALA A 113 4.53 -5.06 5.33
N MET A 114 3.34 -5.00 4.75
CA MET A 114 2.44 -3.86 4.96
C MET A 114 2.44 -3.44 6.42
N LEU A 115 2.16 -4.39 7.31
CA LEU A 115 2.12 -4.12 8.74
C LEU A 115 3.42 -3.48 9.22
N ASP A 116 4.54 -3.97 8.68
CA ASP A 116 5.85 -3.46 9.04
C ASP A 116 6.00 -2.00 8.60
N ALA A 117 5.26 -1.62 7.57
CA ALA A 117 5.32 -0.26 7.04
C ALA A 117 4.11 0.55 7.50
N ALA A 118 3.21 -0.11 8.23
CA ALA A 118 2.01 0.55 8.73
C ALA A 118 2.15 0.89 10.21
N LEU A 119 2.79 -0.01 10.95
CA LEU A 119 2.99 0.19 12.39
C LEU A 119 3.91 1.38 12.65
N VAL A 120 4.52 1.89 11.59
CA VAL A 120 5.42 3.04 11.71
C VAL A 120 4.64 4.34 11.72
N GLN A 121 4.93 5.19 12.70
CA GLN A 121 4.25 6.47 12.82
C GLN A 121 5.23 7.63 12.61
N THR A 122 5.58 7.88 11.35
CA THR A 122 6.51 8.94 11.01
C THR A 122 5.88 9.93 10.03
N SER A 123 5.83 11.19 10.42
CA SER A 123 5.24 12.23 9.58
C SER A 123 6.10 12.46 8.34
N GLY A 124 5.44 12.67 7.20
CA GLY A 124 6.14 12.90 5.95
C GLY A 124 6.88 11.67 5.48
N PRO A 125 7.33 11.69 4.22
CA PRO A 125 8.07 10.58 3.61
C PRO A 125 9.52 10.51 4.08
N SER A 126 10.27 9.56 3.53
CA SER A 126 11.66 9.39 3.90
C SER A 126 12.49 10.60 3.47
N SER A 127 12.48 10.90 2.18
CA SER A 127 13.22 12.03 1.65
C SER A 127 12.64 13.35 2.14
N GLY A 128 13.47 14.39 2.19
CA GLY A 128 13.00 15.69 2.63
C GLY A 128 14.15 16.63 2.93
N GLY A 1 12.55 1.17 14.61
CA GLY A 1 13.81 1.88 14.45
C GLY A 1 14.31 1.86 13.02
N SER A 2 15.56 2.27 12.83
CA SER A 2 16.16 2.30 11.50
C SER A 2 15.15 2.78 10.46
N SER A 3 14.38 3.80 10.82
CA SER A 3 13.37 4.34 9.92
C SER A 3 13.84 5.66 9.30
N GLY A 4 13.08 6.17 8.34
CA GLY A 4 13.43 7.42 7.69
C GLY A 4 12.69 7.60 6.38
N SER A 5 11.82 8.62 6.35
CA SER A 5 11.04 8.91 5.14
C SER A 5 10.84 10.41 4.99
N SER A 6 11.00 10.90 3.76
CA SER A 6 10.83 12.32 3.47
C SER A 6 10.31 12.53 2.06
N GLY A 7 9.52 13.58 1.88
CA GLY A 7 8.97 13.87 0.56
C GLY A 7 9.96 14.59 -0.34
N LYS A 8 9.44 15.40 -1.25
CA LYS A 8 10.29 16.14 -2.18
C LYS A 8 9.64 17.47 -2.56
N ARG A 9 10.36 18.27 -3.35
CA ARG A 9 9.85 19.56 -3.79
C ARG A 9 8.51 19.40 -4.51
N SER A 10 8.51 18.59 -5.57
CA SER A 10 7.30 18.36 -6.34
C SER A 10 6.21 17.74 -5.48
N ASN A 11 4.95 18.09 -5.77
CA ASN A 11 3.82 17.58 -5.02
C ASN A 11 3.90 16.05 -4.90
N SER A 12 4.00 15.38 -6.03
CA SER A 12 4.08 13.92 -6.05
C SER A 12 5.25 13.43 -5.20
N ILE A 13 5.31 12.12 -5.00
CA ILE A 13 6.37 11.52 -4.20
C ILE A 13 7.40 10.83 -5.09
N LYS A 14 8.66 10.85 -4.65
CA LYS A 14 9.74 10.23 -5.41
C LYS A 14 10.21 8.96 -4.73
N ARG A 15 10.37 7.89 -5.52
CA ARG A 15 10.82 6.61 -4.98
C ARG A 15 12.34 6.55 -4.92
N ASN A 16 12.86 5.60 -4.15
CA ASN A 16 14.30 5.44 -4.00
C ASN A 16 14.74 4.03 -4.39
N PRO A 17 15.20 3.88 -5.63
CA PRO A 17 15.65 2.59 -6.16
C PRO A 17 16.50 1.81 -5.14
N ASN A 18 17.58 2.44 -4.68
CA ASN A 18 18.47 1.82 -3.71
C ASN A 18 17.67 1.08 -2.63
N ALA A 19 16.71 1.78 -2.03
CA ALA A 19 15.88 1.19 -1.00
C ALA A 19 15.54 -0.26 -1.31
N PRO A 20 16.23 -1.19 -0.64
CA PRO A 20 16.03 -2.63 -0.84
C PRO A 20 14.54 -3.00 -0.88
N VAL A 21 14.16 -3.72 -1.93
CA VAL A 21 12.76 -4.14 -2.09
C VAL A 21 12.46 -5.37 -1.26
N VAL A 22 11.38 -5.32 -0.50
CA VAL A 22 10.98 -6.45 0.34
C VAL A 22 10.38 -7.57 -0.49
N ARG A 23 9.39 -7.23 -1.31
CA ARG A 23 8.73 -8.20 -2.17
C ARG A 23 7.77 -7.52 -3.15
N ARG A 24 7.87 -7.88 -4.42
CA ARG A 24 7.02 -7.30 -5.45
C ARG A 24 6.23 -8.39 -6.17
N GLY A 25 4.91 -8.20 -6.22
CA GLY A 25 4.06 -9.18 -6.88
C GLY A 25 2.76 -8.57 -7.36
N TRP A 26 2.14 -9.22 -8.35
CA TRP A 26 0.88 -8.73 -8.91
C TRP A 26 -0.24 -8.84 -7.89
N LEU A 27 -0.38 -7.82 -7.05
CA LEU A 27 -1.42 -7.80 -6.03
C LEU A 27 -2.73 -7.24 -6.59
N TYR A 28 -3.84 -7.61 -5.96
CA TYR A 28 -5.15 -7.14 -6.39
C TYR A 28 -5.56 -5.87 -5.65
N LYS A 29 -6.19 -4.95 -6.37
CA LYS A 29 -6.63 -3.70 -5.78
C LYS A 29 -8.14 -3.54 -5.91
N GLN A 30 -8.79 -3.20 -4.80
CA GLN A 30 -10.24 -3.01 -4.79
C GLN A 30 -10.61 -1.61 -5.23
N ASP A 31 -11.72 -1.49 -5.95
CA ASP A 31 -12.19 -0.21 -6.44
C ASP A 31 -13.52 0.17 -5.81
N SER A 32 -13.66 1.44 -5.44
CA SER A 32 -14.89 1.92 -4.82
C SER A 32 -16.00 2.08 -5.85
N THR A 33 -15.64 2.54 -7.04
CA THR A 33 -16.61 2.73 -8.11
C THR A 33 -17.49 1.49 -8.29
N GLY A 34 -18.77 1.71 -8.55
CA GLY A 34 -19.69 0.60 -8.74
C GLY A 34 -19.53 -0.47 -7.69
N MET A 35 -19.58 -1.73 -8.12
CA MET A 35 -19.43 -2.85 -7.20
C MET A 35 -17.99 -2.96 -6.69
N LYS A 36 -17.78 -3.84 -5.72
CA LYS A 36 -16.45 -4.04 -5.15
C LYS A 36 -15.68 -5.09 -5.94
N LEU A 37 -15.28 -4.73 -7.16
CA LEU A 37 -14.53 -5.64 -8.02
C LEU A 37 -13.03 -5.54 -7.74
N TRP A 38 -12.30 -6.57 -8.11
CA TRP A 38 -10.85 -6.60 -7.90
C TRP A 38 -10.10 -6.34 -9.21
N LYS A 39 -8.99 -5.62 -9.12
CA LYS A 39 -8.19 -5.31 -10.30
C LYS A 39 -6.76 -5.82 -10.13
N LYS A 40 -6.21 -6.39 -11.19
CA LYS A 40 -4.85 -6.91 -11.16
C LYS A 40 -3.84 -5.84 -11.55
N ARG A 41 -2.96 -5.50 -10.63
CA ARG A 41 -1.95 -4.48 -10.88
C ARG A 41 -0.59 -4.91 -10.32
N TRP A 42 0.45 -4.17 -10.68
CA TRP A 42 1.80 -4.48 -10.21
C TRP A 42 2.15 -3.66 -8.97
N PHE A 43 2.37 -4.35 -7.86
CA PHE A 43 2.72 -3.70 -6.60
C PHE A 43 4.16 -3.99 -6.21
N VAL A 44 4.80 -3.04 -5.54
CA VAL A 44 6.18 -3.19 -5.10
C VAL A 44 6.38 -2.64 -3.69
N LEU A 45 6.71 -3.53 -2.76
CA LEU A 45 6.93 -3.15 -1.37
C LEU A 45 8.39 -2.78 -1.13
N SER A 46 8.68 -1.48 -1.12
CA SER A 46 10.04 -1.00 -0.90
C SER A 46 10.03 0.34 -0.18
N ASP A 47 11.12 0.63 0.53
CA ASP A 47 11.24 1.89 1.26
C ASP A 47 10.04 2.10 2.18
N LEU A 48 9.65 1.05 2.89
CA LEU A 48 8.51 1.13 3.80
C LEU A 48 7.36 1.92 3.18
N CYS A 49 7.11 1.68 1.90
CA CYS A 49 6.04 2.36 1.18
C CYS A 49 5.49 1.49 0.05
N LEU A 50 4.42 1.95 -0.58
CA LEU A 50 3.79 1.22 -1.67
C LEU A 50 3.96 1.96 -2.99
N PHE A 51 4.27 1.22 -4.04
CA PHE A 51 4.46 1.80 -5.37
C PHE A 51 4.03 0.83 -6.46
N TYR A 52 3.09 1.26 -7.29
CA TYR A 52 2.59 0.42 -8.38
C TYR A 52 2.79 1.11 -9.73
N TYR A 53 2.89 0.30 -10.78
CA TYR A 53 3.09 0.83 -12.12
C TYR A 53 2.12 0.17 -13.11
N ARG A 54 2.14 0.65 -14.35
CA ARG A 54 1.27 0.10 -15.39
C ARG A 54 1.48 -1.41 -15.53
N ASP A 55 2.73 -1.82 -15.58
CA ASP A 55 3.06 -3.24 -15.72
C ASP A 55 4.46 -3.53 -15.16
N GLU A 56 4.89 -4.78 -15.27
CA GLU A 56 6.20 -5.19 -14.78
C GLU A 56 7.28 -4.25 -15.31
N LYS A 57 7.00 -3.60 -16.43
CA LYS A 57 7.95 -2.69 -17.05
C LYS A 57 8.39 -1.61 -16.06
N GLU A 58 7.50 -1.29 -15.12
CA GLU A 58 7.80 -0.28 -14.11
C GLU A 58 8.19 1.04 -14.77
N GLU A 59 7.38 1.49 -15.72
CA GLU A 59 7.65 2.73 -16.43
C GLU A 59 6.82 3.88 -15.85
N GLY A 60 7.44 4.64 -14.95
CA GLY A 60 6.74 5.75 -14.33
C GLY A 60 5.63 5.30 -13.39
N ILE A 61 5.74 5.71 -12.13
CA ILE A 61 4.75 5.35 -11.13
C ILE A 61 3.43 6.07 -11.36
N LEU A 62 2.34 5.33 -11.35
CA LEU A 62 1.01 5.91 -11.56
C LEU A 62 0.48 6.55 -10.28
N GLY A 63 0.96 6.05 -9.14
CA GLY A 63 0.53 6.59 -7.86
C GLY A 63 1.14 5.85 -6.69
N SER A 64 1.71 6.61 -5.75
CA SER A 64 2.34 6.02 -4.58
C SER A 64 1.37 6.00 -3.39
N ILE A 65 1.56 5.03 -2.50
CA ILE A 65 0.71 4.90 -1.32
C ILE A 65 1.54 4.75 -0.05
N LEU A 66 1.26 5.58 0.94
CA LEU A 66 1.98 5.53 2.21
C LEU A 66 1.33 4.54 3.17
N LEU A 67 2.04 3.45 3.45
CA LEU A 67 1.53 2.43 4.35
C LEU A 67 1.52 2.93 5.80
N PRO A 68 2.61 3.62 6.19
CA PRO A 68 2.74 4.17 7.54
C PRO A 68 1.50 4.92 7.99
N SER A 69 0.72 5.40 7.03
CA SER A 69 -0.49 6.14 7.32
C SER A 69 -1.71 5.21 7.36
N PHE A 70 -1.62 4.12 6.60
CA PHE A 70 -2.71 3.16 6.55
C PHE A 70 -2.74 2.27 7.80
N GLN A 71 -3.81 1.52 7.97
CA GLN A 71 -3.95 0.64 9.12
C GLN A 71 -4.36 -0.77 8.69
N ILE A 72 -3.43 -1.71 8.80
CA ILE A 72 -3.70 -3.09 8.42
C ILE A 72 -4.46 -3.83 9.51
N ALA A 73 -5.69 -4.21 9.22
CA ALA A 73 -6.53 -4.92 10.18
C ALA A 73 -7.46 -5.90 9.47
N LEU A 74 -7.56 -7.11 10.01
CA LEU A 74 -8.43 -8.14 9.44
C LEU A 74 -9.83 -7.60 9.17
N LEU A 75 -10.48 -8.13 8.15
CA LEU A 75 -11.83 -7.70 7.80
C LEU A 75 -12.81 -8.00 8.93
N THR A 76 -14.02 -7.47 8.82
CA THR A 76 -15.05 -7.68 9.82
C THR A 76 -16.45 -7.58 9.21
N SER A 77 -17.45 -8.06 9.95
CA SER A 77 -18.82 -8.02 9.48
C SER A 77 -19.11 -6.73 8.70
N GLU A 78 -18.58 -5.63 9.21
CA GLU A 78 -18.78 -4.33 8.56
C GLU A 78 -18.53 -4.43 7.06
N ASP A 79 -17.36 -4.93 6.68
CA ASP A 79 -16.99 -5.07 5.28
C ASP A 79 -17.95 -6.03 4.57
N HIS A 80 -18.64 -5.53 3.54
CA HIS A 80 -19.59 -6.33 2.79
C HIS A 80 -18.87 -7.16 1.72
N ILE A 81 -17.73 -7.74 2.10
CA ILE A 81 -16.95 -8.55 1.18
C ILE A 81 -17.00 -10.03 1.56
N ASN A 82 -17.46 -10.87 0.65
CA ASN A 82 -17.55 -12.30 0.90
C ASN A 82 -16.32 -13.02 0.38
N ARG A 83 -15.16 -12.42 0.57
CA ARG A 83 -13.89 -13.00 0.12
C ARG A 83 -13.16 -13.66 1.28
N LYS A 84 -12.06 -14.33 0.96
CA LYS A 84 -11.26 -15.01 1.99
C LYS A 84 -9.79 -14.65 1.85
N TYR A 85 -9.04 -14.78 2.94
CA TYR A 85 -7.62 -14.47 2.95
C TYR A 85 -7.37 -13.04 2.45
N ALA A 86 -8.27 -12.13 2.81
CA ALA A 86 -8.15 -10.73 2.41
C ALA A 86 -8.16 -9.81 3.61
N PHE A 87 -7.62 -8.60 3.44
CA PHE A 87 -7.57 -7.62 4.51
C PHE A 87 -8.02 -6.25 4.02
N LYS A 88 -7.98 -5.27 4.92
CA LYS A 88 -8.38 -3.91 4.57
C LYS A 88 -7.51 -2.88 5.28
N ALA A 89 -7.13 -1.83 4.57
CA ALA A 89 -6.30 -0.78 5.14
C ALA A 89 -7.07 0.52 5.27
N ALA A 90 -7.14 1.05 6.49
CA ALA A 90 -7.85 2.30 6.75
C ALA A 90 -6.90 3.49 6.70
N HIS A 91 -7.41 4.62 6.23
CA HIS A 91 -6.60 5.84 6.14
C HIS A 91 -7.38 7.04 6.65
N PRO A 92 -6.68 7.93 7.37
CA PRO A 92 -7.30 9.15 7.93
C PRO A 92 -7.55 10.21 6.87
N ASN A 93 -6.54 10.49 6.05
CA ASN A 93 -6.67 11.49 4.99
C ASN A 93 -7.13 10.84 3.70
N MET A 94 -7.56 9.58 3.78
CA MET A 94 -8.02 8.86 2.60
C MET A 94 -9.11 7.87 2.98
N ARG A 95 -9.55 7.07 2.00
CA ARG A 95 -10.60 6.08 2.23
C ARG A 95 -9.99 4.75 2.66
N THR A 96 -10.85 3.75 2.88
CA THR A 96 -10.41 2.43 3.29
C THR A 96 -10.13 1.55 2.09
N TYR A 97 -8.89 1.10 1.96
CA TYR A 97 -8.49 0.24 0.85
C TYR A 97 -8.72 -1.23 1.19
N TYR A 98 -8.73 -2.07 0.16
CA TYR A 98 -8.95 -3.50 0.35
C TYR A 98 -8.01 -4.31 -0.54
N PHE A 99 -7.31 -5.27 0.06
CA PHE A 99 -6.38 -6.11 -0.68
C PHE A 99 -6.65 -7.59 -0.40
N CYS A 100 -6.62 -8.40 -1.46
CA CYS A 100 -6.86 -9.84 -1.32
C CYS A 100 -5.83 -10.64 -2.11
N THR A 101 -5.71 -11.92 -1.79
CA THR A 101 -4.76 -12.79 -2.47
C THR A 101 -5.39 -14.14 -2.80
N ASP A 102 -4.58 -15.04 -3.34
CA ASP A 102 -5.07 -16.37 -3.69
C ASP A 102 -5.38 -17.19 -2.45
N THR A 103 -4.52 -17.10 -1.45
CA THR A 103 -4.71 -17.84 -0.20
C THR A 103 -3.98 -17.16 0.95
N GLY A 104 -4.19 -17.68 2.16
CA GLY A 104 -3.54 -17.10 3.33
C GLY A 104 -2.07 -16.78 3.09
N LYS A 105 -1.35 -17.74 2.52
CA LYS A 105 0.06 -17.56 2.24
C LYS A 105 0.30 -16.29 1.44
N GLU A 106 -0.22 -16.24 0.22
CA GLU A 106 -0.06 -15.09 -0.65
C GLU A 106 -0.44 -13.80 0.10
N MET A 107 -1.17 -13.96 1.20
CA MET A 107 -1.60 -12.81 2.00
C MET A 107 -0.56 -12.49 3.08
N GLU A 108 -0.04 -13.53 3.72
CA GLU A 108 0.96 -13.35 4.77
C GLU A 108 2.19 -12.64 4.23
N LEU A 109 2.66 -13.07 3.06
CA LEU A 109 3.83 -12.46 2.44
C LEU A 109 3.65 -10.96 2.29
N TRP A 110 2.43 -10.53 1.98
CA TRP A 110 2.13 -9.12 1.80
C TRP A 110 1.96 -8.44 3.15
N MET A 111 1.11 -9.00 4.00
CA MET A 111 0.86 -8.44 5.33
C MET A 111 2.17 -8.24 6.09
N LYS A 112 2.84 -9.35 6.40
CA LYS A 112 4.10 -9.30 7.13
C LYS A 112 4.90 -8.06 6.74
N ALA A 113 4.88 -7.72 5.46
CA ALA A 113 5.60 -6.54 4.97
C ALA A 113 4.82 -5.26 5.25
N MET A 114 3.61 -5.18 4.69
CA MET A 114 2.78 -4.00 4.89
C MET A 114 2.79 -3.56 6.34
N LEU A 115 2.52 -4.49 7.25
CA LEU A 115 2.50 -4.20 8.68
C LEU A 115 3.83 -3.58 9.12
N ASP A 116 4.92 -4.06 8.54
CA ASP A 116 6.24 -3.55 8.88
C ASP A 116 6.41 -2.11 8.41
N ALA A 117 5.63 -1.73 7.40
CA ALA A 117 5.69 -0.38 6.85
C ALA A 117 4.54 0.48 7.38
N ALA A 118 3.50 -0.18 7.88
CA ALA A 118 2.34 0.52 8.41
C ALA A 118 2.51 0.80 9.90
N LEU A 119 2.91 -0.21 10.66
CA LEU A 119 3.11 -0.05 12.09
C LEU A 119 3.99 1.16 12.39
N VAL A 120 4.71 1.62 11.38
CA VAL A 120 5.59 2.78 11.53
C VAL A 120 4.87 3.93 12.21
N GLN A 121 5.40 4.39 13.34
CA GLN A 121 4.81 5.49 14.09
C GLN A 121 5.55 6.79 13.81
N THR A 122 5.52 7.23 12.55
CA THR A 122 6.19 8.47 12.16
C THR A 122 5.18 9.53 11.75
N SER A 123 5.29 10.71 12.36
CA SER A 123 4.39 11.81 12.05
C SER A 123 5.14 13.14 12.06
N GLY A 124 4.57 14.14 11.41
CA GLY A 124 5.18 15.46 11.36
C GLY A 124 4.78 16.25 10.13
N PRO A 125 5.71 17.07 9.62
CA PRO A 125 5.47 17.90 8.43
C PRO A 125 5.48 17.08 7.14
N SER A 126 4.79 15.95 7.16
CA SER A 126 4.73 15.08 5.99
C SER A 126 3.60 15.50 5.05
N SER A 127 3.94 16.31 4.06
CA SER A 127 2.95 16.80 3.10
C SER A 127 3.34 16.40 1.67
N GLY A 128 2.35 16.34 0.79
CA GLY A 128 2.61 15.97 -0.60
C GLY A 128 1.42 15.29 -1.24
N GLY A 1 10.55 16.35 19.22
CA GLY A 1 11.93 16.45 18.75
C GLY A 1 12.04 17.15 17.42
N SER A 2 13.26 17.26 16.91
CA SER A 2 13.50 17.93 15.64
C SER A 2 12.72 17.26 14.51
N SER A 3 11.66 17.93 14.07
CA SER A 3 10.82 17.40 13.00
C SER A 3 10.13 18.53 12.24
N GLY A 4 10.30 18.52 10.92
CA GLY A 4 9.69 19.56 10.10
C GLY A 4 8.71 18.99 9.09
N SER A 5 7.72 19.80 8.71
CA SER A 5 6.71 19.37 7.76
C SER A 5 5.97 20.57 7.17
N SER A 6 5.25 20.33 6.08
CA SER A 6 4.49 21.39 5.41
C SER A 6 3.02 21.34 5.80
N GLY A 7 2.39 20.20 5.55
CA GLY A 7 0.99 20.04 5.88
C GLY A 7 0.37 18.80 5.24
N LYS A 8 0.03 18.92 3.96
CA LYS A 8 -0.57 17.80 3.23
C LYS A 8 0.25 17.47 1.98
N ARG A 9 0.35 16.18 1.68
CA ARG A 9 1.10 15.73 0.51
C ARG A 9 0.25 15.83 -0.75
N SER A 10 0.53 16.86 -1.56
CA SER A 10 -0.22 17.07 -2.80
C SER A 10 0.55 16.52 -4.00
N ASN A 11 1.85 16.79 -4.04
CA ASN A 11 2.70 16.32 -5.12
C ASN A 11 2.99 14.83 -4.98
N SER A 12 3.47 14.22 -6.05
CA SER A 12 3.79 12.79 -6.05
C SER A 12 5.01 12.52 -5.17
N ILE A 13 5.35 11.24 -5.03
CA ILE A 13 6.49 10.84 -4.22
C ILE A 13 7.54 10.13 -5.06
N LYS A 14 8.81 10.45 -4.82
CA LYS A 14 9.91 9.84 -5.56
C LYS A 14 10.39 8.57 -4.86
N ARG A 15 10.51 7.48 -5.64
CA ARG A 15 10.96 6.21 -5.08
C ARG A 15 12.46 6.04 -5.27
N ASN A 16 13.13 5.60 -4.20
CA ASN A 16 14.58 5.40 -4.23
C ASN A 16 14.92 3.99 -4.68
N PRO A 17 15.51 3.88 -5.88
CA PRO A 17 15.91 2.58 -6.45
C PRO A 17 16.66 1.71 -5.45
N ASN A 18 17.83 2.19 -5.02
CA ASN A 18 18.64 1.46 -4.06
C ASN A 18 17.78 0.81 -2.98
N ALA A 19 16.88 1.60 -2.41
CA ALA A 19 15.98 1.10 -1.37
C ALA A 19 15.61 -0.36 -1.62
N PRO A 20 16.25 -1.26 -0.87
CA PRO A 20 16.01 -2.71 -0.99
C PRO A 20 14.53 -3.04 -1.03
N VAL A 21 14.11 -3.72 -2.09
CA VAL A 21 12.72 -4.10 -2.26
C VAL A 21 12.36 -5.32 -1.42
N VAL A 22 11.37 -5.18 -0.55
CA VAL A 22 10.94 -6.27 0.32
C VAL A 22 10.30 -7.39 -0.49
N ARG A 23 9.36 -7.03 -1.36
CA ARG A 23 8.66 -8.00 -2.19
C ARG A 23 7.80 -7.31 -3.24
N ARG A 24 7.79 -7.87 -4.44
CA ARG A 24 7.01 -7.30 -5.54
C ARG A 24 6.17 -8.38 -6.21
N GLY A 25 4.86 -8.15 -6.25
CA GLY A 25 3.96 -9.11 -6.87
C GLY A 25 2.67 -8.47 -7.34
N TRP A 26 1.97 -9.15 -8.26
CA TRP A 26 0.71 -8.63 -8.79
C TRP A 26 -0.40 -8.77 -7.76
N LEU A 27 -0.56 -7.75 -6.92
CA LEU A 27 -1.60 -7.75 -5.90
C LEU A 27 -2.91 -7.21 -6.45
N TYR A 28 -4.02 -7.63 -5.85
CA TYR A 28 -5.34 -7.19 -6.28
C TYR A 28 -5.88 -6.10 -5.36
N LYS A 29 -6.32 -5.00 -5.96
CA LYS A 29 -6.86 -3.88 -5.20
C LYS A 29 -8.28 -3.56 -5.63
N GLN A 30 -9.14 -3.25 -4.65
CA GLN A 30 -10.53 -2.93 -4.93
C GLN A 30 -10.67 -1.50 -5.42
N ASP A 31 -11.80 -1.20 -6.05
CA ASP A 31 -12.07 0.14 -6.57
C ASP A 31 -13.48 0.58 -6.24
N SER A 32 -13.63 1.86 -5.89
CA SER A 32 -14.94 2.41 -5.55
C SER A 32 -15.76 2.69 -6.80
N THR A 33 -15.13 3.32 -7.79
CA THR A 33 -15.80 3.65 -9.04
C THR A 33 -16.54 2.43 -9.60
N GLY A 34 -17.78 2.64 -10.02
CA GLY A 34 -18.57 1.56 -10.57
C GLY A 34 -18.89 0.49 -9.54
N MET A 35 -18.13 -0.61 -9.57
CA MET A 35 -18.35 -1.70 -8.64
C MET A 35 -17.10 -1.93 -7.78
N LYS A 36 -17.28 -2.63 -6.66
CA LYS A 36 -16.17 -2.92 -5.76
C LYS A 36 -15.43 -4.18 -6.20
N LEU A 37 -15.07 -4.24 -7.48
CA LEU A 37 -14.36 -5.39 -8.02
C LEU A 37 -12.86 -5.28 -7.74
N TRP A 38 -12.14 -6.38 -7.95
CA TRP A 38 -10.70 -6.40 -7.72
C TRP A 38 -9.94 -6.19 -9.03
N LYS A 39 -9.08 -5.19 -9.05
CA LYS A 39 -8.29 -4.88 -10.24
C LYS A 39 -6.85 -5.35 -10.07
N LYS A 40 -6.29 -5.94 -11.13
CA LYS A 40 -4.92 -6.42 -11.10
C LYS A 40 -3.93 -5.29 -11.37
N ARG A 41 -2.88 -5.23 -10.58
CA ARG A 41 -1.86 -4.20 -10.73
C ARG A 41 -0.54 -4.63 -10.10
N TRP A 42 0.57 -4.15 -10.66
CA TRP A 42 1.89 -4.49 -10.15
C TRP A 42 2.20 -3.71 -8.88
N PHE A 43 2.15 -4.39 -7.74
CA PHE A 43 2.42 -3.76 -6.46
C PHE A 43 3.82 -4.12 -5.96
N VAL A 44 4.51 -3.15 -5.37
CA VAL A 44 5.86 -3.37 -4.85
C VAL A 44 5.99 -2.83 -3.44
N LEU A 45 6.64 -3.60 -2.57
CA LEU A 45 6.84 -3.20 -1.19
C LEU A 45 8.28 -2.73 -0.95
N SER A 46 8.48 -1.42 -0.94
CA SER A 46 9.80 -0.85 -0.73
C SER A 46 9.72 0.41 0.13
N ASP A 47 10.82 0.72 0.80
CA ASP A 47 10.88 1.91 1.66
C ASP A 47 9.63 2.01 2.53
N LEU A 48 9.34 0.95 3.27
CA LEU A 48 8.16 0.92 4.14
C LEU A 48 7.00 1.66 3.51
N CYS A 49 6.83 1.48 2.20
CA CYS A 49 5.74 2.14 1.47
C CYS A 49 5.24 1.26 0.33
N LEU A 50 4.23 1.74 -0.38
CA LEU A 50 3.67 1.00 -1.50
C LEU A 50 3.91 1.73 -2.81
N PHE A 51 4.35 0.98 -3.82
CA PHE A 51 4.62 1.55 -5.14
C PHE A 51 4.11 0.65 -6.25
N TYR A 52 3.31 1.22 -7.15
CA TYR A 52 2.74 0.45 -8.25
C TYR A 52 2.98 1.17 -9.58
N TYR A 53 2.91 0.42 -10.67
CA TYR A 53 3.12 0.97 -12.00
C TYR A 53 2.14 0.37 -13.00
N ARG A 54 2.22 0.84 -14.25
CA ARG A 54 1.34 0.35 -15.30
C ARG A 54 1.40 -1.17 -15.40
N ASP A 55 2.61 -1.71 -15.45
CA ASP A 55 2.81 -3.14 -15.56
C ASP A 55 4.16 -3.55 -14.97
N GLU A 56 4.49 -4.84 -15.07
CA GLU A 56 5.75 -5.35 -14.55
C GLU A 56 6.93 -4.52 -15.04
N LYS A 57 6.78 -3.95 -16.24
CA LYS A 57 7.83 -3.13 -16.83
C LYS A 57 8.32 -2.08 -15.84
N GLU A 58 7.52 -1.82 -14.81
CA GLU A 58 7.89 -0.84 -13.79
C GLU A 58 8.39 0.45 -14.42
N GLU A 59 7.62 0.99 -15.36
CA GLU A 59 7.99 2.21 -16.05
C GLU A 59 7.16 3.39 -15.53
N GLY A 60 7.80 4.24 -14.72
CA GLY A 60 7.11 5.39 -14.17
C GLY A 60 5.96 5.00 -13.28
N ILE A 61 5.99 5.49 -12.04
CA ILE A 61 4.94 5.19 -11.08
C ILE A 61 3.70 6.04 -11.32
N LEU A 62 2.54 5.41 -11.29
CA LEU A 62 1.27 6.11 -11.51
C LEU A 62 0.74 6.70 -10.21
N GLY A 63 1.29 6.24 -9.09
CA GLY A 63 0.86 6.74 -7.79
C GLY A 63 1.46 5.95 -6.65
N SER A 64 1.89 6.66 -5.61
CA SER A 64 2.50 6.03 -4.44
C SER A 64 1.52 6.01 -3.28
N ILE A 65 1.59 4.96 -2.47
CA ILE A 65 0.72 4.82 -1.31
C ILE A 65 1.52 4.71 -0.03
N LEU A 66 1.22 5.58 0.94
CA LEU A 66 1.92 5.58 2.22
C LEU A 66 1.28 4.58 3.18
N LEU A 67 2.01 3.51 3.48
CA LEU A 67 1.52 2.48 4.38
C LEU A 67 1.44 3.01 5.81
N PRO A 68 2.48 3.73 6.24
CA PRO A 68 2.56 4.31 7.58
C PRO A 68 1.27 5.05 7.96
N SER A 69 0.56 5.55 6.96
CA SER A 69 -0.68 6.27 7.19
C SER A 69 -1.87 5.32 7.18
N PHE A 70 -1.72 4.19 6.50
CA PHE A 70 -2.78 3.20 6.41
C PHE A 70 -2.80 2.31 7.65
N GLN A 71 -3.94 1.67 7.90
CA GLN A 71 -4.09 0.79 9.05
C GLN A 71 -4.50 -0.61 8.60
N ILE A 72 -3.56 -1.55 8.69
CA ILE A 72 -3.83 -2.93 8.30
C ILE A 72 -4.56 -3.69 9.40
N ALA A 73 -5.78 -4.12 9.10
CA ALA A 73 -6.59 -4.86 10.06
C ALA A 73 -7.49 -5.88 9.37
N LEU A 74 -7.53 -7.09 9.92
CA LEU A 74 -8.36 -8.15 9.35
C LEU A 74 -9.80 -7.68 9.17
N LEU A 75 -10.43 -8.14 8.08
CA LEU A 75 -11.80 -7.77 7.79
C LEU A 75 -12.72 -8.12 8.96
N THR A 76 -14.00 -7.75 8.83
CA THR A 76 -14.97 -8.03 9.88
C THR A 76 -16.39 -7.93 9.34
N SER A 77 -17.34 -8.50 10.09
CA SER A 77 -18.75 -8.49 9.67
C SER A 77 -19.09 -7.18 8.95
N GLU A 78 -18.69 -6.06 9.54
CA GLU A 78 -18.95 -4.75 8.96
C GLU A 78 -18.71 -4.77 7.46
N ASP A 79 -17.56 -5.30 7.06
CA ASP A 79 -17.19 -5.39 5.65
C ASP A 79 -18.27 -6.11 4.85
N HIS A 80 -18.64 -5.56 3.71
CA HIS A 80 -19.66 -6.16 2.85
C HIS A 80 -19.02 -7.07 1.81
N ILE A 81 -17.88 -7.66 2.15
CA ILE A 81 -17.18 -8.56 1.25
C ILE A 81 -17.12 -9.98 1.81
N ASN A 82 -17.74 -10.91 1.10
CA ASN A 82 -17.77 -12.30 1.52
C ASN A 82 -16.53 -13.04 1.03
N ARG A 83 -15.41 -12.34 0.96
CA ARG A 83 -14.16 -12.93 0.49
C ARG A 83 -13.27 -13.33 1.67
N LYS A 84 -12.38 -14.27 1.44
CA LYS A 84 -11.46 -14.74 2.48
C LYS A 84 -10.01 -14.45 2.10
N TYR A 85 -9.10 -14.75 3.01
CA TYR A 85 -7.67 -14.53 2.78
C TYR A 85 -7.43 -13.12 2.26
N ALA A 86 -8.23 -12.17 2.73
CA ALA A 86 -8.09 -10.78 2.32
C ALA A 86 -8.09 -9.84 3.52
N PHE A 87 -7.67 -8.60 3.31
CA PHE A 87 -7.62 -7.61 4.38
C PHE A 87 -8.02 -6.23 3.87
N LYS A 88 -7.96 -5.24 4.75
CA LYS A 88 -8.32 -3.88 4.39
C LYS A 88 -7.42 -2.87 5.10
N ALA A 89 -7.27 -1.70 4.50
CA ALA A 89 -6.43 -0.65 5.07
C ALA A 89 -7.20 0.66 5.19
N ALA A 90 -7.28 1.19 6.41
CA ALA A 90 -8.00 2.43 6.66
C ALA A 90 -7.04 3.62 6.59
N HIS A 91 -7.56 4.76 6.12
CA HIS A 91 -6.75 5.98 6.01
C HIS A 91 -7.56 7.19 6.45
N PRO A 92 -6.89 8.11 7.16
CA PRO A 92 -7.53 9.34 7.66
C PRO A 92 -7.77 10.35 6.54
N ASN A 93 -6.74 10.60 5.74
CA ASN A 93 -6.85 11.56 4.64
C ASN A 93 -7.26 10.84 3.35
N MET A 94 -7.76 9.63 3.49
CA MET A 94 -8.21 8.84 2.35
C MET A 94 -9.28 7.84 2.75
N ARG A 95 -9.68 7.00 1.80
CA ARG A 95 -10.71 5.99 2.06
C ARG A 95 -10.08 4.67 2.48
N THR A 96 -10.92 3.65 2.67
CA THR A 96 -10.44 2.33 3.07
C THR A 96 -10.15 1.46 1.86
N TYR A 97 -8.93 0.95 1.79
CA TYR A 97 -8.52 0.09 0.67
C TYR A 97 -8.72 -1.37 1.01
N TYR A 98 -8.69 -2.23 -0.01
CA TYR A 98 -8.87 -3.65 0.19
C TYR A 98 -7.90 -4.45 -0.68
N PHE A 99 -7.37 -5.54 -0.13
CA PHE A 99 -6.43 -6.38 -0.86
C PHE A 99 -6.65 -7.86 -0.53
N CYS A 100 -6.60 -8.70 -1.55
CA CYS A 100 -6.80 -10.13 -1.36
C CYS A 100 -5.80 -10.93 -2.20
N THR A 101 -5.59 -12.18 -1.80
CA THR A 101 -4.65 -13.05 -2.52
C THR A 101 -5.28 -14.40 -2.83
N ASP A 102 -4.51 -15.27 -3.48
CA ASP A 102 -5.00 -16.60 -3.83
C ASP A 102 -5.11 -17.49 -2.60
N THR A 103 -4.09 -17.43 -1.74
CA THR A 103 -4.06 -18.22 -0.52
C THR A 103 -3.52 -17.42 0.65
N GLY A 104 -3.57 -18.01 1.84
CA GLY A 104 -3.07 -17.34 3.02
C GLY A 104 -1.62 -16.93 2.90
N LYS A 105 -0.83 -17.77 2.23
CA LYS A 105 0.59 -17.48 2.04
C LYS A 105 0.79 -16.17 1.29
N GLU A 106 0.34 -16.13 0.04
CA GLU A 106 0.47 -14.93 -0.78
C GLU A 106 0.01 -13.69 -0.01
N MET A 107 -0.77 -13.91 1.04
CA MET A 107 -1.27 -12.82 1.86
C MET A 107 -0.27 -12.47 2.97
N GLU A 108 0.25 -13.49 3.63
CA GLU A 108 1.21 -13.29 4.71
C GLU A 108 2.44 -12.54 4.21
N LEU A 109 2.87 -12.86 2.99
CA LEU A 109 4.03 -12.22 2.40
C LEU A 109 3.80 -10.72 2.23
N TRP A 110 2.57 -10.35 1.92
CA TRP A 110 2.21 -8.94 1.73
C TRP A 110 2.00 -8.25 3.08
N MET A 111 1.14 -8.85 3.91
CA MET A 111 0.85 -8.29 5.22
C MET A 111 2.13 -8.10 6.04
N LYS A 112 2.78 -9.21 6.37
CA LYS A 112 4.02 -9.17 7.14
C LYS A 112 4.84 -7.93 6.78
N ALA A 113 4.85 -7.59 5.50
CA ALA A 113 5.60 -6.42 5.04
C ALA A 113 4.81 -5.14 5.26
N MET A 114 3.51 -5.19 4.95
CA MET A 114 2.65 -4.02 5.11
C MET A 114 2.63 -3.56 6.57
N LEU A 115 2.31 -4.49 7.47
CA LEU A 115 2.26 -4.18 8.89
C LEU A 115 3.56 -3.55 9.36
N ASP A 116 4.67 -3.97 8.77
CA ASP A 116 5.98 -3.44 9.12
C ASP A 116 6.08 -1.95 8.80
N ALA A 117 5.44 -1.55 7.71
CA ALA A 117 5.44 -0.15 7.30
C ALA A 117 4.36 0.64 8.02
N ALA A 118 3.14 0.12 7.98
CA ALA A 118 2.01 0.78 8.63
C ALA A 118 2.34 1.11 10.09
N LEU A 119 2.79 0.12 10.83
CA LEU A 119 3.13 0.30 12.24
C LEU A 119 3.86 1.62 12.45
N VAL A 120 4.65 2.03 11.45
CA VAL A 120 5.40 3.27 11.54
C VAL A 120 4.54 4.40 12.09
N GLN A 121 5.10 5.14 13.05
CA GLN A 121 4.38 6.25 13.66
C GLN A 121 4.87 7.58 13.13
N THR A 122 4.79 7.76 11.81
CA THR A 122 5.24 9.00 11.18
C THR A 122 4.05 9.84 10.73
N SER A 123 3.01 9.89 11.56
CA SER A 123 1.82 10.66 11.24
C SER A 123 1.35 11.46 12.45
N GLY A 124 0.37 12.33 12.24
CA GLY A 124 -0.15 13.15 13.32
C GLY A 124 -1.07 14.25 12.83
N PRO A 125 -0.50 15.44 12.59
CA PRO A 125 -1.26 16.60 12.11
C PRO A 125 -1.58 16.51 10.63
N SER A 126 -1.98 15.33 10.17
CA SER A 126 -2.30 15.11 8.78
C SER A 126 -3.10 16.28 8.22
N SER A 127 -4.11 16.71 8.96
CA SER A 127 -4.96 17.82 8.55
C SER A 127 -5.50 18.58 9.75
N GLY A 128 -5.56 19.90 9.64
CA GLY A 128 -6.06 20.71 10.74
C GLY A 128 -7.56 20.93 10.65
N GLY A 1 34.52 7.83 -5.27
CA GLY A 1 34.85 9.09 -5.89
C GLY A 1 33.89 9.47 -7.01
N SER A 2 32.60 9.52 -6.68
CA SER A 2 31.58 9.87 -7.67
C SER A 2 30.71 11.01 -7.17
N SER A 3 29.76 11.43 -8.00
CA SER A 3 28.86 12.53 -7.64
C SER A 3 27.56 12.43 -8.43
N GLY A 4 26.48 12.92 -7.83
CA GLY A 4 25.19 12.88 -8.49
C GLY A 4 24.03 13.01 -7.51
N SER A 5 22.88 13.43 -8.02
CA SER A 5 21.69 13.59 -7.17
C SER A 5 20.44 13.77 -8.03
N SER A 6 19.51 12.83 -7.91
CA SER A 6 18.27 12.88 -8.67
C SER A 6 17.46 14.12 -8.30
N GLY A 7 17.15 14.26 -7.02
CA GLY A 7 16.37 15.40 -6.55
C GLY A 7 15.14 14.98 -5.76
N LYS A 8 15.09 15.40 -4.50
CA LYS A 8 13.95 15.07 -3.65
C LYS A 8 12.72 15.87 -4.04
N ARG A 9 11.69 15.17 -4.51
CA ARG A 9 10.46 15.83 -4.93
C ARG A 9 9.57 16.12 -3.71
N SER A 10 9.04 17.34 -3.66
CA SER A 10 8.18 17.73 -2.55
C SER A 10 6.73 17.34 -2.82
N ASN A 11 6.16 17.87 -3.89
CA ASN A 11 4.78 17.57 -4.25
C ASN A 11 4.53 16.07 -4.21
N SER A 12 5.28 15.32 -5.01
CA SER A 12 5.14 13.87 -5.06
C SER A 12 6.37 13.17 -4.50
N ILE A 13 6.30 11.86 -4.39
CA ILE A 13 7.41 11.07 -3.87
C ILE A 13 8.08 10.28 -4.98
N LYS A 14 9.41 10.19 -4.92
CA LYS A 14 10.17 9.45 -5.92
C LYS A 14 10.74 8.16 -5.33
N ARG A 15 10.52 7.06 -6.03
CA ARG A 15 11.01 5.76 -5.57
C ARG A 15 12.53 5.69 -5.64
N ASN A 16 13.14 4.97 -4.71
CA ASN A 16 14.58 4.82 -4.66
C ASN A 16 15.01 3.42 -5.07
N PRO A 17 16.12 3.33 -5.80
CA PRO A 17 16.65 2.04 -6.26
C PRO A 17 17.42 1.29 -5.17
N ASN A 18 18.36 1.99 -4.54
CA ASN A 18 19.16 1.40 -3.46
C ASN A 18 18.26 0.75 -2.42
N ALA A 19 17.24 1.48 -1.98
CA ALA A 19 16.31 0.97 -0.97
C ALA A 19 15.83 -0.43 -1.33
N PRO A 20 16.36 -1.43 -0.60
CA PRO A 20 16.00 -2.83 -0.82
C PRO A 20 14.50 -3.05 -0.94
N VAL A 21 14.10 -3.96 -1.82
CA VAL A 21 12.69 -4.26 -2.03
C VAL A 21 12.26 -5.48 -1.25
N VAL A 22 11.23 -5.32 -0.42
CA VAL A 22 10.73 -6.42 0.39
C VAL A 22 10.15 -7.53 -0.49
N ARG A 23 9.22 -7.16 -1.36
CA ARG A 23 8.59 -8.11 -2.27
C ARG A 23 7.82 -7.41 -3.36
N ARG A 24 7.64 -8.08 -4.49
CA ARG A 24 6.92 -7.51 -5.63
C ARG A 24 6.07 -8.56 -6.32
N GLY A 25 4.75 -8.38 -6.26
CA GLY A 25 3.84 -9.33 -6.88
C GLY A 25 2.53 -8.69 -7.27
N TRP A 26 1.90 -9.23 -8.32
CA TRP A 26 0.62 -8.70 -8.80
C TRP A 26 -0.42 -8.74 -7.70
N LEU A 27 -0.60 -7.63 -6.99
CA LEU A 27 -1.57 -7.54 -5.92
C LEU A 27 -2.92 -7.05 -6.43
N TYR A 28 -3.99 -7.42 -5.75
CA TYR A 28 -5.33 -7.02 -6.14
C TYR A 28 -5.86 -5.92 -5.22
N LYS A 29 -6.05 -4.73 -5.78
CA LYS A 29 -6.55 -3.59 -5.01
C LYS A 29 -8.05 -3.39 -5.25
N GLN A 30 -8.72 -2.80 -4.28
CA GLN A 30 -10.16 -2.55 -4.38
C GLN A 30 -10.42 -1.17 -4.99
N ASP A 31 -11.63 -0.98 -5.51
CA ASP A 31 -12.02 0.28 -6.11
C ASP A 31 -13.19 0.92 -5.37
N SER A 32 -12.96 2.09 -4.79
CA SER A 32 -14.01 2.79 -4.04
C SER A 32 -14.92 3.56 -4.99
N THR A 33 -15.32 2.90 -6.07
CA THR A 33 -16.21 3.52 -7.06
C THR A 33 -17.29 2.55 -7.52
N GLY A 34 -18.52 2.80 -7.08
CA GLY A 34 -19.62 1.94 -7.46
C GLY A 34 -19.62 0.63 -6.70
N MET A 35 -18.79 -0.31 -7.15
CA MET A 35 -18.69 -1.62 -6.52
C MET A 35 -17.25 -1.95 -6.16
N LYS A 36 -17.03 -2.39 -4.93
CA LYS A 36 -15.69 -2.73 -4.46
C LYS A 36 -15.19 -4.00 -5.14
N LEU A 37 -14.68 -3.85 -6.35
CA LEU A 37 -14.17 -4.99 -7.11
C LEU A 37 -12.65 -5.08 -6.99
N TRP A 38 -12.09 -6.21 -7.41
CA TRP A 38 -10.64 -6.41 -7.35
C TRP A 38 -10.02 -6.20 -8.72
N LYS A 39 -8.99 -5.36 -8.77
CA LYS A 39 -8.29 -5.07 -10.02
C LYS A 39 -6.89 -5.68 -10.02
N LYS A 40 -6.42 -6.07 -11.20
CA LYS A 40 -5.09 -6.67 -11.33
C LYS A 40 -4.07 -5.62 -11.76
N ARG A 41 -3.04 -5.43 -10.93
CA ARG A 41 -2.00 -4.46 -11.23
C ARG A 41 -0.69 -4.85 -10.54
N TRP A 42 0.40 -4.19 -10.95
CA TRP A 42 1.71 -4.47 -10.37
C TRP A 42 1.90 -3.68 -9.07
N PHE A 43 2.30 -4.38 -8.01
CA PHE A 43 2.52 -3.74 -6.71
C PHE A 43 3.89 -4.11 -6.16
N VAL A 44 4.60 -3.11 -5.64
CA VAL A 44 5.93 -3.33 -5.08
C VAL A 44 6.02 -2.73 -3.68
N LEU A 45 6.59 -3.50 -2.75
CA LEU A 45 6.76 -3.04 -1.37
C LEU A 45 8.19 -2.60 -1.11
N SER A 46 8.42 -1.29 -1.16
CA SER A 46 9.74 -0.73 -0.92
C SER A 46 9.66 0.52 -0.04
N ASP A 47 10.77 0.83 0.62
CA ASP A 47 10.82 2.00 1.49
C ASP A 47 9.55 2.12 2.33
N LEU A 48 9.13 0.99 2.91
CA LEU A 48 7.94 0.97 3.73
C LEU A 48 6.81 1.77 3.09
N CYS A 49 6.62 1.58 1.79
CA CYS A 49 5.58 2.29 1.05
C CYS A 49 5.01 1.40 -0.06
N LEU A 50 3.87 1.81 -0.61
CA LEU A 50 3.22 1.06 -1.67
C LEU A 50 3.36 1.78 -3.01
N PHE A 51 3.88 1.08 -4.01
CA PHE A 51 4.06 1.66 -5.34
C PHE A 51 3.44 0.76 -6.41
N TYR A 52 2.81 1.39 -7.39
CA TYR A 52 2.16 0.65 -8.48
C TYR A 52 2.47 1.30 -9.83
N TYR A 53 2.51 0.48 -10.88
CA TYR A 53 2.79 0.96 -12.22
C TYR A 53 1.84 0.32 -13.23
N ARG A 54 1.56 1.05 -14.31
CA ARG A 54 0.67 0.56 -15.36
C ARG A 54 0.81 -0.96 -15.52
N ASP A 55 2.04 -1.45 -15.35
CA ASP A 55 2.30 -2.88 -15.47
C ASP A 55 3.70 -3.22 -14.97
N GLU A 56 4.04 -4.50 -14.99
CA GLU A 56 5.35 -4.95 -14.54
C GLU A 56 6.45 -4.05 -15.07
N LYS A 57 6.24 -3.51 -16.26
CA LYS A 57 7.22 -2.62 -16.90
C LYS A 57 7.82 -1.67 -15.88
N GLU A 58 7.04 -1.35 -14.84
CA GLU A 58 7.51 -0.44 -13.79
C GLU A 58 7.85 0.93 -14.36
N GLU A 59 7.01 1.41 -15.28
CA GLU A 59 7.23 2.71 -15.90
C GLU A 59 6.88 3.84 -14.95
N GLY A 60 6.96 5.07 -15.45
CA GLY A 60 6.65 6.22 -14.63
C GLY A 60 5.53 5.96 -13.65
N ILE A 61 5.87 5.75 -12.39
CA ILE A 61 4.89 5.48 -11.35
C ILE A 61 3.64 6.34 -11.53
N LEU A 62 2.47 5.73 -11.43
CA LEU A 62 1.22 6.44 -11.58
C LEU A 62 0.79 7.09 -10.26
N GLY A 63 1.15 6.46 -9.15
CA GLY A 63 0.81 6.99 -7.85
C GLY A 63 1.35 6.13 -6.71
N SER A 64 1.70 6.78 -5.61
CA SER A 64 2.24 6.07 -4.45
C SER A 64 1.21 6.01 -3.32
N ILE A 65 1.42 5.10 -2.39
CA ILE A 65 0.52 4.94 -1.26
C ILE A 65 1.29 4.78 0.05
N LEU A 66 1.01 5.65 1.01
CA LEU A 66 1.68 5.62 2.30
C LEU A 66 1.02 4.59 3.22
N LEU A 67 1.77 3.55 3.56
CA LEU A 67 1.27 2.50 4.45
C LEU A 67 1.25 2.96 5.89
N PRO A 68 2.32 3.66 6.31
CA PRO A 68 2.45 4.17 7.67
C PRO A 68 1.19 4.90 8.14
N SER A 69 0.42 5.40 7.19
CA SER A 69 -0.81 6.12 7.50
C SER A 69 -2.01 5.19 7.46
N PHE A 70 -1.87 4.07 6.74
CA PHE A 70 -2.94 3.10 6.63
C PHE A 70 -2.96 2.15 7.82
N GLN A 71 -4.11 1.55 8.07
CA GLN A 71 -4.26 0.62 9.19
C GLN A 71 -4.68 -0.77 8.70
N ILE A 72 -3.74 -1.71 8.72
CA ILE A 72 -4.02 -3.07 8.28
C ILE A 72 -4.73 -3.87 9.37
N ALA A 73 -5.94 -4.33 9.06
CA ALA A 73 -6.73 -5.10 10.01
C ALA A 73 -7.62 -6.11 9.29
N LEU A 74 -7.64 -7.34 9.79
CA LEU A 74 -8.45 -8.39 9.19
C LEU A 74 -9.84 -7.88 8.83
N LEU A 75 -10.41 -8.41 7.76
CA LEU A 75 -11.74 -8.01 7.33
C LEU A 75 -12.80 -8.40 8.35
N THR A 76 -13.91 -7.67 8.35
CA THR A 76 -15.00 -7.94 9.29
C THR A 76 -16.33 -8.05 8.57
N SER A 77 -17.39 -8.27 9.32
CA SER A 77 -18.73 -8.40 8.76
C SER A 77 -19.16 -7.10 8.08
N GLU A 78 -18.91 -5.98 8.75
CA GLU A 78 -19.27 -4.68 8.21
C GLU A 78 -18.74 -4.50 6.79
N ASP A 79 -17.51 -4.92 6.57
CA ASP A 79 -16.88 -4.81 5.25
C ASP A 79 -17.84 -5.30 4.16
N HIS A 80 -18.73 -6.22 4.53
CA HIS A 80 -19.69 -6.77 3.59
C HIS A 80 -18.98 -7.43 2.40
N ILE A 81 -17.75 -7.88 2.64
CA ILE A 81 -16.97 -8.54 1.60
C ILE A 81 -17.01 -10.06 1.75
N ASN A 82 -16.80 -10.52 2.98
CA ASN A 82 -16.82 -11.96 3.25
C ASN A 82 -15.81 -12.69 2.38
N ARG A 83 -14.67 -12.04 2.13
CA ARG A 83 -13.62 -12.64 1.31
C ARG A 83 -12.42 -13.04 2.17
N LYS A 84 -12.10 -14.33 2.16
CA LYS A 84 -10.99 -14.86 2.93
C LYS A 84 -9.66 -14.42 2.33
N TYR A 85 -8.57 -14.77 3.00
CA TYR A 85 -7.23 -14.42 2.53
C TYR A 85 -7.21 -12.98 2.01
N ALA A 86 -7.88 -12.09 2.73
CA ALA A 86 -7.93 -10.68 2.34
C ALA A 86 -7.94 -9.78 3.57
N PHE A 87 -7.60 -8.51 3.37
CA PHE A 87 -7.55 -7.54 4.46
C PHE A 87 -8.02 -6.17 3.99
N LYS A 88 -7.99 -5.19 4.90
CA LYS A 88 -8.41 -3.84 4.57
C LYS A 88 -7.51 -2.81 5.27
N ALA A 89 -7.27 -1.69 4.59
CA ALA A 89 -6.44 -0.63 5.16
C ALA A 89 -7.24 0.65 5.35
N ALA A 90 -7.37 1.08 6.60
CA ALA A 90 -8.10 2.30 6.92
C ALA A 90 -7.18 3.51 6.94
N HIS A 91 -7.70 4.65 6.48
CA HIS A 91 -6.92 5.88 6.45
C HIS A 91 -7.72 7.04 7.06
N PRO A 92 -7.02 7.90 7.82
CA PRO A 92 -7.64 9.06 8.47
C PRO A 92 -7.97 10.17 7.47
N ASN A 93 -7.02 10.48 6.60
CA ASN A 93 -7.20 11.52 5.60
C ASN A 93 -7.62 10.92 4.26
N MET A 94 -7.98 9.64 4.29
CA MET A 94 -8.41 8.95 3.08
C MET A 94 -9.45 7.88 3.40
N ARG A 95 -9.89 7.16 2.38
CA ARG A 95 -10.88 6.09 2.56
C ARG A 95 -10.21 4.79 2.98
N THR A 96 -11.00 3.73 3.09
CA THR A 96 -10.48 2.44 3.49
C THR A 96 -10.28 1.53 2.28
N TYR A 97 -9.04 1.11 2.07
CA TYR A 97 -8.71 0.24 0.95
C TYR A 97 -8.89 -1.23 1.32
N TYR A 98 -8.85 -2.10 0.31
CA TYR A 98 -9.02 -3.53 0.53
C TYR A 98 -8.17 -4.33 -0.46
N PHE A 99 -7.36 -5.25 0.08
CA PHE A 99 -6.50 -6.08 -0.74
C PHE A 99 -6.72 -7.56 -0.44
N CYS A 100 -6.45 -8.40 -1.43
CA CYS A 100 -6.62 -9.84 -1.27
C CYS A 100 -5.60 -10.61 -2.10
N THR A 101 -5.36 -11.86 -1.74
CA THR A 101 -4.41 -12.70 -2.45
C THR A 101 -5.04 -14.03 -2.88
N ASP A 102 -4.23 -14.91 -3.45
CA ASP A 102 -4.71 -16.21 -3.89
C ASP A 102 -4.61 -17.24 -2.78
N THR A 103 -3.47 -17.24 -2.08
CA THR A 103 -3.24 -18.18 -0.99
C THR A 103 -2.74 -17.47 0.25
N GLY A 104 -2.66 -18.20 1.36
CA GLY A 104 -2.20 -17.61 2.60
C GLY A 104 -0.82 -16.98 2.46
N LYS A 105 0.06 -17.64 1.72
CA LYS A 105 1.41 -17.14 1.51
C LYS A 105 1.38 -15.72 0.93
N GLU A 106 0.80 -15.59 -0.26
CA GLU A 106 0.71 -14.29 -0.91
C GLU A 106 0.16 -13.23 0.04
N MET A 107 -0.52 -13.69 1.09
CA MET A 107 -1.10 -12.78 2.07
C MET A 107 -0.10 -12.48 3.20
N GLU A 108 0.66 -13.50 3.59
CA GLU A 108 1.64 -13.35 4.65
C GLU A 108 2.80 -12.46 4.19
N LEU A 109 3.15 -12.58 2.91
CA LEU A 109 4.24 -11.80 2.34
C LEU A 109 3.89 -10.31 2.31
N TRP A 110 2.63 -10.02 1.95
CA TRP A 110 2.16 -8.64 1.87
C TRP A 110 1.90 -8.08 3.26
N MET A 111 1.19 -8.85 4.09
CA MET A 111 0.88 -8.42 5.45
C MET A 111 2.15 -8.18 6.25
N LYS A 112 2.94 -9.24 6.43
CA LYS A 112 4.18 -9.14 7.19
C LYS A 112 4.85 -7.79 6.96
N ALA A 113 4.87 -7.35 5.71
CA ALA A 113 5.48 -6.07 5.36
C ALA A 113 4.54 -4.91 5.69
N MET A 114 3.40 -4.86 5.02
CA MET A 114 2.42 -3.80 5.25
C MET A 114 2.33 -3.46 6.73
N LEU A 115 2.05 -4.47 7.55
CA LEU A 115 1.93 -4.27 8.99
C LEU A 115 3.17 -3.56 9.55
N ASP A 116 4.33 -3.92 9.02
CA ASP A 116 5.58 -3.32 9.46
C ASP A 116 5.68 -1.86 8.99
N ALA A 117 5.22 -1.61 7.78
CA ALA A 117 5.26 -0.27 7.21
C ALA A 117 4.08 0.57 7.71
N ALA A 118 3.07 -0.10 8.25
CA ALA A 118 1.89 0.58 8.77
C ALA A 118 2.06 0.93 10.24
N LEU A 119 2.56 -0.02 11.02
CA LEU A 119 2.79 0.18 12.45
C LEU A 119 3.93 1.15 12.69
N VAL A 120 4.83 1.26 11.71
CA VAL A 120 5.98 2.15 11.81
C VAL A 120 5.63 3.40 12.61
N GLN A 121 6.42 3.67 13.65
CA GLN A 121 6.19 4.84 14.49
C GLN A 121 7.08 6.00 14.05
N THR A 122 7.14 6.23 12.74
CA THR A 122 7.95 7.31 12.20
C THR A 122 7.12 8.55 11.94
N SER A 123 5.79 8.40 12.03
CA SER A 123 4.88 9.51 11.80
C SER A 123 5.41 10.44 10.72
N GLY A 124 5.87 9.86 9.61
CA GLY A 124 6.41 10.64 8.52
C GLY A 124 5.57 11.87 8.23
N PRO A 125 4.49 11.69 7.45
CA PRO A 125 3.58 12.78 7.08
C PRO A 125 3.22 13.65 8.28
N SER A 126 3.14 14.96 8.07
CA SER A 126 2.80 15.90 9.12
C SER A 126 1.29 16.19 9.12
N SER A 127 0.74 16.35 10.32
CA SER A 127 -0.69 16.64 10.46
C SER A 127 -1.09 17.86 9.64
N GLY A 128 -1.79 17.62 8.53
CA GLY A 128 -2.23 18.71 7.68
C GLY A 128 -3.49 18.38 6.92
N GLY A 1 18.53 16.69 21.26
CA GLY A 1 17.51 16.99 20.26
C GLY A 1 17.68 18.37 19.66
N SER A 2 16.70 18.80 18.87
CA SER A 2 16.75 20.11 18.23
C SER A 2 15.49 20.91 18.54
N SER A 3 14.34 20.24 18.52
CA SER A 3 13.07 20.89 18.79
C SER A 3 12.96 22.21 18.03
N GLY A 4 13.31 22.18 16.74
CA GLY A 4 13.24 23.37 15.93
C GLY A 4 12.75 23.09 14.52
N SER A 5 11.74 22.23 14.41
CA SER A 5 11.18 21.87 13.11
C SER A 5 10.59 23.10 12.41
N SER A 6 10.82 23.19 11.11
CA SER A 6 10.32 24.31 10.32
C SER A 6 9.32 23.84 9.28
N GLY A 7 9.74 22.92 8.42
CA GLY A 7 8.87 22.40 7.39
C GLY A 7 9.49 21.24 6.63
N LYS A 8 8.93 20.93 5.47
CA LYS A 8 9.43 19.84 4.65
C LYS A 8 9.55 20.27 3.18
N ARG A 9 8.47 20.79 2.63
CA ARG A 9 8.45 21.24 1.25
C ARG A 9 8.53 20.06 0.29
N SER A 10 7.79 19.00 0.60
CA SER A 10 7.78 17.80 -0.22
C SER A 10 6.47 17.68 -1.00
N ASN A 11 6.47 18.19 -2.22
CA ASN A 11 5.28 18.14 -3.07
C ASN A 11 4.95 16.71 -3.47
N SER A 12 5.88 16.06 -4.16
CA SER A 12 5.69 14.69 -4.60
C SER A 12 6.73 13.76 -3.98
N ILE A 13 6.56 12.46 -4.19
CA ILE A 13 7.49 11.48 -3.65
C ILE A 13 8.20 10.72 -4.77
N LYS A 14 9.51 10.54 -4.61
CA LYS A 14 10.32 9.84 -5.60
C LYS A 14 10.86 8.54 -5.03
N ARG A 15 10.68 7.45 -5.78
CA ARG A 15 11.15 6.14 -5.35
C ARG A 15 12.67 6.14 -5.18
N ASN A 16 13.18 5.14 -4.48
CA ASN A 16 14.62 5.02 -4.24
C ASN A 16 15.13 3.65 -4.68
N PRO A 17 15.62 3.56 -5.92
CA PRO A 17 16.15 2.32 -6.49
C PRO A 17 17.04 1.57 -5.50
N ASN A 18 17.93 2.30 -4.84
CA ASN A 18 18.84 1.70 -3.88
C ASN A 18 18.07 0.99 -2.77
N ALA A 19 17.06 1.66 -2.22
CA ALA A 19 16.25 1.08 -1.16
C ALA A 19 15.79 -0.33 -1.53
N PRO A 20 16.40 -1.33 -0.89
CA PRO A 20 16.09 -2.74 -1.13
C PRO A 20 14.58 -2.99 -1.16
N VAL A 21 14.15 -3.89 -2.05
CA VAL A 21 12.74 -4.23 -2.17
C VAL A 21 12.39 -5.45 -1.32
N VAL A 22 11.44 -5.27 -0.41
CA VAL A 22 11.01 -6.36 0.46
C VAL A 22 10.36 -7.49 -0.35
N ARG A 23 9.38 -7.13 -1.17
CA ARG A 23 8.68 -8.11 -1.99
C ARG A 23 7.82 -7.41 -3.05
N ARG A 24 7.81 -7.98 -4.25
CA ARG A 24 7.04 -7.42 -5.35
C ARG A 24 6.19 -8.49 -6.02
N GLY A 25 4.89 -8.23 -6.15
CA GLY A 25 4.00 -9.18 -6.78
C GLY A 25 2.72 -8.54 -7.27
N TRP A 26 2.03 -9.21 -8.19
CA TRP A 26 0.79 -8.69 -8.75
C TRP A 26 -0.35 -8.79 -7.74
N LEU A 27 -0.51 -7.75 -6.94
CA LEU A 27 -1.57 -7.72 -5.93
C LEU A 27 -2.88 -7.24 -6.52
N TYR A 28 -3.98 -7.52 -5.82
CA TYR A 28 -5.30 -7.10 -6.28
C TYR A 28 -5.88 -6.03 -5.37
N LYS A 29 -6.32 -4.93 -5.97
CA LYS A 29 -6.90 -3.83 -5.22
C LYS A 29 -8.40 -3.73 -5.48
N GLN A 30 -9.14 -3.23 -4.49
CA GLN A 30 -10.58 -3.07 -4.60
C GLN A 30 -10.93 -1.77 -5.32
N ASP A 31 -12.03 -1.79 -6.08
CA ASP A 31 -12.47 -0.61 -6.80
C ASP A 31 -13.99 -0.44 -6.69
N SER A 32 -14.51 0.57 -7.37
CA SER A 32 -15.95 0.84 -7.34
C SER A 32 -16.60 0.47 -8.68
N THR A 33 -16.32 1.25 -9.70
CA THR A 33 -16.87 1.01 -11.03
C THR A 33 -18.28 0.43 -10.93
N GLY A 34 -19.04 0.89 -9.95
CA GLY A 34 -20.40 0.41 -9.77
C GLY A 34 -20.46 -0.87 -8.95
N MET A 35 -19.48 -1.74 -9.16
CA MET A 35 -19.42 -3.01 -8.43
C MET A 35 -18.09 -3.17 -7.72
N LYS A 36 -18.13 -3.67 -6.50
CA LYS A 36 -16.91 -3.89 -5.71
C LYS A 36 -16.12 -5.08 -6.24
N LEU A 37 -15.35 -4.84 -7.29
CA LEU A 37 -14.54 -5.90 -7.90
C LEU A 37 -13.05 -5.63 -7.66
N TRP A 38 -12.23 -6.62 -7.99
CA TRP A 38 -10.79 -6.50 -7.82
C TRP A 38 -10.10 -6.25 -9.16
N LYS A 39 -8.96 -5.57 -9.12
CA LYS A 39 -8.21 -5.26 -10.34
C LYS A 39 -6.78 -5.77 -10.22
N LYS A 40 -6.21 -6.20 -11.35
CA LYS A 40 -4.85 -6.71 -11.38
C LYS A 40 -3.85 -5.58 -11.64
N ARG A 41 -2.88 -5.45 -10.75
CA ARG A 41 -1.86 -4.41 -10.88
C ARG A 41 -0.53 -4.87 -10.29
N TRP A 42 0.55 -4.24 -10.73
CA TRP A 42 1.89 -4.59 -10.25
C TRP A 42 2.24 -3.77 -9.00
N PHE A 43 2.22 -4.43 -7.85
CA PHE A 43 2.54 -3.76 -6.59
C PHE A 43 3.98 -4.08 -6.15
N VAL A 44 4.58 -3.15 -5.42
CA VAL A 44 5.94 -3.34 -4.92
C VAL A 44 6.12 -2.72 -3.55
N LEU A 45 6.73 -3.48 -2.64
CA LEU A 45 6.96 -3.01 -1.28
C LEU A 45 8.40 -2.51 -1.11
N SER A 46 8.56 -1.20 -1.15
CA SER A 46 9.88 -0.59 -1.00
C SER A 46 9.82 0.66 -0.12
N ASP A 47 10.87 0.88 0.65
CA ASP A 47 10.94 2.04 1.54
C ASP A 47 9.67 2.15 2.37
N LEU A 48 9.27 1.04 2.99
CA LEU A 48 8.07 1.01 3.82
C LEU A 48 6.94 1.83 3.17
N CYS A 49 6.76 1.65 1.87
CA CYS A 49 5.72 2.36 1.14
C CYS A 49 5.18 1.51 -0.01
N LEU A 50 4.03 1.89 -0.53
CA LEU A 50 3.41 1.16 -1.63
C LEU A 50 3.64 1.88 -2.96
N PHE A 51 3.99 1.11 -3.98
CA PHE A 51 4.24 1.68 -5.30
C PHE A 51 3.72 0.75 -6.40
N TYR A 52 2.83 1.28 -7.24
CA TYR A 52 2.25 0.50 -8.32
C TYR A 52 2.46 1.19 -9.67
N TYR A 53 2.61 0.39 -10.72
CA TYR A 53 2.82 0.94 -12.06
C TYR A 53 1.81 0.37 -13.04
N ARG A 54 1.93 0.76 -14.30
CA ARG A 54 1.03 0.29 -15.35
C ARG A 54 1.37 -1.13 -15.76
N ASP A 55 2.62 -1.53 -15.53
CA ASP A 55 3.06 -2.87 -15.87
C ASP A 55 4.37 -3.21 -15.16
N GLU A 56 4.83 -4.45 -15.32
CA GLU A 56 6.06 -4.89 -14.68
C GLU A 56 7.26 -4.10 -15.20
N LYS A 57 7.02 -3.29 -16.23
CA LYS A 57 8.07 -2.48 -16.82
C LYS A 57 8.52 -1.37 -15.86
N GLU A 58 7.65 -1.03 -14.90
CA GLU A 58 7.94 0.00 -13.93
C GLU A 58 8.48 1.25 -14.62
N GLU A 59 7.72 1.75 -15.58
CA GLU A 59 8.11 2.95 -16.32
C GLU A 59 7.24 4.14 -15.91
N GLY A 60 7.45 4.63 -14.70
CA GLY A 60 6.68 5.77 -14.22
C GLY A 60 5.55 5.34 -13.31
N ILE A 61 5.70 5.59 -12.01
CA ILE A 61 4.68 5.24 -11.04
C ILE A 61 3.40 6.05 -11.26
N LEU A 62 2.27 5.35 -11.31
CA LEU A 62 0.99 6.02 -11.51
C LEU A 62 0.50 6.70 -10.23
N GLY A 63 0.89 6.12 -9.10
CA GLY A 63 0.50 6.69 -7.82
C GLY A 63 1.10 5.94 -6.65
N SER A 64 1.56 6.68 -5.64
CA SER A 64 2.17 6.07 -4.47
C SER A 64 1.18 6.08 -3.29
N ILE A 65 1.29 5.06 -2.44
CA ILE A 65 0.40 4.95 -1.28
C ILE A 65 1.21 4.82 0.00
N LEU A 66 0.99 5.74 0.93
CA LEU A 66 1.69 5.73 2.21
C LEU A 66 1.06 4.72 3.17
N LEU A 67 1.79 3.65 3.46
CA LEU A 67 1.31 2.62 4.36
C LEU A 67 1.26 3.13 5.80
N PRO A 68 2.31 3.85 6.20
CA PRO A 68 2.42 4.41 7.55
C PRO A 68 1.15 5.14 7.97
N SER A 69 0.37 5.60 6.99
CA SER A 69 -0.87 6.31 7.26
C SER A 69 -2.06 5.35 7.25
N PHE A 70 -1.89 4.22 6.59
CA PHE A 70 -2.95 3.21 6.50
C PHE A 70 -2.95 2.31 7.73
N GLN A 71 -4.06 1.61 7.95
CA GLN A 71 -4.18 0.71 9.09
C GLN A 71 -4.58 -0.68 8.63
N ILE A 72 -3.63 -1.62 8.72
CA ILE A 72 -3.89 -3.00 8.32
C ILE A 72 -4.61 -3.76 9.40
N ALA A 73 -5.85 -4.17 9.12
CA ALA A 73 -6.65 -4.91 10.08
C ALA A 73 -7.49 -5.97 9.38
N LEU A 74 -7.52 -7.18 9.95
CA LEU A 74 -8.28 -8.28 9.39
C LEU A 74 -9.74 -7.89 9.20
N LEU A 75 -10.29 -8.22 8.03
CA LEU A 75 -11.68 -7.90 7.73
C LEU A 75 -12.57 -8.18 8.92
N THR A 76 -13.79 -7.63 8.88
CA THR A 76 -14.75 -7.82 9.97
C THR A 76 -16.18 -7.68 9.46
N SER A 77 -17.13 -8.13 10.27
CA SER A 77 -18.54 -8.06 9.91
C SER A 77 -18.83 -6.81 9.09
N GLU A 78 -18.13 -5.73 9.40
CA GLU A 78 -18.32 -4.47 8.70
C GLU A 78 -18.25 -4.68 7.19
N ASP A 79 -17.19 -5.33 6.73
CA ASP A 79 -17.01 -5.61 5.30
C ASP A 79 -17.81 -6.84 4.89
N HIS A 80 -18.78 -6.62 3.99
CA HIS A 80 -19.61 -7.71 3.51
C HIS A 80 -19.06 -8.28 2.20
N ILE A 81 -17.74 -8.41 2.13
CA ILE A 81 -17.09 -8.95 0.94
C ILE A 81 -17.23 -10.46 0.87
N ASN A 82 -17.32 -10.98 -0.35
CA ASN A 82 -17.46 -12.42 -0.56
C ASN A 82 -16.10 -13.10 -0.52
N ARG A 83 -15.09 -12.43 -1.07
CA ARG A 83 -13.73 -12.97 -1.09
C ARG A 83 -13.21 -13.19 0.32
N LYS A 84 -12.38 -14.21 0.49
CA LYS A 84 -11.80 -14.53 1.79
C LYS A 84 -10.28 -14.37 1.76
N TYR A 85 -9.64 -14.67 2.88
CA TYR A 85 -8.19 -14.56 2.99
C TYR A 85 -7.71 -13.19 2.52
N ALA A 86 -8.48 -12.16 2.83
CA ALA A 86 -8.14 -10.80 2.44
C ALA A 86 -8.12 -9.86 3.64
N PHE A 87 -7.62 -8.65 3.44
CA PHE A 87 -7.55 -7.66 4.51
C PHE A 87 -8.02 -6.30 4.02
N LYS A 88 -7.95 -5.31 4.91
CA LYS A 88 -8.37 -3.96 4.56
C LYS A 88 -7.45 -2.92 5.22
N ALA A 89 -7.31 -1.77 4.58
CA ALA A 89 -6.47 -0.70 5.10
C ALA A 89 -7.26 0.58 5.31
N ALA A 90 -7.32 1.04 6.56
CA ALA A 90 -8.05 2.25 6.90
C ALA A 90 -7.14 3.47 6.84
N HIS A 91 -7.68 4.59 6.35
CA HIS A 91 -6.92 5.83 6.25
C HIS A 91 -7.73 7.01 6.76
N PRO A 92 -7.05 7.92 7.48
CA PRO A 92 -7.68 9.11 8.05
C PRO A 92 -8.00 10.16 6.99
N ASN A 93 -7.01 10.48 6.16
CA ASN A 93 -7.18 11.47 5.10
C ASN A 93 -7.65 10.81 3.81
N MET A 94 -7.99 9.52 3.90
CA MET A 94 -8.46 8.78 2.73
C MET A 94 -9.49 7.73 3.14
N ARG A 95 -9.93 6.94 2.16
CA ARG A 95 -10.92 5.90 2.41
C ARG A 95 -10.24 4.59 2.79
N THR A 96 -11.05 3.56 3.05
CA THR A 96 -10.53 2.26 3.43
C THR A 96 -10.30 1.38 2.20
N TYR A 97 -9.06 0.94 2.02
CA TYR A 97 -8.72 0.10 0.88
C TYR A 97 -8.93 -1.38 1.22
N TYR A 98 -8.97 -2.21 0.19
CA TYR A 98 -9.17 -3.65 0.36
C TYR A 98 -8.28 -4.44 -0.58
N PHE A 99 -7.52 -5.37 -0.02
CA PHE A 99 -6.62 -6.21 -0.80
C PHE A 99 -6.82 -7.69 -0.49
N CYS A 100 -6.63 -8.54 -1.49
CA CYS A 100 -6.79 -9.97 -1.32
C CYS A 100 -5.77 -10.75 -2.15
N THR A 101 -5.58 -12.01 -1.81
CA THR A 101 -4.63 -12.86 -2.52
C THR A 101 -5.26 -14.18 -2.93
N ASP A 102 -4.47 -15.05 -3.54
CA ASP A 102 -4.95 -16.35 -3.99
C ASP A 102 -5.00 -17.33 -2.82
N THR A 103 -3.98 -17.32 -1.99
CA THR A 103 -3.91 -18.20 -0.84
C THR A 103 -3.41 -17.48 0.40
N GLY A 104 -3.39 -18.17 1.53
CA GLY A 104 -2.94 -17.56 2.77
C GLY A 104 -1.52 -17.05 2.68
N LYS A 105 -0.67 -17.79 1.96
CA LYS A 105 0.73 -17.40 1.80
C LYS A 105 0.83 -16.02 1.15
N GLU A 106 0.38 -15.92 -0.09
CA GLU A 106 0.42 -14.66 -0.82
C GLU A 106 -0.05 -13.51 0.06
N MET A 107 -0.81 -13.83 1.09
CA MET A 107 -1.32 -12.82 2.01
C MET A 107 -0.32 -12.53 3.13
N GLU A 108 0.19 -13.60 3.73
CA GLU A 108 1.16 -13.47 4.82
C GLU A 108 2.41 -12.72 4.34
N LEU A 109 2.71 -12.85 3.06
CA LEU A 109 3.88 -12.20 2.48
C LEU A 109 3.64 -10.70 2.30
N TRP A 110 2.39 -10.33 2.04
CA TRP A 110 2.02 -8.94 1.87
C TRP A 110 1.81 -8.25 3.20
N MET A 111 1.12 -8.93 4.11
CA MET A 111 0.85 -8.39 5.44
C MET A 111 2.15 -8.18 6.22
N LYS A 112 2.87 -9.27 6.46
CA LYS A 112 4.13 -9.20 7.20
C LYS A 112 4.91 -7.93 6.82
N ALA A 113 4.92 -7.61 5.53
CA ALA A 113 5.62 -6.43 5.05
C ALA A 113 4.81 -5.17 5.30
N MET A 114 3.62 -5.10 4.70
CA MET A 114 2.75 -3.95 4.86
C MET A 114 2.71 -3.49 6.31
N LEU A 115 2.35 -4.40 7.21
CA LEU A 115 2.27 -4.08 8.63
C LEU A 115 3.56 -3.43 9.11
N ASP A 116 4.70 -3.92 8.62
CA ASP A 116 5.99 -3.39 8.99
C ASP A 116 6.08 -1.89 8.67
N ALA A 117 5.42 -1.49 7.58
CA ALA A 117 5.42 -0.10 7.16
C ALA A 117 4.33 0.70 7.87
N ALA A 118 3.12 0.14 7.89
CA ALA A 118 1.99 0.80 8.55
C ALA A 118 2.32 1.12 10.00
N LEU A 119 2.72 0.09 10.76
CA LEU A 119 3.06 0.27 12.16
C LEU A 119 3.82 1.57 12.39
N VAL A 120 4.53 2.02 11.35
CA VAL A 120 5.30 3.26 11.43
C VAL A 120 4.41 4.43 11.83
N GLN A 121 4.88 5.22 12.79
CA GLN A 121 4.13 6.37 13.27
C GLN A 121 4.82 7.68 12.87
N THR A 122 5.20 7.77 11.60
CA THR A 122 5.87 8.95 11.08
C THR A 122 4.86 10.00 10.63
N SER A 123 3.69 9.99 11.25
CA SER A 123 2.64 10.94 10.90
C SER A 123 2.93 12.31 11.48
N GLY A 124 2.57 13.36 10.74
CA GLY A 124 2.80 14.71 11.19
C GLY A 124 1.54 15.39 11.68
N PRO A 125 0.74 15.90 10.75
CA PRO A 125 -0.52 16.59 11.08
C PRO A 125 -1.64 15.62 11.42
N SER A 126 -1.73 15.27 12.70
CA SER A 126 -2.76 14.35 13.17
C SER A 126 -3.52 14.93 14.36
N SER A 127 -4.61 14.27 14.74
CA SER A 127 -5.42 14.72 15.86
C SER A 127 -5.26 13.79 17.06
N GLY A 128 -5.40 14.35 18.26
CA GLY A 128 -5.27 13.56 19.46
C GLY A 128 -4.22 14.10 20.41
N GLY A 1 20.97 13.64 21.94
CA GLY A 1 21.35 14.99 21.60
C GLY A 1 20.42 15.61 20.57
N SER A 2 20.86 16.70 19.95
CA SER A 2 20.07 17.39 18.95
C SER A 2 20.17 16.69 17.59
N SER A 3 19.27 17.03 16.68
CA SER A 3 19.26 16.44 15.35
C SER A 3 19.61 17.48 14.29
N GLY A 4 19.83 17.02 13.07
CA GLY A 4 20.17 17.92 11.97
C GLY A 4 20.19 17.22 10.63
N SER A 5 19.01 17.02 10.05
CA SER A 5 18.89 16.36 8.76
C SER A 5 18.29 17.30 7.72
N SER A 6 18.45 16.94 6.45
CA SER A 6 17.93 17.75 5.35
C SER A 6 16.49 17.38 5.04
N GLY A 7 15.66 18.39 4.79
CA GLY A 7 14.27 18.16 4.48
C GLY A 7 13.93 18.45 3.03
N LYS A 8 12.66 18.37 2.70
CA LYS A 8 12.21 18.62 1.32
C LYS A 8 10.68 18.61 1.25
N ARG A 9 10.14 19.51 0.43
CA ARG A 9 8.69 19.60 0.26
C ARG A 9 8.30 19.37 -1.20
N SER A 10 7.90 18.15 -1.51
CA SER A 10 7.50 17.80 -2.86
C SER A 10 6.11 17.14 -2.88
N ASN A 11 5.18 17.77 -3.59
CA ASN A 11 3.82 17.25 -3.68
C ASN A 11 3.83 15.72 -3.77
N SER A 12 4.43 15.21 -4.84
CA SER A 12 4.51 13.77 -5.06
C SER A 12 5.73 13.18 -4.36
N ILE A 13 5.87 11.86 -4.46
CA ILE A 13 7.01 11.18 -3.85
C ILE A 13 7.77 10.35 -4.87
N LYS A 14 9.10 10.39 -4.79
CA LYS A 14 9.96 9.65 -5.71
C LYS A 14 10.50 8.38 -5.05
N ARG A 15 10.47 7.28 -5.78
CA ARG A 15 10.96 6.01 -5.27
C ARG A 15 12.47 5.88 -5.48
N ASN A 16 13.19 5.67 -4.38
CA ASN A 16 14.64 5.54 -4.43
C ASN A 16 15.05 4.13 -4.84
N PRO A 17 15.64 4.00 -6.03
CA PRO A 17 16.10 2.70 -6.56
C PRO A 17 16.83 1.88 -5.52
N ASN A 18 17.89 2.46 -4.95
CA ASN A 18 18.68 1.77 -3.93
C ASN A 18 17.78 1.10 -2.90
N ALA A 19 16.84 1.86 -2.36
CA ALA A 19 15.91 1.35 -1.36
C ALA A 19 15.57 -0.12 -1.64
N PRO A 20 16.20 -1.03 -0.88
CA PRO A 20 15.98 -2.47 -1.03
C PRO A 20 14.50 -2.82 -1.14
N VAL A 21 14.20 -3.81 -1.98
CA VAL A 21 12.81 -4.24 -2.17
C VAL A 21 12.50 -5.48 -1.34
N VAL A 22 11.45 -5.39 -0.53
CA VAL A 22 11.05 -6.51 0.32
C VAL A 22 10.48 -7.65 -0.51
N ARG A 23 9.44 -7.36 -1.28
CA ARG A 23 8.81 -8.36 -2.12
C ARG A 23 7.82 -7.72 -3.08
N ARG A 24 7.88 -8.13 -4.35
CA ARG A 24 6.99 -7.59 -5.37
C ARG A 24 6.19 -8.70 -6.05
N GLY A 25 4.89 -8.50 -6.17
CA GLY A 25 4.04 -9.49 -6.79
C GLY A 25 2.71 -8.92 -7.25
N TRP A 26 2.13 -9.52 -8.27
CA TRP A 26 0.85 -9.05 -8.82
C TRP A 26 -0.24 -9.16 -7.76
N LEU A 27 -0.54 -8.03 -7.11
CA LEU A 27 -1.57 -7.98 -6.08
C LEU A 27 -2.86 -7.37 -6.63
N TYR A 28 -3.98 -7.71 -6.01
CA TYR A 28 -5.27 -7.20 -6.43
C TYR A 28 -5.78 -6.15 -5.45
N LYS A 29 -6.49 -5.15 -5.97
CA LYS A 29 -7.03 -4.08 -5.14
C LYS A 29 -8.51 -3.87 -5.44
N GLN A 30 -9.23 -3.29 -4.48
CA GLN A 30 -10.65 -3.04 -4.64
C GLN A 30 -10.91 -1.58 -5.05
N ASP A 31 -11.80 -1.40 -6.01
CA ASP A 31 -12.13 -0.06 -6.50
C ASP A 31 -13.55 0.32 -6.10
N SER A 32 -13.83 1.63 -6.12
CA SER A 32 -15.15 2.13 -5.75
C SER A 32 -15.94 2.53 -6.99
N THR A 33 -15.46 3.54 -7.71
CA THR A 33 -16.12 4.01 -8.92
C THR A 33 -16.53 2.85 -9.81
N GLY A 34 -15.72 1.80 -9.82
CA GLY A 34 -16.01 0.64 -10.64
C GLY A 34 -17.24 -0.11 -10.16
N MET A 35 -17.17 -1.44 -10.19
CA MET A 35 -18.27 -2.27 -9.75
C MET A 35 -17.89 -3.09 -8.52
N LYS A 36 -17.13 -2.48 -7.63
CA LYS A 36 -16.69 -3.15 -6.41
C LYS A 36 -15.99 -4.46 -6.73
N LEU A 37 -15.15 -4.44 -7.77
CA LEU A 37 -14.42 -5.63 -8.18
C LEU A 37 -12.94 -5.49 -7.86
N TRP A 38 -12.15 -6.51 -8.21
CA TRP A 38 -10.72 -6.50 -7.96
C TRP A 38 -9.94 -6.31 -9.26
N LYS A 39 -9.08 -5.30 -9.29
CA LYS A 39 -8.27 -5.01 -10.47
C LYS A 39 -6.86 -5.55 -10.31
N LYS A 40 -6.23 -5.89 -11.42
CA LYS A 40 -4.87 -6.43 -11.41
C LYS A 40 -3.86 -5.33 -11.66
N ARG A 41 -3.03 -5.04 -10.66
CA ARG A 41 -2.02 -4.00 -10.78
C ARG A 41 -0.72 -4.43 -10.07
N TRP A 42 0.41 -4.04 -10.65
CA TRP A 42 1.71 -4.38 -10.08
C TRP A 42 1.95 -3.62 -8.78
N PHE A 43 2.37 -4.34 -7.74
CA PHE A 43 2.62 -3.74 -6.45
C PHE A 43 4.03 -4.09 -5.95
N VAL A 44 4.73 -3.10 -5.40
CA VAL A 44 6.08 -3.31 -4.90
C VAL A 44 6.23 -2.72 -3.50
N LEU A 45 6.76 -3.53 -2.58
CA LEU A 45 6.96 -3.09 -1.21
C LEU A 45 8.41 -2.68 -0.97
N SER A 46 8.65 -1.37 -1.00
CA SER A 46 9.99 -0.84 -0.79
C SER A 46 9.95 0.49 -0.04
N ASP A 47 11.02 0.80 0.67
CA ASP A 47 11.10 2.04 1.43
C ASP A 47 9.91 2.18 2.37
N LEU A 48 9.45 1.06 2.92
CA LEU A 48 8.32 1.06 3.83
C LEU A 48 7.13 1.80 3.23
N CYS A 49 6.95 1.64 1.93
CA CYS A 49 5.84 2.29 1.22
C CYS A 49 5.34 1.42 0.08
N LEU A 50 4.14 1.73 -0.41
CA LEU A 50 3.54 0.98 -1.50
C LEU A 50 3.74 1.68 -2.83
N PHE A 51 4.29 0.97 -3.80
CA PHE A 51 4.53 1.53 -5.13
C PHE A 51 4.02 0.60 -6.22
N TYR A 52 3.18 1.13 -7.10
CA TYR A 52 2.61 0.34 -8.18
C TYR A 52 2.81 1.05 -9.52
N TYR A 53 2.75 0.27 -10.61
CA TYR A 53 2.91 0.82 -11.94
C TYR A 53 1.87 0.27 -12.91
N ARG A 54 1.96 0.67 -14.17
CA ARG A 54 1.02 0.21 -15.18
C ARG A 54 1.11 -1.30 -15.38
N ASP A 55 2.31 -1.85 -15.17
CA ASP A 55 2.54 -3.28 -15.32
C ASP A 55 3.87 -3.68 -14.70
N GLU A 56 4.17 -4.98 -14.76
CA GLU A 56 5.42 -5.49 -14.19
C GLU A 56 6.62 -4.69 -14.70
N LYS A 57 6.50 -4.17 -15.91
CA LYS A 57 7.58 -3.38 -16.51
C LYS A 57 8.10 -2.33 -15.53
N GLU A 58 7.23 -1.91 -14.62
CA GLU A 58 7.60 -0.91 -13.63
C GLU A 58 8.14 0.36 -14.30
N GLU A 59 7.46 0.80 -15.35
CA GLU A 59 7.86 1.99 -16.07
C GLU A 59 6.96 3.17 -15.72
N GLY A 60 7.42 3.99 -14.78
CA GLY A 60 6.66 5.14 -14.35
C GLY A 60 5.57 4.79 -13.36
N ILE A 61 5.71 5.27 -12.13
CA ILE A 61 4.73 5.01 -11.09
C ILE A 61 3.47 5.86 -11.27
N LEU A 62 2.32 5.19 -11.34
CA LEU A 62 1.05 5.89 -11.51
C LEU A 62 0.66 6.62 -10.24
N GLY A 63 1.06 6.08 -9.09
CA GLY A 63 0.74 6.70 -7.82
C GLY A 63 1.30 5.93 -6.64
N SER A 64 1.80 6.66 -5.65
CA SER A 64 2.39 6.04 -4.46
C SER A 64 1.38 6.02 -3.31
N ILE A 65 1.54 5.05 -2.42
CA ILE A 65 0.64 4.92 -1.27
C ILE A 65 1.44 4.76 0.02
N LEU A 66 1.17 5.64 0.98
CA LEU A 66 1.85 5.59 2.27
C LEU A 66 1.21 4.57 3.19
N LEU A 67 1.96 3.53 3.54
CA LEU A 67 1.46 2.48 4.42
C LEU A 67 1.38 2.97 5.86
N PRO A 68 2.42 3.69 6.30
CA PRO A 68 2.49 4.24 7.67
C PRO A 68 1.20 4.95 8.07
N SER A 69 0.47 5.43 7.07
CA SER A 69 -0.78 6.15 7.32
C SER A 69 -1.97 5.19 7.29
N PHE A 70 -1.79 4.06 6.59
CA PHE A 70 -2.85 3.07 6.48
C PHE A 70 -2.84 2.12 7.67
N GLN A 71 -4.01 1.64 8.06
CA GLN A 71 -4.13 0.72 9.18
C GLN A 71 -4.52 -0.67 8.72
N ILE A 72 -3.58 -1.61 8.83
CA ILE A 72 -3.82 -2.98 8.41
C ILE A 72 -4.58 -3.76 9.48
N ALA A 73 -5.79 -4.21 9.14
CA ALA A 73 -6.61 -4.95 10.07
C ALA A 73 -7.50 -5.96 9.33
N LEU A 74 -7.60 -7.17 9.88
CA LEU A 74 -8.41 -8.22 9.27
C LEU A 74 -9.84 -7.74 9.05
N LEU A 75 -10.43 -8.15 7.93
CA LEU A 75 -11.80 -7.76 7.60
C LEU A 75 -12.76 -8.13 8.74
N THR A 76 -13.93 -7.51 8.73
CA THR A 76 -14.93 -7.78 9.76
C THR A 76 -16.26 -8.16 9.14
N SER A 77 -17.17 -8.71 9.96
CA SER A 77 -18.48 -9.13 9.48
C SER A 77 -19.12 -8.04 8.64
N GLU A 78 -18.90 -6.79 9.03
CA GLU A 78 -19.46 -5.65 8.31
C GLU A 78 -18.95 -5.60 6.87
N ASP A 79 -17.70 -6.03 6.69
CA ASP A 79 -17.09 -6.04 5.37
C ASP A 79 -18.11 -6.38 4.30
N HIS A 80 -18.89 -7.43 4.54
CA HIS A 80 -19.92 -7.86 3.60
C HIS A 80 -19.28 -8.28 2.27
N ILE A 81 -18.05 -8.78 2.34
CA ILE A 81 -17.34 -9.21 1.15
C ILE A 81 -17.21 -10.73 1.11
N ASN A 82 -17.57 -11.33 -0.02
CA ASN A 82 -17.48 -12.77 -0.19
C ASN A 82 -16.10 -13.19 -0.68
N ARG A 83 -15.07 -12.57 -0.12
CA ARG A 83 -13.69 -12.87 -0.50
C ARG A 83 -12.81 -13.05 0.74
N LYS A 84 -12.51 -14.30 1.06
CA LYS A 84 -11.68 -14.63 2.21
C LYS A 84 -10.20 -14.43 1.88
N TYR A 85 -9.35 -14.62 2.89
CA TYR A 85 -7.91 -14.47 2.71
C TYR A 85 -7.56 -13.06 2.22
N ALA A 86 -8.34 -12.08 2.69
CA ALA A 86 -8.11 -10.69 2.30
C ALA A 86 -8.10 -9.78 3.53
N PHE A 87 -7.70 -8.53 3.32
CA PHE A 87 -7.65 -7.56 4.40
C PHE A 87 -8.10 -6.18 3.93
N LYS A 88 -8.04 -5.20 4.81
CA LYS A 88 -8.43 -3.83 4.48
C LYS A 88 -7.57 -2.82 5.23
N ALA A 89 -7.17 -1.76 4.54
CA ALA A 89 -6.35 -0.72 5.13
C ALA A 89 -7.13 0.58 5.29
N ALA A 90 -7.26 1.04 6.53
CA ALA A 90 -7.99 2.27 6.82
C ALA A 90 -7.06 3.48 6.82
N HIS A 91 -7.56 4.62 6.36
CA HIS A 91 -6.77 5.83 6.30
C HIS A 91 -7.53 7.00 6.93
N PRO A 92 -6.80 7.85 7.67
CA PRO A 92 -7.38 9.01 8.35
C PRO A 92 -7.73 10.13 7.37
N ASN A 93 -6.80 10.45 6.48
CA ASN A 93 -7.01 11.49 5.48
C ASN A 93 -7.51 10.90 4.17
N MET A 94 -7.85 9.62 4.19
CA MET A 94 -8.36 8.94 3.00
C MET A 94 -9.36 7.86 3.37
N ARG A 95 -9.89 7.18 2.37
CA ARG A 95 -10.87 6.12 2.58
C ARG A 95 -10.18 4.81 2.95
N THR A 96 -10.97 3.74 3.08
CA THR A 96 -10.44 2.43 3.43
C THR A 96 -10.22 1.58 2.19
N TYR A 97 -8.98 1.14 1.99
CA TYR A 97 -8.64 0.30 0.84
C TYR A 97 -8.87 -1.17 1.15
N TYR A 98 -8.83 -2.00 0.11
CA TYR A 98 -9.03 -3.44 0.26
C TYR A 98 -8.10 -4.22 -0.67
N PHE A 99 -7.54 -5.31 -0.14
CA PHE A 99 -6.63 -6.14 -0.92
C PHE A 99 -6.81 -7.62 -0.57
N CYS A 100 -6.79 -8.47 -1.58
CA CYS A 100 -6.96 -9.90 -1.39
C CYS A 100 -5.93 -10.69 -2.19
N THR A 101 -5.74 -11.95 -1.81
CA THR A 101 -4.77 -12.80 -2.49
C THR A 101 -5.41 -14.11 -2.94
N ASP A 102 -4.60 -15.01 -3.48
CA ASP A 102 -5.08 -16.30 -3.94
C ASP A 102 -4.98 -17.35 -2.84
N THR A 103 -3.89 -17.32 -2.10
CA THR A 103 -3.66 -18.27 -1.02
C THR A 103 -3.23 -17.55 0.26
N GLY A 104 -3.20 -18.29 1.36
CA GLY A 104 -2.80 -17.71 2.63
C GLY A 104 -1.44 -17.05 2.57
N LYS A 105 -0.47 -17.75 1.99
CA LYS A 105 0.88 -17.22 1.86
C LYS A 105 0.87 -15.84 1.21
N GLU A 106 0.45 -15.79 -0.06
CA GLU A 106 0.39 -14.54 -0.80
C GLU A 106 -0.12 -13.40 0.10
N MET A 107 -0.90 -13.76 1.10
CA MET A 107 -1.45 -12.78 2.02
C MET A 107 -0.49 -12.52 3.18
N GLU A 108 0.12 -13.58 3.68
CA GLU A 108 1.07 -13.46 4.79
C GLU A 108 2.29 -12.65 4.38
N LEU A 109 2.75 -12.85 3.14
CA LEU A 109 3.91 -12.14 2.62
C LEU A 109 3.61 -10.66 2.48
N TRP A 110 2.41 -10.34 2.04
CA TRP A 110 1.99 -8.95 1.85
C TRP A 110 1.72 -8.28 3.20
N MET A 111 1.06 -9.02 4.09
CA MET A 111 0.74 -8.49 5.42
C MET A 111 2.01 -8.26 6.23
N LYS A 112 2.73 -9.34 6.51
CA LYS A 112 3.97 -9.24 7.28
C LYS A 112 4.74 -7.97 6.93
N ALA A 113 4.79 -7.65 5.64
CA ALA A 113 5.49 -6.46 5.17
C ALA A 113 4.67 -5.21 5.44
N MET A 114 3.51 -5.12 4.81
CA MET A 114 2.63 -3.96 4.97
C MET A 114 2.64 -3.49 6.41
N LEU A 115 2.43 -4.41 7.35
CA LEU A 115 2.41 -4.08 8.76
C LEU A 115 3.72 -3.42 9.19
N ASP A 116 4.82 -3.90 8.62
CA ASP A 116 6.14 -3.35 8.94
C ASP A 116 6.17 -1.85 8.73
N ALA A 117 5.58 -1.39 7.62
CA ALA A 117 5.54 0.03 7.32
C ALA A 117 4.39 0.72 8.03
N ALA A 118 3.19 0.15 7.92
CA ALA A 118 2.02 0.71 8.57
C ALA A 118 2.29 0.98 10.05
N LEU A 119 2.87 0.00 10.73
CA LEU A 119 3.17 0.13 12.15
C LEU A 119 3.87 1.46 12.44
N VAL A 120 4.62 1.95 11.45
CA VAL A 120 5.34 3.21 11.59
C VAL A 120 4.41 4.33 12.05
N GLN A 121 4.89 5.15 12.97
CA GLN A 121 4.10 6.27 13.49
C GLN A 121 4.72 7.61 13.11
N THR A 122 4.35 8.12 11.95
CA THR A 122 4.87 9.39 11.47
C THR A 122 3.74 10.32 11.03
N SER A 123 2.65 10.30 11.79
CA SER A 123 1.50 11.14 11.48
C SER A 123 0.93 11.77 12.73
N GLY A 124 -0.03 12.68 12.57
CA GLY A 124 -0.63 13.35 13.70
C GLY A 124 -1.58 12.45 14.47
N PRO A 125 -2.31 13.02 15.43
CA PRO A 125 -3.26 12.28 16.26
C PRO A 125 -4.58 12.01 15.53
N SER A 126 -4.48 11.69 14.25
CA SER A 126 -5.65 11.42 13.43
C SER A 126 -5.95 9.92 13.40
N SER A 127 -7.01 9.52 14.09
CA SER A 127 -7.40 8.11 14.15
C SER A 127 -8.91 7.97 14.36
N GLY A 128 -9.56 7.25 13.45
CA GLY A 128 -11.00 7.06 13.56
C GLY A 128 -11.63 6.75 12.23
N GLY A 1 16.98 3.66 12.00
CA GLY A 1 16.12 4.82 12.13
C GLY A 1 16.49 5.93 11.17
N SER A 2 15.54 6.33 10.33
CA SER A 2 15.77 7.39 9.36
C SER A 2 16.49 8.57 9.99
N SER A 3 17.60 8.98 9.39
CA SER A 3 18.39 10.10 9.90
C SER A 3 18.37 11.26 8.92
N GLY A 4 17.47 12.21 9.16
CA GLY A 4 17.36 13.37 8.29
C GLY A 4 16.08 13.38 7.49
N SER A 5 15.61 14.57 7.14
CA SER A 5 14.38 14.71 6.36
C SER A 5 14.65 15.37 5.02
N SER A 6 14.60 14.59 3.95
CA SER A 6 14.85 15.09 2.61
C SER A 6 13.54 15.21 1.83
N GLY A 7 12.92 16.38 1.90
CA GLY A 7 11.67 16.60 1.19
C GLY A 7 10.70 17.47 1.98
N LYS A 8 10.97 18.77 2.00
CA LYS A 8 10.11 19.71 2.71
C LYS A 8 8.81 19.95 1.96
N ARG A 9 7.69 19.61 2.59
CA ARG A 9 6.37 19.79 1.98
C ARG A 9 6.37 19.28 0.54
N SER A 10 7.04 18.15 0.32
CA SER A 10 7.12 17.57 -1.01
C SER A 10 5.73 17.27 -1.57
N ASN A 11 5.47 17.73 -2.79
CA ASN A 11 4.18 17.51 -3.42
C ASN A 11 4.00 16.04 -3.80
N SER A 12 5.02 15.46 -4.42
CA SER A 12 4.96 14.07 -4.84
C SER A 12 6.12 13.28 -4.24
N ILE A 13 6.08 11.95 -4.39
CA ILE A 13 7.12 11.09 -3.85
C ILE A 13 7.78 10.27 -4.97
N LYS A 14 9.02 9.89 -4.76
CA LYS A 14 9.76 9.09 -5.73
C LYS A 14 10.48 7.93 -5.07
N ARG A 15 10.32 6.74 -5.64
CA ARG A 15 10.95 5.54 -5.10
C ARG A 15 12.47 5.66 -5.14
N ASN A 16 13.10 5.54 -3.98
CA ASN A 16 14.55 5.63 -3.88
C ASN A 16 15.22 4.40 -4.49
N PRO A 17 16.36 4.63 -5.18
CA PRO A 17 17.11 3.55 -5.82
C PRO A 17 17.94 2.75 -4.83
N ASN A 18 18.69 3.44 -3.98
CA ASN A 18 19.53 2.79 -2.98
C ASN A 18 18.71 1.81 -2.14
N ALA A 19 17.53 2.24 -1.72
CA ALA A 19 16.66 1.40 -0.92
C ALA A 19 16.34 0.10 -1.64
N PRO A 20 16.38 -1.01 -0.89
CA PRO A 20 16.10 -2.35 -1.43
C PRO A 20 14.61 -2.62 -1.55
N VAL A 21 14.26 -3.76 -2.16
CA VAL A 21 12.86 -4.13 -2.33
C VAL A 21 12.51 -5.35 -1.49
N VAL A 22 11.50 -5.21 -0.65
CA VAL A 22 11.06 -6.30 0.21
C VAL A 22 10.44 -7.43 -0.58
N ARG A 23 9.36 -7.10 -1.31
CA ARG A 23 8.66 -8.09 -2.13
C ARG A 23 7.78 -7.41 -3.16
N ARG A 24 7.73 -7.99 -4.36
CA ARG A 24 6.92 -7.43 -5.44
C ARG A 24 6.08 -8.51 -6.10
N GLY A 25 4.76 -8.31 -6.12
CA GLY A 25 3.87 -9.28 -6.72
C GLY A 25 2.59 -8.65 -7.24
N TRP A 26 1.82 -9.42 -7.99
CA TRP A 26 0.57 -8.92 -8.55
C TRP A 26 -0.56 -9.01 -7.52
N LEU A 27 -0.85 -7.88 -6.88
CA LEU A 27 -1.90 -7.82 -5.87
C LEU A 27 -3.18 -7.25 -6.46
N TYR A 28 -4.33 -7.69 -5.94
CA TYR A 28 -5.62 -7.22 -6.40
C TYR A 28 -6.12 -6.06 -5.55
N LYS A 29 -6.47 -4.96 -6.21
CA LYS A 29 -6.97 -3.78 -5.50
C LYS A 29 -8.46 -3.58 -5.77
N GLN A 30 -9.21 -3.27 -4.72
CA GLN A 30 -10.65 -3.06 -4.84
C GLN A 30 -10.95 -1.59 -5.14
N ASP A 31 -12.18 -1.32 -5.56
CA ASP A 31 -12.60 0.03 -5.89
C ASP A 31 -13.40 0.64 -4.74
N SER A 32 -13.66 1.95 -4.84
CA SER A 32 -14.41 2.66 -3.80
C SER A 32 -15.77 3.08 -4.31
N THR A 33 -15.79 3.68 -5.50
CA THR A 33 -17.03 4.14 -6.11
C THR A 33 -17.64 3.07 -7.00
N GLY A 34 -18.87 3.32 -7.48
CA GLY A 34 -19.52 2.36 -8.34
C GLY A 34 -19.53 0.97 -7.77
N MET A 35 -18.75 0.08 -8.38
CA MET A 35 -18.66 -1.30 -7.92
C MET A 35 -17.42 -1.52 -7.07
N LYS A 36 -17.27 -2.72 -6.52
CA LYS A 36 -16.13 -3.06 -5.68
C LYS A 36 -15.43 -4.32 -6.18
N LEU A 37 -15.27 -4.41 -7.49
CA LEU A 37 -14.62 -5.58 -8.10
C LEU A 37 -13.12 -5.53 -7.86
N TRP A 38 -12.45 -6.67 -8.09
CA TRP A 38 -11.01 -6.76 -7.90
C TRP A 38 -10.28 -6.50 -9.21
N LYS A 39 -9.24 -5.67 -9.14
CA LYS A 39 -8.46 -5.33 -10.32
C LYS A 39 -7.00 -5.77 -10.14
N LYS A 40 -6.40 -6.26 -11.21
CA LYS A 40 -5.02 -6.71 -11.18
C LYS A 40 -4.06 -5.56 -11.45
N ARG A 41 -3.00 -5.48 -10.65
CA ARG A 41 -2.02 -4.41 -10.79
C ARG A 41 -0.70 -4.80 -10.14
N TRP A 42 0.41 -4.42 -10.78
CA TRP A 42 1.73 -4.74 -10.26
C TRP A 42 2.05 -3.89 -9.03
N PHE A 43 2.30 -4.55 -7.91
CA PHE A 43 2.62 -3.85 -6.67
C PHE A 43 4.04 -4.17 -6.22
N VAL A 44 4.65 -3.24 -5.50
CA VAL A 44 6.00 -3.43 -5.00
C VAL A 44 6.16 -2.81 -3.61
N LEU A 45 6.77 -3.57 -2.70
CA LEU A 45 6.98 -3.10 -1.33
C LEU A 45 8.44 -2.65 -1.14
N SER A 46 8.63 -1.34 -1.07
CA SER A 46 9.96 -0.78 -0.89
C SER A 46 9.92 0.44 0.04
N ASP A 47 11.03 0.68 0.74
CA ASP A 47 11.12 1.81 1.65
C ASP A 47 9.83 1.94 2.49
N LEU A 48 9.28 0.80 2.88
CA LEU A 48 8.05 0.78 3.67
C LEU A 48 6.97 1.63 3.01
N CYS A 49 6.85 1.51 1.70
CA CYS A 49 5.85 2.27 0.95
C CYS A 49 5.27 1.43 -0.19
N LEU A 50 4.05 1.75 -0.59
CA LEU A 50 3.38 1.02 -1.66
C LEU A 50 3.59 1.72 -3.01
N PHE A 51 4.00 0.95 -4.01
CA PHE A 51 4.25 1.49 -5.34
C PHE A 51 3.79 0.50 -6.41
N TYR A 52 3.05 1.00 -7.39
CA TYR A 52 2.54 0.17 -8.47
C TYR A 52 2.78 0.83 -9.82
N TYR A 53 2.66 0.04 -10.89
CA TYR A 53 2.87 0.55 -12.24
C TYR A 53 1.93 -0.12 -13.23
N ARG A 54 1.73 0.53 -14.38
CA ARG A 54 0.85 -0.01 -15.41
C ARG A 54 1.03 -1.51 -15.55
N ASP A 55 2.27 -1.97 -15.57
CA ASP A 55 2.58 -3.39 -15.70
C ASP A 55 3.85 -3.74 -14.94
N GLU A 56 4.28 -4.99 -15.06
CA GLU A 56 5.48 -5.46 -14.39
C GLU A 56 6.73 -4.76 -14.93
N LYS A 57 6.56 -4.08 -16.06
CA LYS A 57 7.67 -3.36 -16.69
C LYS A 57 8.32 -2.39 -15.70
N GLU A 58 7.56 -1.99 -14.69
CA GLU A 58 8.07 -1.07 -13.68
C GLU A 58 8.62 0.20 -14.33
N GLU A 59 7.79 0.85 -15.14
CA GLU A 59 8.19 2.07 -15.82
C GLU A 59 7.25 3.23 -15.47
N GLY A 60 7.71 4.12 -14.60
CA GLY A 60 6.91 5.25 -14.20
C GLY A 60 5.80 4.85 -13.23
N ILE A 61 5.83 5.43 -12.04
CA ILE A 61 4.83 5.13 -11.02
C ILE A 61 3.54 5.92 -11.27
N LEU A 62 2.41 5.22 -11.27
CA LEU A 62 1.12 5.85 -11.50
C LEU A 62 0.60 6.50 -10.22
N GLY A 63 0.99 5.95 -9.08
CA GLY A 63 0.56 6.49 -7.80
C GLY A 63 1.14 5.73 -6.62
N SER A 64 1.70 6.47 -5.67
CA SER A 64 2.29 5.85 -4.48
C SER A 64 1.33 5.91 -3.31
N ILE A 65 1.40 4.90 -2.44
CA ILE A 65 0.54 4.83 -1.27
C ILE A 65 1.35 4.68 0.01
N LEU A 66 1.16 5.60 0.95
CA LEU A 66 1.88 5.56 2.21
C LEU A 66 1.23 4.57 3.17
N LEU A 67 1.93 3.47 3.45
CA LEU A 67 1.42 2.45 4.34
C LEU A 67 1.42 2.94 5.79
N PRO A 68 2.50 3.64 6.17
CA PRO A 68 2.65 4.19 7.53
C PRO A 68 1.39 4.94 7.99
N SER A 69 0.63 5.44 7.02
CA SER A 69 -0.59 6.18 7.33
C SER A 69 -1.80 5.25 7.35
N PHE A 70 -1.70 4.15 6.62
CA PHE A 70 -2.78 3.18 6.54
C PHE A 70 -2.79 2.27 7.77
N GLN A 71 -3.92 1.61 8.00
CA GLN A 71 -4.05 0.72 9.15
C GLN A 71 -4.46 -0.69 8.70
N ILE A 72 -3.51 -1.61 8.76
CA ILE A 72 -3.77 -2.99 8.37
C ILE A 72 -4.47 -3.77 9.48
N ALA A 73 -5.70 -4.19 9.21
CA ALA A 73 -6.49 -4.93 10.19
C ALA A 73 -7.41 -5.93 9.49
N LEU A 74 -7.52 -7.12 10.07
CA LEU A 74 -8.37 -8.16 9.51
C LEU A 74 -9.78 -7.64 9.24
N LEU A 75 -10.32 -7.97 8.07
CA LEU A 75 -11.66 -7.53 7.70
C LEU A 75 -12.63 -7.69 8.86
N THR A 76 -13.77 -7.02 8.77
CA THR A 76 -14.78 -7.09 9.82
C THR A 76 -16.14 -7.46 9.24
N SER A 77 -17.16 -7.48 10.10
CA SER A 77 -18.51 -7.81 9.67
C SER A 77 -19.06 -6.76 8.73
N GLU A 78 -18.45 -5.58 8.74
CA GLU A 78 -18.88 -4.48 7.88
C GLU A 78 -18.18 -4.54 6.53
N ASP A 79 -17.67 -5.72 6.18
CA ASP A 79 -16.97 -5.91 4.91
C ASP A 79 -17.95 -6.35 3.82
N HIS A 80 -18.83 -7.28 4.16
CA HIS A 80 -19.81 -7.79 3.21
C HIS A 80 -19.15 -8.20 1.91
N ILE A 81 -17.96 -8.81 2.02
CA ILE A 81 -17.22 -9.25 0.84
C ILE A 81 -17.39 -10.74 0.62
N ASN A 82 -17.33 -11.15 -0.65
CA ASN A 82 -17.48 -12.57 -1.00
C ASN A 82 -16.13 -13.28 -0.92
N ARG A 83 -15.09 -12.64 -1.42
CA ARG A 83 -13.75 -13.21 -1.42
C ARG A 83 -13.24 -13.37 0.02
N LYS A 84 -12.47 -14.43 0.26
CA LYS A 84 -11.91 -14.69 1.58
C LYS A 84 -10.40 -14.52 1.58
N TYR A 85 -9.80 -14.58 2.76
CA TYR A 85 -8.36 -14.43 2.89
C TYR A 85 -7.90 -13.05 2.42
N ALA A 86 -8.69 -12.03 2.75
CA ALA A 86 -8.37 -10.66 2.36
C ALA A 86 -8.34 -9.75 3.58
N PHE A 87 -7.76 -8.56 3.40
CA PHE A 87 -7.67 -7.59 4.49
C PHE A 87 -8.06 -6.20 4.01
N LYS A 88 -8.10 -5.24 4.94
CA LYS A 88 -8.46 -3.87 4.61
C LYS A 88 -7.50 -2.89 5.28
N ALA A 89 -7.32 -1.72 4.65
CA ALA A 89 -6.42 -0.70 5.18
C ALA A 89 -7.18 0.60 5.40
N ALA A 90 -7.20 1.07 6.65
CA ALA A 90 -7.88 2.31 6.98
C ALA A 90 -6.91 3.50 6.94
N HIS A 91 -7.38 4.61 6.38
CA HIS A 91 -6.56 5.81 6.28
C HIS A 91 -7.27 7.01 6.91
N PRO A 92 -6.49 7.85 7.60
CA PRO A 92 -7.01 9.05 8.27
C PRO A 92 -7.37 10.15 7.28
N ASN A 93 -6.43 10.45 6.39
CA ASN A 93 -6.64 11.50 5.38
C ASN A 93 -7.22 10.91 4.10
N MET A 94 -7.56 9.62 4.15
CA MET A 94 -8.12 8.94 2.99
C MET A 94 -9.17 7.92 3.41
N ARG A 95 -9.73 7.21 2.43
CA ARG A 95 -10.74 6.20 2.71
C ARG A 95 -10.10 4.86 3.06
N THR A 96 -10.92 3.83 3.23
CA THR A 96 -10.44 2.51 3.57
C THR A 96 -10.23 1.66 2.32
N TYR A 97 -9.00 1.21 2.10
CA TYR A 97 -8.68 0.39 0.95
C TYR A 97 -8.92 -1.09 1.25
N TYR A 98 -8.86 -1.91 0.20
CA TYR A 98 -9.08 -3.35 0.34
C TYR A 98 -8.13 -4.13 -0.56
N PHE A 99 -7.60 -5.24 -0.05
CA PHE A 99 -6.68 -6.07 -0.81
C PHE A 99 -6.89 -7.55 -0.48
N CYS A 100 -6.87 -8.38 -1.51
CA CYS A 100 -7.07 -9.82 -1.34
C CYS A 100 -6.01 -10.61 -2.12
N THR A 101 -5.85 -11.88 -1.77
CA THR A 101 -4.87 -12.73 -2.42
C THR A 101 -5.52 -14.03 -2.89
N ASP A 102 -4.70 -14.93 -3.42
CA ASP A 102 -5.19 -16.22 -3.91
C ASP A 102 -5.23 -17.25 -2.78
N THR A 103 -4.23 -17.20 -1.91
CA THR A 103 -4.14 -18.14 -0.80
C THR A 103 -3.66 -17.43 0.47
N GLY A 104 -3.58 -18.19 1.57
CA GLY A 104 -3.14 -17.62 2.82
C GLY A 104 -1.71 -17.12 2.75
N LYS A 105 -0.88 -17.78 1.96
CA LYS A 105 0.52 -17.39 1.81
C LYS A 105 0.64 -16.03 1.14
N GLU A 106 0.16 -15.94 -0.10
CA GLU A 106 0.20 -14.69 -0.84
C GLU A 106 -0.26 -13.51 0.02
N MET A 107 -1.00 -13.82 1.08
CA MET A 107 -1.52 -12.80 1.98
C MET A 107 -0.51 -12.51 3.09
N GLU A 108 0.11 -13.57 3.62
CA GLU A 108 1.09 -13.42 4.68
C GLU A 108 2.31 -12.65 4.19
N LEU A 109 2.74 -12.95 2.98
CA LEU A 109 3.90 -12.28 2.39
C LEU A 109 3.65 -10.78 2.24
N TRP A 110 2.41 -10.42 1.94
CA TRP A 110 2.04 -9.02 1.78
C TRP A 110 1.84 -8.34 3.12
N MET A 111 1.14 -9.02 4.03
CA MET A 111 0.88 -8.49 5.36
C MET A 111 2.19 -8.27 6.12
N LYS A 112 2.91 -9.37 6.38
CA LYS A 112 4.17 -9.30 7.10
C LYS A 112 4.94 -8.04 6.72
N ALA A 113 4.96 -7.73 5.43
CA ALA A 113 5.66 -6.54 4.94
C ALA A 113 4.86 -5.28 5.20
N MET A 114 3.67 -5.20 4.58
CA MET A 114 2.80 -4.04 4.74
C MET A 114 2.81 -3.55 6.19
N LEU A 115 2.48 -4.45 7.12
CA LEU A 115 2.46 -4.10 8.53
C LEU A 115 3.76 -3.44 8.96
N ASP A 116 4.87 -3.91 8.38
CA ASP A 116 6.18 -3.37 8.70
C ASP A 116 6.23 -1.87 8.45
N ALA A 117 5.49 -1.42 7.44
CA ALA A 117 5.45 0.00 7.10
C ALA A 117 4.37 0.73 7.89
N ALA A 118 3.17 0.15 7.92
CA ALA A 118 2.06 0.73 8.66
C ALA A 118 2.42 0.95 10.13
N LEU A 119 2.98 -0.08 10.75
CA LEU A 119 3.37 -0.01 12.15
C LEU A 119 4.12 1.29 12.43
N VAL A 120 4.85 1.78 11.44
CA VAL A 120 5.61 3.01 11.59
C VAL A 120 4.76 4.13 12.17
N GLN A 121 5.28 4.81 13.18
CA GLN A 121 4.56 5.90 13.84
C GLN A 121 5.14 7.25 13.43
N THR A 122 5.13 7.52 12.13
CA THR A 122 5.66 8.78 11.61
C THR A 122 4.53 9.70 11.15
N SER A 123 3.38 9.57 11.78
CA SER A 123 2.22 10.39 11.44
C SER A 123 1.92 11.40 12.54
N GLY A 124 0.93 12.26 12.29
CA GLY A 124 0.56 13.27 13.26
C GLY A 124 1.03 14.66 12.87
N PRO A 125 1.40 15.46 13.87
CA PRO A 125 1.88 16.83 13.66
C PRO A 125 2.85 16.92 12.50
N SER A 126 2.55 17.82 11.55
CA SER A 126 3.40 18.01 10.38
C SER A 126 4.86 18.25 10.80
N SER A 127 5.78 17.58 10.12
CA SER A 127 7.20 17.72 10.43
C SER A 127 7.74 19.03 9.87
N GLY A 128 7.88 20.03 10.75
CA GLY A 128 8.38 21.33 10.33
C GLY A 128 9.35 21.91 11.33
N GLY A 1 12.87 2.96 14.52
CA GLY A 1 12.96 2.73 13.09
C GLY A 1 14.39 2.84 12.58
N SER A 2 14.53 3.19 11.31
CA SER A 2 15.84 3.33 10.69
C SER A 2 16.15 4.79 10.39
N SER A 3 17.37 5.05 9.90
CA SER A 3 17.79 6.40 9.57
C SER A 3 17.64 6.67 8.08
N GLY A 4 16.49 7.23 7.70
CA GLY A 4 16.24 7.53 6.30
C GLY A 4 14.84 8.08 6.07
N SER A 5 14.72 9.40 6.07
CA SER A 5 13.43 10.05 5.87
C SER A 5 13.61 11.54 5.59
N SER A 6 13.20 11.96 4.40
CA SER A 6 13.32 13.36 4.00
C SER A 6 12.63 14.28 5.02
N GLY A 7 11.78 13.69 5.85
CA GLY A 7 11.08 14.46 6.85
C GLY A 7 9.82 15.11 6.32
N LYS A 8 9.99 16.00 5.33
CA LYS A 8 8.86 16.68 4.72
C LYS A 8 8.43 16.00 3.43
N ARG A 9 7.16 16.15 3.08
CA ARG A 9 6.61 15.55 1.87
C ARG A 9 6.24 16.62 0.85
N SER A 10 6.31 16.25 -0.44
CA SER A 10 5.98 17.19 -1.51
C SER A 10 4.84 16.64 -2.37
N ASN A 11 4.30 17.50 -3.23
CA ASN A 11 3.20 17.10 -4.11
C ASN A 11 3.35 15.65 -4.54
N SER A 12 4.55 15.28 -4.97
CA SER A 12 4.83 13.92 -5.41
C SER A 12 5.95 13.29 -4.59
N ILE A 13 6.05 11.97 -4.65
CA ILE A 13 7.07 11.24 -3.91
C ILE A 13 7.95 10.43 -4.85
N LYS A 14 9.26 10.53 -4.66
CA LYS A 14 10.21 9.80 -5.48
C LYS A 14 10.74 8.57 -4.75
N ARG A 15 10.69 7.42 -5.42
CA ARG A 15 11.15 6.17 -4.82
C ARG A 15 12.66 6.20 -4.63
N ASN A 16 13.22 5.10 -4.11
CA ASN A 16 14.65 5.01 -3.88
C ASN A 16 15.18 3.66 -4.39
N PRO A 17 15.69 3.66 -5.63
CA PRO A 17 16.25 2.46 -6.25
C PRO A 17 17.12 1.67 -5.29
N ASN A 18 18.09 2.34 -4.68
CA ASN A 18 19.00 1.70 -3.74
C ASN A 18 18.23 0.93 -2.68
N ALA A 19 17.24 1.59 -2.07
CA ALA A 19 16.42 0.96 -1.05
C ALA A 19 15.98 -0.45 -1.46
N PRO A 20 16.62 -1.47 -0.88
CA PRO A 20 16.33 -2.87 -1.17
C PRO A 20 14.83 -3.15 -1.16
N VAL A 21 14.34 -3.77 -2.23
CA VAL A 21 12.92 -4.11 -2.34
C VAL A 21 12.59 -5.36 -1.55
N VAL A 22 11.63 -5.25 -0.63
CA VAL A 22 11.22 -6.37 0.19
C VAL A 22 10.62 -7.48 -0.66
N ARG A 23 9.65 -7.13 -1.51
CA ARG A 23 9.00 -8.10 -2.38
C ARG A 23 8.05 -7.40 -3.35
N ARG A 24 8.03 -7.87 -4.59
CA ARG A 24 7.16 -7.28 -5.61
C ARG A 24 6.31 -8.37 -6.27
N GLY A 25 4.99 -8.17 -6.24
CA GLY A 25 4.08 -9.13 -6.84
C GLY A 25 2.78 -8.49 -7.28
N TRP A 26 2.08 -9.15 -8.19
CA TRP A 26 0.81 -8.65 -8.71
C TRP A 26 -0.28 -8.76 -7.65
N LEU A 27 -0.52 -7.65 -6.95
CA LEU A 27 -1.53 -7.61 -5.89
C LEU A 27 -2.84 -7.04 -6.43
N TYR A 28 -3.96 -7.62 -5.99
CA TYR A 28 -5.27 -7.17 -6.43
C TYR A 28 -5.80 -6.05 -5.52
N LYS A 29 -6.45 -5.06 -6.13
CA LYS A 29 -6.99 -3.94 -5.38
C LYS A 29 -8.43 -3.64 -5.82
N GLN A 30 -9.28 -3.32 -4.85
CA GLN A 30 -10.67 -3.02 -5.14
C GLN A 30 -10.79 -1.74 -5.96
N ASP A 31 -11.89 -1.62 -6.70
CA ASP A 31 -12.13 -0.45 -7.54
C ASP A 31 -13.30 0.37 -7.01
N SER A 32 -13.01 1.61 -6.61
CA SER A 32 -14.04 2.50 -6.07
C SER A 32 -15.12 2.76 -7.12
N THR A 33 -14.71 3.22 -8.30
CA THR A 33 -15.64 3.52 -9.38
C THR A 33 -15.93 2.27 -10.21
N GLY A 34 -16.89 1.47 -9.76
CA GLY A 34 -17.24 0.26 -10.48
C GLY A 34 -18.13 -0.66 -9.67
N MET A 35 -17.69 -1.90 -9.50
CA MET A 35 -18.46 -2.88 -8.74
C MET A 35 -17.62 -3.47 -7.61
N LYS A 36 -16.83 -2.61 -6.95
CA LYS A 36 -15.99 -3.04 -5.85
C LYS A 36 -15.30 -4.36 -6.18
N LEU A 37 -14.90 -4.51 -7.44
CA LEU A 37 -14.22 -5.74 -7.88
C LEU A 37 -12.72 -5.63 -7.68
N TRP A 38 -12.04 -6.77 -7.71
CA TRP A 38 -10.59 -6.80 -7.53
C TRP A 38 -9.87 -6.69 -8.87
N LYS A 39 -9.15 -5.59 -9.06
CA LYS A 39 -8.41 -5.37 -10.30
C LYS A 39 -6.95 -5.76 -10.14
N LYS A 40 -6.34 -6.24 -11.23
CA LYS A 40 -4.94 -6.65 -11.21
C LYS A 40 -4.02 -5.45 -11.38
N ARG A 41 -2.96 -5.40 -10.57
CA ARG A 41 -2.01 -4.30 -10.63
C ARG A 41 -0.65 -4.73 -10.05
N TRP A 42 0.42 -4.17 -10.60
CA TRP A 42 1.76 -4.49 -10.13
C TRP A 42 2.11 -3.69 -8.89
N PHE A 43 2.13 -4.36 -7.74
CA PHE A 43 2.44 -3.71 -6.47
C PHE A 43 3.86 -4.07 -6.02
N VAL A 44 4.57 -3.07 -5.50
CA VAL A 44 5.94 -3.28 -5.03
C VAL A 44 6.13 -2.71 -3.63
N LEU A 45 6.71 -3.50 -2.74
CA LEU A 45 6.95 -3.08 -1.37
C LEU A 45 8.38 -2.60 -1.19
N SER A 46 8.56 -1.28 -1.17
CA SER A 46 9.88 -0.69 -1.00
C SER A 46 9.82 0.55 -0.11
N ASP A 47 10.93 0.83 0.57
CA ASP A 47 11.00 1.98 1.46
C ASP A 47 9.75 2.09 2.31
N LEU A 48 9.41 1.00 3.00
CA LEU A 48 8.24 0.97 3.86
C LEU A 48 7.09 1.78 3.25
N CYS A 49 6.82 1.51 1.97
CA CYS A 49 5.74 2.21 1.27
C CYS A 49 5.16 1.33 0.17
N LEU A 50 4.12 1.84 -0.49
CA LEU A 50 3.47 1.10 -1.57
C LEU A 50 3.58 1.85 -2.89
N PHE A 51 3.89 1.12 -3.96
CA PHE A 51 4.03 1.72 -5.29
C PHE A 51 3.46 0.80 -6.36
N TYR A 52 2.71 1.38 -7.29
CA TYR A 52 2.11 0.61 -8.37
C TYR A 52 2.32 1.30 -9.71
N TYR A 53 2.47 0.50 -10.76
CA TYR A 53 2.69 1.03 -12.11
C TYR A 53 1.74 0.37 -13.11
N ARG A 54 1.67 0.95 -14.30
CA ARG A 54 0.81 0.42 -15.35
C ARG A 54 1.01 -1.08 -15.52
N ASP A 55 2.27 -1.51 -15.58
CA ASP A 55 2.60 -2.91 -15.74
C ASP A 55 3.97 -3.22 -15.14
N GLU A 56 4.38 -4.48 -15.23
CA GLU A 56 5.67 -4.90 -14.71
C GLU A 56 6.80 -4.07 -15.30
N LYS A 57 6.50 -3.37 -16.38
CA LYS A 57 7.50 -2.52 -17.04
C LYS A 57 8.03 -1.46 -16.08
N GLU A 58 7.37 -1.32 -14.93
CA GLU A 58 7.79 -0.34 -13.93
C GLU A 58 8.19 0.97 -14.59
N GLU A 59 7.32 1.49 -15.45
CA GLU A 59 7.60 2.74 -16.15
C GLU A 59 6.65 3.84 -15.69
N GLY A 60 7.20 4.86 -15.03
CA GLY A 60 6.39 5.96 -14.55
C GLY A 60 5.30 5.50 -13.59
N ILE A 61 5.42 5.92 -12.33
CA ILE A 61 4.45 5.54 -11.30
C ILE A 61 3.17 6.35 -11.46
N LEU A 62 2.03 5.64 -11.46
CA LEU A 62 0.73 6.29 -11.60
C LEU A 62 0.30 6.92 -10.27
N GLY A 63 0.82 6.39 -9.18
CA GLY A 63 0.47 6.91 -7.87
C GLY A 63 1.12 6.13 -6.74
N SER A 64 1.50 6.83 -5.68
CA SER A 64 2.14 6.18 -4.53
C SER A 64 1.18 6.13 -3.34
N ILE A 65 1.30 5.06 -2.55
CA ILE A 65 0.44 4.89 -1.38
C ILE A 65 1.28 4.80 -0.11
N LEU A 66 0.97 5.65 0.85
CA LEU A 66 1.69 5.66 2.13
C LEU A 66 1.08 4.66 3.11
N LEU A 67 1.81 3.58 3.36
CA LEU A 67 1.34 2.54 4.29
C LEU A 67 1.26 3.08 5.70
N PRO A 68 2.30 3.81 6.12
CA PRO A 68 2.37 4.40 7.47
C PRO A 68 1.09 5.13 7.85
N SER A 69 0.34 5.57 6.85
CA SER A 69 -0.90 6.29 7.09
C SER A 69 -2.09 5.32 7.08
N PHE A 70 -1.90 4.17 6.46
CA PHE A 70 -2.95 3.15 6.37
C PHE A 70 -2.95 2.27 7.61
N GLN A 71 -4.02 1.52 7.81
CA GLN A 71 -4.15 0.64 8.95
C GLN A 71 -4.51 -0.78 8.51
N ILE A 72 -3.53 -1.68 8.60
CA ILE A 72 -3.75 -3.08 8.20
C ILE A 72 -4.46 -3.86 9.30
N ALA A 73 -5.70 -4.25 9.02
CA ALA A 73 -6.50 -5.02 9.98
C ALA A 73 -7.44 -5.98 9.28
N LEU A 74 -7.53 -7.19 9.81
CA LEU A 74 -8.40 -8.21 9.24
C LEU A 74 -9.81 -7.67 9.00
N LEU A 75 -10.49 -8.23 8.01
CA LEU A 75 -11.85 -7.80 7.68
C LEU A 75 -12.82 -8.12 8.81
N THR A 76 -13.92 -7.38 8.88
CA THR A 76 -14.92 -7.59 9.92
C THR A 76 -16.31 -7.72 9.31
N SER A 77 -17.28 -8.11 10.14
CA SER A 77 -18.65 -8.29 9.69
C SER A 77 -19.13 -7.06 8.93
N GLU A 78 -18.68 -5.88 9.37
CA GLU A 78 -19.07 -4.63 8.74
C GLU A 78 -18.76 -4.65 7.24
N ASP A 79 -17.51 -4.93 6.91
CA ASP A 79 -17.08 -5.00 5.51
C ASP A 79 -18.03 -5.86 4.69
N HIS A 80 -18.56 -5.29 3.61
CA HIS A 80 -19.48 -6.00 2.74
C HIS A 80 -18.73 -6.72 1.62
N ILE A 81 -17.67 -7.42 1.99
CA ILE A 81 -16.86 -8.16 1.02
C ILE A 81 -16.81 -9.65 1.35
N ASN A 82 -16.46 -9.96 2.59
CA ASN A 82 -16.38 -11.35 3.03
C ASN A 82 -15.35 -12.12 2.22
N ARG A 83 -14.37 -11.40 1.68
CA ARG A 83 -13.32 -12.01 0.87
C ARG A 83 -12.32 -12.76 1.76
N LYS A 84 -12.11 -14.04 1.45
CA LYS A 84 -11.19 -14.86 2.22
C LYS A 84 -9.74 -14.39 2.03
N TYR A 85 -8.87 -14.79 2.95
CA TYR A 85 -7.47 -14.41 2.88
C TYR A 85 -7.32 -12.97 2.39
N ALA A 86 -8.33 -12.15 2.65
CA ALA A 86 -8.31 -10.76 2.23
C ALA A 86 -8.33 -9.83 3.45
N PHE A 87 -7.69 -8.67 3.31
CA PHE A 87 -7.64 -7.70 4.39
C PHE A 87 -8.09 -6.33 3.90
N LYS A 88 -8.00 -5.33 4.78
CA LYS A 88 -8.40 -3.97 4.44
C LYS A 88 -7.48 -2.96 5.11
N ALA A 89 -7.28 -1.82 4.44
CA ALA A 89 -6.42 -0.76 4.98
C ALA A 89 -7.21 0.53 5.19
N ALA A 90 -7.25 1.00 6.42
CA ALA A 90 -7.97 2.22 6.76
C ALA A 90 -7.04 3.43 6.70
N HIS A 91 -7.54 4.52 6.11
CA HIS A 91 -6.75 5.74 5.99
C HIS A 91 -7.49 6.92 6.59
N PRO A 92 -6.74 7.81 7.28
CA PRO A 92 -7.32 9.00 7.92
C PRO A 92 -7.69 10.08 6.91
N ASN A 93 -6.76 10.38 6.01
CA ASN A 93 -6.98 11.40 4.98
C ASN A 93 -7.52 10.77 3.70
N MET A 94 -7.86 9.48 3.77
CA MET A 94 -8.40 8.77 2.62
C MET A 94 -9.42 7.72 3.05
N ARG A 95 -9.98 7.02 2.07
CA ARG A 95 -10.98 5.99 2.35
C ARG A 95 -10.30 4.67 2.75
N THR A 96 -11.11 3.64 2.93
CA THR A 96 -10.60 2.33 3.32
C THR A 96 -10.38 1.45 2.10
N TYR A 97 -9.15 1.00 1.90
CA TYR A 97 -8.81 0.16 0.77
C TYR A 97 -9.02 -1.31 1.11
N TYR A 98 -9.11 -2.15 0.07
CA TYR A 98 -9.32 -3.58 0.26
C TYR A 98 -8.38 -4.38 -0.63
N PHE A 99 -7.65 -5.32 -0.01
CA PHE A 99 -6.71 -6.16 -0.74
C PHE A 99 -6.95 -7.63 -0.45
N CYS A 100 -6.83 -8.47 -1.47
CA CYS A 100 -7.03 -9.90 -1.32
C CYS A 100 -5.95 -10.69 -2.05
N THR A 101 -5.81 -11.96 -1.69
CA THR A 101 -4.81 -12.82 -2.31
C THR A 101 -5.41 -14.17 -2.70
N ASP A 102 -4.56 -15.05 -3.22
CA ASP A 102 -5.01 -16.38 -3.65
C ASP A 102 -5.16 -17.30 -2.43
N THR A 103 -4.18 -17.26 -1.55
CA THR A 103 -4.21 -18.10 -0.35
C THR A 103 -3.61 -17.36 0.85
N GLY A 104 -3.49 -18.08 1.97
CA GLY A 104 -2.93 -17.47 3.17
C GLY A 104 -1.51 -16.97 2.96
N LYS A 105 -0.70 -17.77 2.27
CA LYS A 105 0.68 -17.40 2.00
C LYS A 105 0.77 -16.03 1.35
N GLU A 106 0.23 -15.91 0.14
CA GLU A 106 0.24 -14.65 -0.59
C GLU A 106 -0.20 -13.50 0.31
N MET A 107 -0.97 -13.83 1.35
CA MET A 107 -1.46 -12.82 2.28
C MET A 107 -0.43 -12.54 3.37
N GLU A 108 0.21 -13.60 3.86
CA GLU A 108 1.21 -13.46 4.90
C GLU A 108 2.45 -12.74 4.38
N LEU A 109 2.76 -12.95 3.11
CA LEU A 109 3.91 -12.32 2.48
C LEU A 109 3.69 -10.82 2.32
N TRP A 110 2.45 -10.43 2.10
CA TRP A 110 2.10 -9.03 1.94
C TRP A 110 1.88 -8.35 3.28
N MET A 111 1.18 -9.04 4.18
CA MET A 111 0.91 -8.49 5.51
C MET A 111 2.21 -8.21 6.25
N LYS A 112 2.95 -9.26 6.58
CA LYS A 112 4.21 -9.12 7.29
C LYS A 112 4.94 -7.85 6.87
N ALA A 113 4.99 -7.61 5.57
CA ALA A 113 5.65 -6.43 5.03
C ALA A 113 4.82 -5.17 5.30
N MET A 114 3.63 -5.12 4.70
CA MET A 114 2.74 -3.98 4.88
C MET A 114 2.75 -3.50 6.33
N LEU A 115 2.45 -4.42 7.24
CA LEU A 115 2.42 -4.08 8.67
C LEU A 115 3.72 -3.41 9.10
N ASP A 116 4.84 -3.88 8.56
CA ASP A 116 6.14 -3.32 8.88
C ASP A 116 6.17 -1.82 8.63
N ALA A 117 5.58 -1.41 7.50
CA ALA A 117 5.54 0.01 7.15
C ALA A 117 4.41 0.73 7.87
N ALA A 118 3.21 0.18 7.77
CA ALA A 118 2.03 0.77 8.42
C ALA A 118 2.32 1.06 9.89
N LEU A 119 2.82 0.05 10.59
CA LEU A 119 3.13 0.21 12.02
C LEU A 119 3.84 1.53 12.29
N VAL A 120 4.55 2.04 11.28
CA VAL A 120 5.27 3.30 11.41
C VAL A 120 4.32 4.42 11.85
N GLN A 121 4.83 5.29 12.71
CA GLN A 121 4.04 6.41 13.21
C GLN A 121 4.57 7.73 12.69
N THR A 122 4.16 8.09 11.48
CA THR A 122 4.61 9.34 10.85
C THR A 122 3.41 10.15 10.36
N SER A 123 2.36 10.20 11.18
CA SER A 123 1.16 10.95 10.83
C SER A 123 0.32 11.23 12.07
N GLY A 124 -0.73 12.03 11.89
CA GLY A 124 -1.60 12.37 13.01
C GLY A 124 -0.94 13.32 13.98
N PRO A 125 -0.94 14.62 13.63
CA PRO A 125 -0.34 15.67 14.46
C PRO A 125 -0.73 15.54 15.93
N SER A 126 0.27 15.58 16.81
CA SER A 126 0.02 15.47 18.24
C SER A 126 0.23 16.80 18.93
N SER A 127 -0.27 17.87 18.32
CA SER A 127 -0.14 19.21 18.88
C SER A 127 -1.48 19.72 19.41
N GLY A 128 -1.67 19.62 20.73
CA GLY A 128 -2.91 20.06 21.33
C GLY A 128 -3.09 21.56 21.25
N GLY A 1 18.46 3.61 16.51
CA GLY A 1 18.92 4.20 15.27
C GLY A 1 18.30 3.54 14.05
N SER A 2 17.68 4.35 13.20
CA SER A 2 17.04 3.84 11.99
C SER A 2 17.25 4.79 10.82
N SER A 3 16.83 4.36 9.64
CA SER A 3 16.98 5.17 8.43
C SER A 3 16.38 6.56 8.64
N GLY A 4 17.22 7.58 8.54
CA GLY A 4 16.75 8.94 8.73
C GLY A 4 16.21 9.54 7.44
N SER A 5 14.91 9.83 7.43
CA SER A 5 14.27 10.41 6.25
C SER A 5 14.52 11.91 6.18
N SER A 6 15.28 12.33 5.17
CA SER A 6 15.60 13.74 4.98
C SER A 6 14.35 14.60 5.16
N GLY A 7 13.33 14.35 4.35
CA GLY A 7 12.10 15.11 4.43
C GLY A 7 12.05 16.24 3.43
N LYS A 8 11.88 15.90 2.16
CA LYS A 8 11.83 16.89 1.10
C LYS A 8 10.38 17.12 0.64
N ARG A 9 10.07 18.34 0.27
CA ARG A 9 8.73 18.69 -0.19
C ARG A 9 8.68 18.82 -1.71
N SER A 10 8.10 17.82 -2.37
CA SER A 10 8.00 17.82 -3.83
C SER A 10 6.58 17.49 -4.27
N ASN A 11 6.12 18.17 -5.31
CA ASN A 11 4.78 17.95 -5.84
C ASN A 11 4.46 16.46 -5.90
N SER A 12 5.43 15.67 -6.33
CA SER A 12 5.25 14.22 -6.45
C SER A 12 6.30 13.48 -5.62
N ILE A 13 6.11 12.17 -5.47
CA ILE A 13 7.04 11.35 -4.71
C ILE A 13 7.88 10.46 -5.63
N LYS A 14 9.15 10.30 -5.29
CA LYS A 14 10.06 9.47 -6.08
C LYS A 14 10.66 8.35 -5.23
N ARG A 15 10.72 7.15 -5.79
CA ARG A 15 11.26 6.00 -5.09
C ARG A 15 12.75 6.21 -4.78
N ASN A 16 13.30 5.32 -3.97
CA ASN A 16 14.71 5.40 -3.59
C ASN A 16 15.47 4.19 -4.09
N PRO A 17 16.73 4.41 -4.52
CA PRO A 17 17.59 3.34 -5.03
C PRO A 17 18.20 2.50 -3.91
N ASN A 18 18.72 3.17 -2.89
CA ASN A 18 19.32 2.50 -1.74
C ASN A 18 18.32 1.56 -1.07
N ALA A 19 17.10 2.04 -0.90
CA ALA A 19 16.05 1.24 -0.28
C ALA A 19 15.87 -0.09 -0.99
N PRO A 20 16.23 -1.18 -0.31
CA PRO A 20 16.11 -2.54 -0.87
C PRO A 20 14.67 -3.04 -0.88
N VAL A 21 14.15 -3.28 -2.07
CA VAL A 21 12.77 -3.77 -2.22
C VAL A 21 12.54 -5.01 -1.36
N VAL A 22 11.48 -4.98 -0.56
CA VAL A 22 11.15 -6.11 0.31
C VAL A 22 10.58 -7.27 -0.50
N ARG A 23 9.58 -6.97 -1.34
CA ARG A 23 8.96 -7.99 -2.17
C ARG A 23 7.97 -7.36 -3.15
N ARG A 24 7.91 -7.92 -4.35
CA ARG A 24 7.01 -7.41 -5.38
C ARG A 24 6.22 -8.55 -6.02
N GLY A 25 4.91 -8.37 -6.13
CA GLY A 25 4.07 -9.40 -6.74
C GLY A 25 2.74 -8.84 -7.21
N TRP A 26 2.11 -9.55 -8.14
CA TRP A 26 0.82 -9.12 -8.69
C TRP A 26 -0.27 -9.18 -7.62
N LEU A 27 -0.61 -8.03 -7.05
CA LEU A 27 -1.63 -7.94 -6.02
C LEU A 27 -2.95 -7.47 -6.61
N TYR A 28 -4.04 -7.72 -5.88
CA TYR A 28 -5.37 -7.32 -6.32
C TYR A 28 -5.88 -6.14 -5.51
N LYS A 29 -6.18 -5.04 -6.19
CA LYS A 29 -6.68 -3.84 -5.53
C LYS A 29 -8.20 -3.75 -5.65
N GLN A 30 -8.85 -3.32 -4.57
CA GLN A 30 -10.30 -3.19 -4.57
C GLN A 30 -10.72 -1.75 -4.78
N ASP A 31 -11.27 -1.46 -5.96
CA ASP A 31 -11.71 -0.12 -6.30
C ASP A 31 -12.99 0.25 -5.55
N SER A 32 -12.95 1.36 -4.83
CA SER A 32 -14.11 1.81 -4.06
C SER A 32 -15.04 2.66 -4.92
N THR A 33 -15.32 2.18 -6.13
CA THR A 33 -16.19 2.90 -7.05
C THR A 33 -17.29 1.99 -7.57
N GLY A 34 -18.54 2.42 -7.41
CA GLY A 34 -19.67 1.63 -7.88
C GLY A 34 -19.52 0.16 -7.55
N MET A 35 -19.14 -0.63 -8.54
CA MET A 35 -18.96 -2.07 -8.35
C MET A 35 -17.64 -2.36 -7.65
N LYS A 36 -17.72 -2.68 -6.36
CA LYS A 36 -16.52 -2.99 -5.58
C LYS A 36 -15.89 -4.29 -6.05
N LEU A 37 -15.22 -4.24 -7.20
CA LEU A 37 -14.56 -5.41 -7.75
C LEU A 37 -13.06 -5.38 -7.47
N TRP A 38 -12.38 -6.47 -7.81
CA TRP A 38 -10.94 -6.57 -7.61
C TRP A 38 -10.19 -6.42 -8.93
N LYS A 39 -9.43 -5.34 -9.07
CA LYS A 39 -8.66 -5.08 -10.27
C LYS A 39 -7.21 -5.57 -10.12
N LYS A 40 -6.81 -6.50 -10.97
CA LYS A 40 -5.47 -7.04 -10.93
C LYS A 40 -4.45 -6.03 -11.46
N ARG A 41 -3.38 -5.81 -10.70
CA ARG A 41 -2.35 -4.86 -11.10
C ARG A 41 -1.01 -5.24 -10.48
N TRP A 42 0.05 -4.53 -10.88
CA TRP A 42 1.38 -4.80 -10.37
C TRP A 42 1.67 -3.96 -9.13
N PHE A 43 2.14 -4.61 -8.07
CA PHE A 43 2.44 -3.93 -6.82
C PHE A 43 3.91 -4.17 -6.41
N VAL A 44 4.43 -3.28 -5.57
CA VAL A 44 5.81 -3.40 -5.11
C VAL A 44 5.97 -2.80 -3.72
N LEU A 45 6.68 -3.51 -2.84
CA LEU A 45 6.90 -3.05 -1.49
C LEU A 45 8.32 -2.54 -1.32
N SER A 46 8.49 -1.22 -1.40
CA SER A 46 9.79 -0.60 -1.25
C SER A 46 9.71 0.68 -0.40
N ASP A 47 10.82 1.05 0.20
CA ASP A 47 10.88 2.24 1.04
C ASP A 47 9.71 2.26 2.02
N LEU A 48 9.29 1.08 2.47
CA LEU A 48 8.19 0.96 3.41
C LEU A 48 6.94 1.67 2.89
N CYS A 49 6.76 1.64 1.57
CA CYS A 49 5.61 2.27 0.94
C CYS A 49 5.03 1.39 -0.16
N LEU A 50 3.94 1.84 -0.77
CA LEU A 50 3.29 1.10 -1.84
C LEU A 50 3.52 1.78 -3.20
N PHE A 51 3.85 0.99 -4.21
CA PHE A 51 4.09 1.51 -5.55
C PHE A 51 3.59 0.54 -6.61
N TYR A 52 2.76 1.03 -7.51
CA TYR A 52 2.22 0.20 -8.58
C TYR A 52 2.44 0.85 -9.95
N TYR A 53 2.38 0.04 -11.00
CA TYR A 53 2.58 0.53 -12.35
C TYR A 53 1.63 -0.16 -13.33
N ARG A 54 1.47 0.44 -14.51
CA ARG A 54 0.57 -0.12 -15.52
C ARG A 54 0.72 -1.64 -15.60
N ASP A 55 1.96 -2.10 -15.69
CA ASP A 55 2.24 -3.53 -15.77
C ASP A 55 3.62 -3.85 -15.18
N GLU A 56 4.00 -5.12 -15.26
CA GLU A 56 5.29 -5.56 -14.73
C GLU A 56 6.43 -4.78 -15.36
N LYS A 57 6.14 -4.15 -16.49
CA LYS A 57 7.15 -3.36 -17.21
C LYS A 57 7.68 -2.23 -16.32
N GLU A 58 6.98 -1.96 -15.23
CA GLU A 58 7.38 -0.91 -14.30
C GLU A 58 7.76 0.36 -15.06
N GLU A 59 6.89 0.80 -15.96
CA GLU A 59 7.14 2.00 -16.75
C GLU A 59 6.36 3.18 -16.19
N GLY A 60 7.00 3.93 -15.29
CA GLY A 60 6.35 5.09 -14.70
C GLY A 60 5.26 4.70 -13.72
N ILE A 61 5.32 5.26 -12.52
CA ILE A 61 4.32 4.98 -11.48
C ILE A 61 3.05 5.80 -11.69
N LEU A 62 1.91 5.14 -11.67
CA LEU A 62 0.63 5.81 -11.86
C LEU A 62 0.18 6.47 -10.56
N GLY A 63 0.59 5.90 -9.43
CA GLY A 63 0.22 6.45 -8.14
C GLY A 63 0.91 5.76 -6.98
N SER A 64 1.30 6.52 -5.98
CA SER A 64 1.98 5.96 -4.81
C SER A 64 1.07 5.99 -3.59
N ILE A 65 1.26 5.04 -2.69
CA ILE A 65 0.46 4.95 -1.48
C ILE A 65 1.34 4.83 -0.24
N LEU A 66 1.08 5.64 0.76
CA LEU A 66 1.84 5.62 2.01
C LEU A 66 1.27 4.61 2.98
N LEU A 67 2.01 3.54 3.23
CA LEU A 67 1.57 2.49 4.15
C LEU A 67 1.66 2.97 5.59
N PRO A 68 2.75 3.69 5.92
CA PRO A 68 2.98 4.21 7.27
C PRO A 68 1.75 4.93 7.83
N SER A 69 0.91 5.43 6.93
CA SER A 69 -0.30 6.14 7.33
C SER A 69 -1.49 5.19 7.38
N PHE A 70 -1.42 4.12 6.61
CA PHE A 70 -2.50 3.13 6.55
C PHE A 70 -2.42 2.19 7.75
N GLN A 71 -3.57 1.63 8.13
CA GLN A 71 -3.63 0.70 9.26
C GLN A 71 -4.11 -0.67 8.82
N ILE A 72 -3.21 -1.64 8.84
CA ILE A 72 -3.55 -3.00 8.44
C ILE A 72 -4.26 -3.75 9.56
N ALA A 73 -5.49 -4.19 9.29
CA ALA A 73 -6.27 -4.92 10.29
C ALA A 73 -7.18 -5.95 9.61
N LEU A 74 -7.22 -7.15 10.18
CA LEU A 74 -8.05 -8.22 9.64
C LEU A 74 -9.50 -7.78 9.53
N LEU A 75 -10.12 -8.09 8.39
CA LEU A 75 -11.51 -7.74 8.15
C LEU A 75 -12.38 -8.12 9.35
N THR A 76 -13.55 -7.49 9.44
CA THR A 76 -14.48 -7.76 10.54
C THR A 76 -15.92 -7.75 10.05
N SER A 77 -16.84 -8.11 10.93
CA SER A 77 -18.26 -8.15 10.59
C SER A 77 -18.62 -7.02 9.63
N GLU A 78 -18.27 -5.79 10.01
CA GLU A 78 -18.55 -4.63 9.18
C GLU A 78 -18.20 -4.90 7.73
N ASP A 79 -17.03 -5.48 7.51
CA ASP A 79 -16.57 -5.80 6.16
C ASP A 79 -17.16 -7.12 5.69
N HIS A 80 -18.44 -7.11 5.33
CA HIS A 80 -19.13 -8.31 4.86
C HIS A 80 -18.78 -8.59 3.40
N ILE A 81 -17.54 -9.01 3.16
CA ILE A 81 -17.10 -9.32 1.81
C ILE A 81 -17.15 -10.82 1.53
N ASN A 82 -17.64 -11.19 0.35
CA ASN A 82 -17.72 -12.60 -0.03
C ASN A 82 -16.34 -13.22 -0.15
N ARG A 83 -15.39 -12.44 -0.64
CA ARG A 83 -14.02 -12.91 -0.81
C ARG A 83 -13.30 -13.01 0.53
N LYS A 84 -12.79 -14.20 0.82
CA LYS A 84 -12.07 -14.42 2.08
C LYS A 84 -10.56 -14.29 1.88
N TYR A 85 -9.82 -14.46 2.96
CA TYR A 85 -8.36 -14.36 2.91
C TYR A 85 -7.93 -12.99 2.44
N ALA A 86 -8.68 -11.96 2.84
CA ALA A 86 -8.37 -10.59 2.45
C ALA A 86 -8.31 -9.68 3.68
N PHE A 87 -7.69 -8.51 3.51
CA PHE A 87 -7.56 -7.56 4.60
C PHE A 87 -7.98 -6.16 4.15
N LYS A 88 -7.85 -5.19 5.04
CA LYS A 88 -8.22 -3.81 4.74
C LYS A 88 -7.27 -2.83 5.43
N ALA A 89 -7.11 -1.65 4.84
CA ALA A 89 -6.23 -0.63 5.39
C ALA A 89 -6.99 0.67 5.64
N ALA A 90 -6.99 1.12 6.89
CA ALA A 90 -7.68 2.36 7.25
C ALA A 90 -6.74 3.55 7.18
N HIS A 91 -7.28 4.68 6.73
CA HIS A 91 -6.48 5.91 6.60
C HIS A 91 -7.22 7.09 7.21
N PRO A 92 -6.48 7.95 7.92
CA PRO A 92 -7.05 9.15 8.56
C PRO A 92 -7.40 10.24 7.55
N ASN A 93 -6.43 10.56 6.68
CA ASN A 93 -6.65 11.59 5.67
C ASN A 93 -7.22 10.99 4.40
N MET A 94 -7.53 9.69 4.44
CA MET A 94 -8.10 9.00 3.29
C MET A 94 -9.12 7.96 3.73
N ARG A 95 -9.65 7.22 2.76
CA ARG A 95 -10.65 6.19 3.05
C ARG A 95 -9.97 4.85 3.35
N THR A 96 -10.78 3.82 3.58
CA THR A 96 -10.27 2.50 3.88
C THR A 96 -10.12 1.66 2.61
N TYR A 97 -8.92 1.14 2.39
CA TYR A 97 -8.65 0.33 1.21
C TYR A 97 -8.88 -1.15 1.50
N TYR A 98 -8.82 -1.97 0.46
CA TYR A 98 -9.02 -3.41 0.61
C TYR A 98 -8.16 -4.19 -0.38
N PHE A 99 -7.59 -5.29 0.08
CA PHE A 99 -6.74 -6.12 -0.76
C PHE A 99 -6.97 -7.61 -0.47
N CYS A 100 -6.81 -8.44 -1.49
CA CYS A 100 -7.00 -9.87 -1.34
C CYS A 100 -6.03 -10.64 -2.24
N THR A 101 -5.80 -11.91 -1.90
CA THR A 101 -4.90 -12.76 -2.67
C THR A 101 -5.56 -14.08 -3.04
N ASP A 102 -4.83 -14.91 -3.78
CA ASP A 102 -5.35 -16.22 -4.19
C ASP A 102 -5.43 -17.17 -3.01
N THR A 103 -4.37 -17.23 -2.22
CA THR A 103 -4.32 -18.10 -1.07
C THR A 103 -3.84 -17.35 0.18
N GLY A 104 -3.77 -18.06 1.30
CA GLY A 104 -3.34 -17.44 2.54
C GLY A 104 -1.90 -16.95 2.47
N LYS A 105 -1.04 -17.74 1.84
CA LYS A 105 0.37 -17.38 1.70
C LYS A 105 0.51 -16.04 0.98
N GLU A 106 0.04 -15.99 -0.26
CA GLU A 106 0.12 -14.77 -1.06
C GLU A 106 -0.32 -13.56 -0.24
N MET A 107 -1.08 -13.82 0.82
CA MET A 107 -1.58 -12.75 1.68
C MET A 107 -0.56 -12.41 2.77
N GLU A 108 0.06 -13.45 3.33
CA GLU A 108 1.05 -13.26 4.39
C GLU A 108 2.24 -12.45 3.88
N LEU A 109 2.74 -12.83 2.71
CA LEU A 109 3.88 -12.14 2.11
C LEU A 109 3.63 -10.64 2.05
N TRP A 110 2.41 -10.25 1.76
CA TRP A 110 2.05 -8.84 1.67
C TRP A 110 1.86 -8.24 3.06
N MET A 111 1.11 -8.94 3.90
CA MET A 111 0.85 -8.47 5.26
C MET A 111 2.16 -8.30 6.04
N LYS A 112 2.89 -9.40 6.20
CA LYS A 112 4.16 -9.38 6.91
C LYS A 112 4.94 -8.10 6.59
N ALA A 113 4.88 -7.67 5.34
CA ALA A 113 5.58 -6.46 4.91
C ALA A 113 4.79 -5.21 5.28
N MET A 114 3.58 -5.10 4.73
CA MET A 114 2.73 -3.95 5.00
C MET A 114 2.74 -3.60 6.49
N LEU A 115 2.37 -4.57 7.32
CA LEU A 115 2.34 -4.36 8.77
C LEU A 115 3.63 -3.67 9.24
N ASP A 116 4.74 -3.98 8.58
CA ASP A 116 6.03 -3.40 8.94
C ASP A 116 6.15 -1.98 8.39
N ALA A 117 5.52 -1.75 7.24
CA ALA A 117 5.56 -0.44 6.60
C ALA A 117 4.48 0.49 7.18
N ALA A 118 3.52 -0.11 7.89
CA ALA A 118 2.44 0.66 8.50
C ALA A 118 2.76 1.04 9.94
N LEU A 119 3.24 0.06 10.70
CA LEU A 119 3.59 0.29 12.10
C LEU A 119 4.75 1.28 12.21
N VAL A 120 5.58 1.33 11.19
CA VAL A 120 6.73 2.22 11.17
C VAL A 120 6.41 3.53 11.89
N GLN A 121 7.38 4.03 12.65
CA GLN A 121 7.21 5.27 13.39
C GLN A 121 7.91 6.42 12.69
N THR A 122 7.55 6.66 11.43
CA THR A 122 8.14 7.74 10.65
C THR A 122 7.19 8.93 10.54
N SER A 123 6.40 9.14 11.59
CA SER A 123 5.45 10.25 11.60
C SER A 123 6.06 11.51 11.02
N GLY A 124 5.59 11.92 9.84
CA GLY A 124 6.11 13.10 9.20
C GLY A 124 5.03 13.92 8.53
N PRO A 125 5.22 15.25 8.50
CA PRO A 125 4.25 16.18 7.89
C PRO A 125 4.33 16.17 6.36
N SER A 126 3.61 15.24 5.74
CA SER A 126 3.61 15.13 4.29
C SER A 126 2.19 15.22 3.74
N SER A 127 1.74 16.44 3.48
CA SER A 127 0.40 16.66 2.96
C SER A 127 0.21 15.96 1.61
N GLY A 128 -0.91 15.29 1.45
CA GLY A 128 -1.19 14.59 0.22
C GLY A 128 -2.37 15.17 -0.53
N GLY A 1 38.81 13.01 4.51
CA GLY A 1 37.69 13.60 3.78
C GLY A 1 36.39 13.49 4.53
N SER A 2 35.38 14.22 4.05
CA SER A 2 34.06 14.21 4.69
C SER A 2 32.96 14.56 3.68
N SER A 3 31.98 13.67 3.56
CA SER A 3 30.88 13.88 2.63
C SER A 3 29.70 14.54 3.34
N GLY A 4 28.70 14.95 2.55
CA GLY A 4 27.53 15.58 3.11
C GLY A 4 26.24 14.91 2.68
N SER A 5 25.11 15.54 3.00
CA SER A 5 23.81 15.00 2.64
C SER A 5 22.77 16.12 2.52
N SER A 6 21.88 15.98 1.55
CA SER A 6 20.84 16.98 1.32
C SER A 6 19.85 16.49 0.27
N GLY A 7 18.66 17.09 0.27
CA GLY A 7 17.63 16.71 -0.68
C GLY A 7 16.81 17.89 -1.15
N LYS A 8 15.56 17.63 -1.51
CA LYS A 8 14.66 18.68 -1.99
C LYS A 8 13.22 18.40 -1.58
N ARG A 9 12.64 19.32 -0.81
CA ARG A 9 11.27 19.17 -0.36
C ARG A 9 10.29 19.35 -1.51
N SER A 10 9.51 18.30 -1.80
CA SER A 10 8.53 18.34 -2.87
C SER A 10 7.19 17.78 -2.42
N ASN A 11 6.15 18.03 -3.21
CA ASN A 11 4.81 17.56 -2.89
C ASN A 11 4.67 16.08 -3.23
N SER A 12 4.89 15.75 -4.50
CA SER A 12 4.78 14.36 -4.95
C SER A 12 5.71 13.45 -4.17
N ILE A 13 5.62 12.15 -4.42
CA ILE A 13 6.47 11.17 -3.75
C ILE A 13 7.49 10.58 -4.70
N LYS A 14 8.72 10.40 -4.22
CA LYS A 14 9.79 9.83 -5.03
C LYS A 14 10.23 8.48 -4.47
N ARG A 15 10.43 7.51 -5.36
CA ARG A 15 10.85 6.17 -4.96
C ARG A 15 12.38 6.08 -4.92
N ASN A 16 12.89 5.20 -4.06
CA ASN A 16 14.32 5.01 -3.93
C ASN A 16 14.73 3.61 -4.36
N PRO A 17 15.13 3.47 -5.63
CA PRO A 17 15.55 2.18 -6.18
C PRO A 17 16.46 1.40 -5.25
N ASN A 18 17.49 2.08 -4.73
CA ASN A 18 18.43 1.44 -3.82
C ASN A 18 17.69 0.71 -2.69
N ALA A 19 16.75 1.41 -2.06
CA ALA A 19 15.97 0.82 -0.98
C ALA A 19 15.64 -0.64 -1.26
N PRO A 20 16.38 -1.55 -0.62
CA PRO A 20 16.18 -3.00 -0.78
C PRO A 20 14.71 -3.38 -0.77
N VAL A 21 14.17 -3.69 -1.94
CA VAL A 21 12.76 -4.09 -2.06
C VAL A 21 12.47 -5.32 -1.21
N VAL A 22 11.41 -5.25 -0.42
CA VAL A 22 11.01 -6.36 0.43
C VAL A 22 10.42 -7.49 -0.39
N ARG A 23 9.45 -7.15 -1.25
CA ARG A 23 8.80 -8.14 -2.09
C ARG A 23 7.84 -7.47 -3.07
N ARG A 24 7.85 -7.92 -4.31
CA ARG A 24 6.99 -7.36 -5.34
C ARG A 24 6.15 -8.45 -6.00
N GLY A 25 4.85 -8.22 -6.07
CA GLY A 25 3.95 -9.20 -6.66
C GLY A 25 2.62 -8.59 -7.08
N TRP A 26 1.98 -9.20 -8.08
CA TRP A 26 0.70 -8.70 -8.57
C TRP A 26 -0.36 -8.76 -7.47
N LEU A 27 -0.63 -7.62 -6.85
CA LEU A 27 -1.63 -7.53 -5.79
C LEU A 27 -2.94 -6.98 -6.31
N TYR A 28 -4.05 -7.47 -5.75
CA TYR A 28 -5.37 -7.02 -6.16
C TYR A 28 -5.87 -5.90 -5.25
N LYS A 29 -6.46 -4.88 -5.87
CA LYS A 29 -6.99 -3.75 -5.12
C LYS A 29 -8.48 -3.54 -5.43
N GLN A 30 -9.20 -2.95 -4.47
CA GLN A 30 -10.62 -2.69 -4.65
C GLN A 30 -10.88 -1.21 -4.89
N ASP A 31 -11.99 -0.90 -5.56
CA ASP A 31 -12.34 0.47 -5.87
C ASP A 31 -13.13 1.10 -4.72
N SER A 32 -13.29 2.41 -4.75
CA SER A 32 -14.02 3.12 -3.71
C SER A 32 -15.24 3.84 -4.28
N THR A 33 -15.97 3.13 -5.16
CA THR A 33 -17.15 3.68 -5.78
C THR A 33 -17.86 2.64 -6.63
N GLY A 34 -19.19 2.74 -6.71
CA GLY A 34 -19.96 1.80 -7.49
C GLY A 34 -19.66 0.36 -7.13
N MET A 35 -19.33 -0.44 -8.13
CA MET A 35 -19.02 -1.85 -7.91
C MET A 35 -17.70 -2.00 -7.18
N LYS A 36 -17.69 -2.85 -6.15
CA LYS A 36 -16.49 -3.09 -5.36
C LYS A 36 -15.79 -4.37 -5.81
N LEU A 37 -15.25 -4.34 -7.02
CA LEU A 37 -14.55 -5.50 -7.57
C LEU A 37 -13.05 -5.41 -7.30
N TRP A 38 -12.31 -6.43 -7.72
CA TRP A 38 -10.87 -6.47 -7.53
C TRP A 38 -10.13 -6.28 -8.84
N LYS A 39 -9.25 -5.29 -8.89
CA LYS A 39 -8.48 -5.01 -10.09
C LYS A 39 -7.11 -5.68 -10.03
N LYS A 40 -6.43 -5.74 -11.17
CA LYS A 40 -5.11 -6.35 -11.25
C LYS A 40 -4.06 -5.33 -11.65
N ARG A 41 -3.00 -5.21 -10.84
CA ARG A 41 -1.93 -4.27 -11.12
C ARG A 41 -0.64 -4.71 -10.44
N TRP A 42 0.49 -4.27 -10.98
CA TRP A 42 1.79 -4.61 -10.42
C TRP A 42 2.12 -3.72 -9.23
N PHE A 43 2.39 -4.35 -8.08
CA PHE A 43 2.72 -3.62 -6.87
C PHE A 43 4.14 -3.93 -6.42
N VAL A 44 4.67 -3.09 -5.53
CA VAL A 44 6.02 -3.27 -5.02
C VAL A 44 6.16 -2.69 -3.61
N LEU A 45 6.83 -3.42 -2.74
CA LEU A 45 7.03 -2.99 -1.36
C LEU A 45 8.47 -2.55 -1.14
N SER A 46 8.71 -1.23 -1.18
CA SER A 46 10.05 -0.69 -0.99
C SER A 46 9.99 0.62 -0.20
N ASP A 47 11.05 0.90 0.54
CA ASP A 47 11.13 2.11 1.33
C ASP A 47 9.90 2.26 2.23
N LEU A 48 9.45 1.14 2.77
CA LEU A 48 8.27 1.13 3.64
C LEU A 48 7.11 1.88 3.00
N CYS A 49 6.96 1.72 1.70
CA CYS A 49 5.89 2.39 0.96
C CYS A 49 5.34 1.49 -0.13
N LEU A 50 4.21 1.89 -0.73
CA LEU A 50 3.59 1.12 -1.79
C LEU A 50 3.74 1.83 -3.14
N PHE A 51 4.15 1.07 -4.15
CA PHE A 51 4.32 1.63 -5.49
C PHE A 51 3.87 0.63 -6.56
N TYR A 52 3.13 1.13 -7.55
CA TYR A 52 2.64 0.28 -8.63
C TYR A 52 2.87 0.94 -9.98
N TYR A 53 2.82 0.13 -11.04
CA TYR A 53 3.03 0.63 -12.39
C TYR A 53 2.13 -0.10 -13.39
N ARG A 54 1.90 0.52 -14.53
CA ARG A 54 1.06 -0.07 -15.57
C ARG A 54 1.23 -1.58 -15.62
N ASP A 55 2.49 -2.02 -15.68
CA ASP A 55 2.80 -3.45 -15.73
C ASP A 55 4.09 -3.75 -14.97
N GLU A 56 4.43 -5.03 -14.88
CA GLU A 56 5.64 -5.45 -14.18
C GLU A 56 6.86 -4.69 -14.70
N LYS A 57 6.77 -4.21 -15.93
CA LYS A 57 7.86 -3.46 -16.53
C LYS A 57 8.36 -2.35 -15.60
N GLU A 58 7.49 -1.93 -14.69
CA GLU A 58 7.83 -0.89 -13.73
C GLU A 58 8.19 0.42 -14.45
N GLU A 59 7.43 0.74 -15.49
CA GLU A 59 7.66 1.95 -16.26
C GLU A 59 6.84 3.11 -15.72
N GLY A 60 7.48 3.99 -14.96
CA GLY A 60 6.79 5.14 -14.39
C GLY A 60 5.68 4.72 -13.44
N ILE A 61 5.64 5.37 -12.28
CA ILE A 61 4.63 5.08 -11.27
C ILE A 61 3.34 5.83 -11.55
N LEU A 62 2.21 5.12 -11.52
CA LEU A 62 0.91 5.73 -11.76
C LEU A 62 0.34 6.31 -10.48
N GLY A 63 0.96 5.98 -9.35
CA GLY A 63 0.50 6.49 -8.07
C GLY A 63 1.14 5.78 -6.90
N SER A 64 1.56 6.55 -5.89
CA SER A 64 2.20 5.98 -4.71
C SER A 64 1.25 6.00 -3.52
N ILE A 65 1.43 5.04 -2.62
CA ILE A 65 0.57 4.95 -1.43
C ILE A 65 1.42 4.80 -0.17
N LEU A 66 1.15 5.66 0.81
CA LEU A 66 1.88 5.63 2.07
C LEU A 66 1.27 4.61 3.03
N LEU A 67 2.00 3.53 3.28
CA LEU A 67 1.53 2.48 4.18
C LEU A 67 1.50 2.98 5.62
N PRO A 68 2.56 3.70 6.03
CA PRO A 68 2.67 4.24 7.39
C PRO A 68 1.41 4.96 7.82
N SER A 69 0.66 5.49 6.85
CA SER A 69 -0.57 6.21 7.14
C SER A 69 -1.77 5.28 7.12
N PHE A 70 -1.61 4.13 6.46
CA PHE A 70 -2.68 3.14 6.38
C PHE A 70 -2.65 2.20 7.58
N GLN A 71 -3.81 1.66 7.93
CA GLN A 71 -3.92 0.74 9.06
C GLN A 71 -4.36 -0.64 8.60
N ILE A 72 -3.44 -1.60 8.64
CA ILE A 72 -3.74 -2.96 8.23
C ILE A 72 -4.47 -3.73 9.33
N ALA A 73 -5.67 -4.19 9.03
CA ALA A 73 -6.47 -4.94 9.98
C ALA A 73 -7.38 -5.94 9.28
N LEU A 74 -7.42 -7.16 9.78
CA LEU A 74 -8.25 -8.21 9.21
C LEU A 74 -9.69 -7.72 9.03
N LEU A 75 -10.28 -8.06 7.88
CA LEU A 75 -11.65 -7.65 7.58
C LEU A 75 -12.56 -7.90 8.79
N THR A 76 -13.79 -7.40 8.70
CA THR A 76 -14.76 -7.57 9.78
C THR A 76 -16.18 -7.52 9.25
N SER A 77 -17.13 -7.97 10.06
CA SER A 77 -18.54 -7.99 9.68
C SER A 77 -18.92 -6.71 8.92
N GLU A 78 -18.70 -5.57 9.57
CA GLU A 78 -19.00 -4.28 8.97
C GLU A 78 -18.72 -4.30 7.46
N ASP A 79 -17.58 -4.88 7.09
CA ASP A 79 -17.19 -4.95 5.69
C ASP A 79 -18.23 -5.74 4.88
N HIS A 80 -18.70 -5.13 3.80
CA HIS A 80 -19.70 -5.78 2.94
C HIS A 80 -19.03 -6.72 1.94
N ILE A 81 -17.96 -7.37 2.38
CA ILE A 81 -17.23 -8.30 1.52
C ILE A 81 -17.32 -9.73 2.05
N ASN A 82 -18.03 -10.58 1.31
CA ASN A 82 -18.20 -11.98 1.71
C ASN A 82 -17.06 -12.83 1.16
N ARG A 83 -15.92 -12.21 0.89
CA ARG A 83 -14.76 -12.91 0.36
C ARG A 83 -13.84 -13.37 1.49
N LYS A 84 -12.73 -13.99 1.11
CA LYS A 84 -11.76 -14.47 2.09
C LYS A 84 -10.33 -14.15 1.65
N TYR A 85 -9.36 -14.60 2.44
CA TYR A 85 -7.96 -14.36 2.13
C TYR A 85 -7.74 -12.93 1.65
N ALA A 86 -8.32 -11.98 2.37
CA ALA A 86 -8.18 -10.57 2.03
C ALA A 86 -8.22 -9.70 3.27
N PHE A 87 -7.69 -8.49 3.17
CA PHE A 87 -7.66 -7.55 4.29
C PHE A 87 -8.03 -6.14 3.83
N LYS A 88 -8.08 -5.21 4.78
CA LYS A 88 -8.42 -3.83 4.49
C LYS A 88 -7.46 -2.87 5.16
N ALA A 89 -7.31 -1.68 4.59
CA ALA A 89 -6.41 -0.67 5.14
C ALA A 89 -7.16 0.64 5.40
N ALA A 90 -7.12 1.09 6.65
CA ALA A 90 -7.79 2.33 7.04
C ALA A 90 -6.84 3.52 6.94
N HIS A 91 -7.36 4.66 6.51
CA HIS A 91 -6.56 5.87 6.38
C HIS A 91 -7.33 7.09 6.88
N PRO A 92 -6.62 7.99 7.58
CA PRO A 92 -7.21 9.21 8.13
C PRO A 92 -7.51 10.25 7.05
N ASN A 93 -6.51 10.53 6.22
CA ASN A 93 -6.67 11.49 5.14
C ASN A 93 -7.14 10.82 3.86
N MET A 94 -7.65 9.60 4.00
CA MET A 94 -8.15 8.84 2.85
C MET A 94 -9.24 7.86 3.28
N ARG A 95 -9.69 7.05 2.34
CA ARG A 95 -10.73 6.06 2.63
C ARG A 95 -10.11 4.70 2.94
N THR A 96 -10.97 3.70 3.16
CA THR A 96 -10.51 2.36 3.48
C THR A 96 -10.30 1.53 2.21
N TYR A 97 -9.12 0.96 2.07
CA TYR A 97 -8.79 0.15 0.91
C TYR A 97 -9.00 -1.34 1.20
N TYR A 98 -8.90 -2.15 0.16
CA TYR A 98 -9.08 -3.59 0.30
C TYR A 98 -8.17 -4.36 -0.66
N PHE A 99 -7.50 -5.38 -0.15
CA PHE A 99 -6.59 -6.19 -0.96
C PHE A 99 -6.75 -7.67 -0.63
N CYS A 100 -6.68 -8.51 -1.66
CA CYS A 100 -6.82 -9.95 -1.48
C CYS A 100 -5.71 -10.70 -2.22
N THR A 101 -5.51 -11.96 -1.85
CA THR A 101 -4.48 -12.78 -2.47
C THR A 101 -5.04 -14.11 -2.93
N ASP A 102 -4.20 -14.92 -3.56
CA ASP A 102 -4.62 -16.23 -4.06
C ASP A 102 -4.75 -17.22 -2.90
N THR A 103 -3.83 -17.14 -1.96
CA THR A 103 -3.84 -18.03 -0.80
C THR A 103 -3.30 -17.34 0.44
N GLY A 104 -3.43 -18.00 1.59
CA GLY A 104 -2.94 -17.42 2.83
C GLY A 104 -1.49 -17.00 2.74
N LYS A 105 -0.69 -17.75 1.97
CA LYS A 105 0.71 -17.44 1.80
C LYS A 105 0.91 -16.06 1.19
N GLU A 106 0.45 -15.89 -0.05
CA GLU A 106 0.57 -14.62 -0.74
C GLU A 106 0.13 -13.46 0.16
N MET A 107 -0.64 -13.79 1.19
CA MET A 107 -1.13 -12.79 2.13
C MET A 107 -0.14 -12.58 3.28
N GLU A 108 0.44 -13.67 3.75
CA GLU A 108 1.40 -13.62 4.84
C GLU A 108 2.61 -12.76 4.47
N LEU A 109 3.03 -12.86 3.21
CA LEU A 109 4.16 -12.08 2.73
C LEU A 109 3.84 -10.59 2.69
N TRP A 110 2.72 -10.25 2.06
CA TRP A 110 2.28 -8.86 1.96
C TRP A 110 2.05 -8.26 3.34
N MET A 111 1.31 -8.99 4.18
CA MET A 111 1.01 -8.54 5.52
C MET A 111 2.29 -8.26 6.31
N LYS A 112 3.11 -9.30 6.45
CA LYS A 112 4.37 -9.18 7.18
C LYS A 112 5.06 -7.85 6.88
N ALA A 113 5.03 -7.45 5.61
CA ALA A 113 5.64 -6.20 5.18
C ALA A 113 4.73 -5.02 5.48
N MET A 114 3.60 -4.97 4.80
CA MET A 114 2.64 -3.88 5.00
C MET A 114 2.58 -3.47 6.46
N LEU A 115 2.26 -4.42 7.33
CA LEU A 115 2.18 -4.14 8.76
C LEU A 115 3.45 -3.47 9.27
N ASP A 116 4.59 -3.96 8.79
CA ASP A 116 5.88 -3.40 9.19
C ASP A 116 6.09 -2.02 8.59
N ALA A 117 5.41 -1.75 7.48
CA ALA A 117 5.52 -0.46 6.80
C ALA A 117 4.35 0.44 7.16
N ALA A 118 3.42 -0.08 7.96
CA ALA A 118 2.26 0.68 8.37
C ALA A 118 2.34 1.06 9.85
N LEU A 119 2.75 0.09 10.67
CA LEU A 119 2.87 0.32 12.11
C LEU A 119 3.77 1.52 12.40
N VAL A 120 4.56 1.90 11.40
CA VAL A 120 5.47 3.04 11.55
C VAL A 120 4.70 4.36 11.56
N GLN A 121 5.01 5.21 12.53
CA GLN A 121 4.35 6.50 12.66
C GLN A 121 5.20 7.61 12.03
N THR A 122 4.98 7.85 10.75
CA THR A 122 5.73 8.88 10.03
C THR A 122 4.99 9.33 8.78
N SER A 123 5.41 10.45 8.22
CA SER A 123 4.78 11.00 7.02
C SER A 123 3.26 10.96 7.14
N GLY A 124 2.76 11.52 8.23
CA GLY A 124 1.31 11.55 8.45
C GLY A 124 0.96 11.98 9.86
N PRO A 125 0.95 11.03 10.80
CA PRO A 125 0.63 11.29 12.20
C PRO A 125 1.76 11.99 12.94
N SER A 126 1.41 12.94 13.80
CA SER A 126 2.39 13.68 14.57
C SER A 126 2.47 13.16 16.00
N SER A 127 1.39 13.34 16.74
CA SER A 127 1.33 12.90 18.13
C SER A 127 -0.10 12.55 18.53
N GLY A 128 -0.24 11.87 19.67
CA GLY A 128 -1.57 11.49 20.13
C GLY A 128 -1.68 11.56 21.65
N GLY A 1 21.94 29.78 10.15
CA GLY A 1 23.36 30.04 10.23
C GLY A 1 24.17 29.11 9.35
N SER A 2 24.20 27.84 9.71
CA SER A 2 24.95 26.84 8.94
C SER A 2 24.16 26.39 7.71
N SER A 3 24.48 26.98 6.57
CA SER A 3 23.79 26.65 5.32
C SER A 3 24.05 25.19 4.94
N GLY A 4 22.98 24.40 4.89
CA GLY A 4 23.11 22.99 4.54
C GLY A 4 21.86 22.46 3.88
N SER A 5 21.88 21.16 3.54
CA SER A 5 20.74 20.52 2.91
C SER A 5 20.75 19.02 3.17
N SER A 6 19.57 18.41 3.15
CA SER A 6 19.44 16.98 3.38
C SER A 6 19.52 16.20 2.08
N GLY A 7 18.83 16.69 1.05
CA GLY A 7 18.85 16.03 -0.24
C GLY A 7 17.73 16.50 -1.14
N LYS A 8 17.79 16.12 -2.41
CA LYS A 8 16.77 16.50 -3.38
C LYS A 8 15.38 16.47 -2.76
N ARG A 9 14.51 17.36 -3.22
CA ARG A 9 13.15 17.44 -2.70
C ARG A 9 12.15 17.66 -3.83
N SER A 10 10.97 17.05 -3.70
CA SER A 10 9.93 17.18 -4.71
C SER A 10 8.54 16.98 -4.10
N ASN A 11 7.58 17.76 -4.58
CA ASN A 11 6.21 17.67 -4.08
C ASN A 11 5.77 16.22 -3.94
N SER A 12 5.89 15.46 -5.03
CA SER A 12 5.50 14.06 -5.04
C SER A 12 6.62 13.19 -4.47
N ILE A 13 6.36 11.88 -4.40
CA ILE A 13 7.33 10.94 -3.88
C ILE A 13 7.91 10.07 -4.99
N LYS A 14 9.24 9.91 -4.99
CA LYS A 14 9.91 9.10 -6.00
C LYS A 14 10.59 7.91 -5.35
N ARG A 15 10.36 6.73 -5.92
CA ARG A 15 10.95 5.50 -5.41
C ARG A 15 12.48 5.56 -5.49
N ASN A 16 13.13 5.14 -4.41
CA ASN A 16 14.60 5.14 -4.36
C ASN A 16 15.16 3.84 -4.92
N PRO A 17 16.29 3.95 -5.65
CA PRO A 17 16.95 2.79 -6.25
C PRO A 17 17.80 2.02 -5.25
N ASN A 18 18.58 2.75 -4.45
CA ASN A 18 19.44 2.13 -3.45
C ASN A 18 18.61 1.35 -2.43
N ALA A 19 17.40 1.82 -2.18
CA ALA A 19 16.50 1.17 -1.23
C ALA A 19 16.27 -0.29 -1.61
N PRO A 20 16.35 -1.19 -0.62
CA PRO A 20 16.15 -2.62 -0.82
C PRO A 20 14.68 -3.00 -0.90
N VAL A 21 14.25 -3.48 -2.06
CA VAL A 21 12.86 -3.88 -2.27
C VAL A 21 12.51 -5.09 -1.42
N VAL A 22 11.48 -4.95 -0.59
CA VAL A 22 11.05 -6.04 0.28
C VAL A 22 10.43 -7.18 -0.53
N ARG A 23 9.41 -6.85 -1.32
CA ARG A 23 8.73 -7.84 -2.15
C ARG A 23 7.82 -7.16 -3.17
N ARG A 24 7.77 -7.72 -4.38
CA ARG A 24 6.93 -7.17 -5.43
C ARG A 24 6.13 -8.27 -6.11
N GLY A 25 4.81 -8.06 -6.21
CA GLY A 25 3.95 -9.05 -6.84
C GLY A 25 2.64 -8.45 -7.30
N TRP A 26 1.99 -9.12 -8.26
CA TRP A 26 0.72 -8.64 -8.79
C TRP A 26 -0.39 -8.79 -7.76
N LEU A 27 -0.58 -7.76 -6.95
CA LEU A 27 -1.61 -7.77 -5.92
C LEU A 27 -2.94 -7.26 -6.47
N TYR A 28 -4.03 -7.63 -5.81
CA TYR A 28 -5.37 -7.20 -6.24
C TYR A 28 -5.86 -6.06 -5.37
N LYS A 29 -6.42 -5.03 -6.01
CA LYS A 29 -6.95 -3.88 -5.30
C LYS A 29 -8.38 -3.57 -5.74
N GLN A 30 -9.15 -2.97 -4.84
CA GLN A 30 -10.53 -2.63 -5.14
C GLN A 30 -10.60 -1.39 -6.03
N ASP A 31 -11.81 -1.04 -6.48
CA ASP A 31 -12.01 0.11 -7.33
C ASP A 31 -12.93 1.13 -6.66
N SER A 32 -14.05 0.66 -6.12
CA SER A 32 -15.01 1.52 -5.45
C SER A 32 -15.52 2.60 -6.41
N THR A 33 -15.85 2.20 -7.63
CA THR A 33 -16.35 3.13 -8.63
C THR A 33 -17.69 2.67 -9.20
N GLY A 34 -18.51 2.06 -8.36
CA GLY A 34 -19.80 1.57 -8.79
C GLY A 34 -20.01 0.11 -8.47
N MET A 35 -19.01 -0.72 -8.76
CA MET A 35 -19.10 -2.15 -8.49
C MET A 35 -17.89 -2.62 -7.69
N LYS A 36 -18.12 -2.97 -6.43
CA LYS A 36 -17.04 -3.45 -5.56
C LYS A 36 -16.37 -4.68 -6.16
N LEU A 37 -15.48 -4.45 -7.13
CA LEU A 37 -14.76 -5.54 -7.78
C LEU A 37 -13.27 -5.44 -7.50
N TRP A 38 -12.54 -6.50 -7.88
CA TRP A 38 -11.09 -6.53 -7.67
C TRP A 38 -10.35 -6.45 -8.99
N LYS A 39 -9.37 -5.55 -9.06
CA LYS A 39 -8.58 -5.37 -10.28
C LYS A 39 -7.13 -5.77 -10.04
N LYS A 40 -6.46 -6.22 -11.10
CA LYS A 40 -5.07 -6.62 -11.01
C LYS A 40 -4.14 -5.47 -11.37
N ARG A 41 -3.06 -5.34 -10.61
CA ARG A 41 -2.09 -4.27 -10.84
C ARG A 41 -0.73 -4.63 -10.23
N TRP A 42 0.33 -4.09 -10.81
CA TRP A 42 1.68 -4.34 -10.33
C TRP A 42 1.98 -3.50 -9.09
N PHE A 43 2.35 -4.17 -8.01
CA PHE A 43 2.66 -3.49 -6.76
C PHE A 43 4.11 -3.76 -6.34
N VAL A 44 4.60 -2.98 -5.38
CA VAL A 44 5.96 -3.14 -4.89
C VAL A 44 6.11 -2.58 -3.48
N LEU A 45 6.72 -3.37 -2.59
CA LEU A 45 6.92 -2.95 -1.21
C LEU A 45 8.37 -2.54 -0.97
N SER A 46 8.63 -1.23 -1.02
CA SER A 46 9.97 -0.71 -0.81
C SER A 46 9.95 0.49 0.13
N ASP A 47 11.02 0.68 0.88
CA ASP A 47 11.12 1.79 1.81
C ASP A 47 9.84 1.94 2.62
N LEU A 48 9.32 0.82 3.11
CA LEU A 48 8.10 0.83 3.90
C LEU A 48 7.02 1.69 3.22
N CYS A 49 6.85 1.51 1.93
CA CYS A 49 5.85 2.27 1.17
C CYS A 49 5.33 1.45 -0.01
N LEU A 50 4.15 1.81 -0.50
CA LEU A 50 3.53 1.12 -1.61
C LEU A 50 3.79 1.85 -2.92
N PHE A 51 4.10 1.09 -3.97
CA PHE A 51 4.38 1.66 -5.28
C PHE A 51 3.88 0.75 -6.39
N TYR A 52 3.03 1.30 -7.26
CA TYR A 52 2.47 0.53 -8.37
C TYR A 52 2.69 1.26 -9.69
N TYR A 53 2.60 0.51 -10.79
CA TYR A 53 2.78 1.08 -12.12
C TYR A 53 1.78 0.50 -13.11
N ARG A 54 1.84 0.96 -14.35
CA ARG A 54 0.94 0.48 -15.39
C ARG A 54 1.00 -1.03 -15.52
N ASP A 55 2.21 -1.57 -15.59
CA ASP A 55 2.41 -3.01 -15.71
C ASP A 55 3.76 -3.42 -15.15
N GLU A 56 4.09 -4.70 -15.28
CA GLU A 56 5.35 -5.22 -14.78
C GLU A 56 6.52 -4.35 -15.24
N LYS A 57 6.40 -3.76 -16.42
CA LYS A 57 7.43 -2.91 -16.98
C LYS A 57 7.92 -1.91 -15.93
N GLU A 58 7.06 -1.59 -14.97
CA GLU A 58 7.40 -0.63 -13.92
C GLU A 58 7.85 0.69 -14.51
N GLU A 59 7.16 1.14 -15.56
CA GLU A 59 7.49 2.39 -16.21
C GLU A 59 6.70 3.55 -15.62
N GLY A 60 7.38 4.41 -14.87
CA GLY A 60 6.73 5.54 -14.24
C GLY A 60 5.64 5.12 -13.28
N ILE A 61 5.63 5.73 -12.09
CA ILE A 61 4.63 5.42 -11.08
C ILE A 61 3.37 6.24 -11.28
N LEU A 62 2.23 5.57 -11.36
CA LEU A 62 0.95 6.24 -11.55
C LEU A 62 0.48 6.87 -10.25
N GLY A 63 0.79 6.23 -9.13
CA GLY A 63 0.39 6.75 -7.83
C GLY A 63 1.04 6.01 -6.68
N SER A 64 1.44 6.75 -5.65
CA SER A 64 2.09 6.15 -4.49
C SER A 64 1.13 6.10 -3.31
N ILE A 65 1.30 5.07 -2.47
CA ILE A 65 0.44 4.90 -1.30
C ILE A 65 1.27 4.77 -0.03
N LEU A 66 1.00 5.62 0.96
CA LEU A 66 1.72 5.59 2.22
C LEU A 66 1.11 4.57 3.17
N LEU A 67 1.84 3.48 3.43
CA LEU A 67 1.37 2.44 4.32
C LEU A 67 1.29 2.93 5.75
N PRO A 68 2.34 3.66 6.18
CA PRO A 68 2.41 4.21 7.54
C PRO A 68 1.13 4.93 7.94
N SER A 69 0.39 5.41 6.96
CA SER A 69 -0.85 6.13 7.21
C SER A 69 -2.04 5.16 7.18
N PHE A 70 -1.86 4.02 6.53
CA PHE A 70 -2.91 3.02 6.42
C PHE A 70 -2.91 2.10 7.64
N GLN A 71 -4.07 1.53 7.95
CA GLN A 71 -4.20 0.64 9.08
C GLN A 71 -4.58 -0.77 8.62
N ILE A 72 -3.63 -1.69 8.71
CA ILE A 72 -3.86 -3.07 8.31
C ILE A 72 -4.60 -3.84 9.40
N ALA A 73 -5.85 -4.20 9.13
CA ALA A 73 -6.66 -4.94 10.08
C ALA A 73 -7.56 -5.95 9.37
N LEU A 74 -7.61 -7.17 9.89
CA LEU A 74 -8.42 -8.22 9.30
C LEU A 74 -9.88 -7.78 9.18
N LEU A 75 -10.49 -8.06 8.03
CA LEU A 75 -11.88 -7.69 7.79
C LEU A 75 -12.76 -8.07 8.97
N THR A 76 -13.93 -7.46 9.06
CA THR A 76 -14.86 -7.74 10.14
C THR A 76 -16.31 -7.66 9.65
N SER A 77 -17.25 -7.98 10.53
CA SER A 77 -18.66 -7.96 10.19
C SER A 77 -19.03 -6.67 9.45
N GLU A 78 -18.56 -5.54 9.99
CA GLU A 78 -18.84 -4.25 9.37
C GLU A 78 -18.67 -4.31 7.86
N ASP A 79 -17.55 -4.88 7.43
CA ASP A 79 -17.25 -5.01 6.00
C ASP A 79 -18.30 -5.87 5.30
N HIS A 80 -18.97 -5.31 4.31
CA HIS A 80 -20.00 -6.03 3.57
C HIS A 80 -19.38 -6.87 2.45
N ILE A 81 -18.20 -7.42 2.73
CA ILE A 81 -17.50 -8.25 1.76
C ILE A 81 -17.47 -9.71 2.19
N ASN A 82 -18.03 -10.58 1.36
CA ASN A 82 -18.06 -12.01 1.66
C ASN A 82 -16.84 -12.72 1.07
N ARG A 83 -15.69 -12.05 1.13
CA ARG A 83 -14.45 -12.62 0.60
C ARG A 83 -13.64 -13.26 1.72
N LYS A 84 -12.73 -14.16 1.34
CA LYS A 84 -11.87 -14.84 2.31
C LYS A 84 -10.40 -14.60 2.00
N TYR A 85 -9.56 -14.69 3.03
CA TYR A 85 -8.13 -14.48 2.87
C TYR A 85 -7.84 -13.09 2.31
N ALA A 86 -8.55 -12.09 2.82
CA ALA A 86 -8.37 -10.72 2.38
C ALA A 86 -8.36 -9.75 3.56
N PHE A 87 -7.72 -8.61 3.38
CA PHE A 87 -7.63 -7.60 4.42
C PHE A 87 -8.00 -6.22 3.89
N LYS A 88 -8.10 -5.25 4.79
CA LYS A 88 -8.43 -3.89 4.40
C LYS A 88 -7.52 -2.88 5.11
N ALA A 89 -7.31 -1.73 4.48
CA ALA A 89 -6.46 -0.69 5.03
C ALA A 89 -7.24 0.61 5.21
N ALA A 90 -7.32 1.08 6.45
CA ALA A 90 -8.03 2.32 6.75
C ALA A 90 -7.09 3.52 6.72
N HIS A 91 -7.54 4.62 6.13
CA HIS A 91 -6.74 5.82 6.04
C HIS A 91 -7.52 7.04 6.54
N PRO A 92 -6.84 7.92 7.27
CA PRO A 92 -7.44 9.14 7.82
C PRO A 92 -7.71 10.19 6.74
N ASN A 93 -6.69 10.47 5.93
CA ASN A 93 -6.81 11.45 4.85
C ASN A 93 -7.24 10.78 3.56
N MET A 94 -7.77 9.57 3.65
CA MET A 94 -8.22 8.83 2.48
C MET A 94 -9.30 7.82 2.86
N ARG A 95 -9.75 7.05 1.87
CA ARG A 95 -10.79 6.05 2.09
C ARG A 95 -10.17 4.72 2.53
N THR A 96 -11.02 3.74 2.79
CA THR A 96 -10.55 2.42 3.21
C THR A 96 -10.29 1.52 2.01
N TYR A 97 -9.05 1.05 1.89
CA TYR A 97 -8.67 0.18 0.79
C TYR A 97 -8.90 -1.29 1.14
N TYR A 98 -8.88 -2.14 0.13
CA TYR A 98 -9.10 -3.57 0.33
C TYR A 98 -8.22 -4.39 -0.61
N PHE A 99 -7.54 -5.39 -0.06
CA PHE A 99 -6.66 -6.25 -0.84
C PHE A 99 -6.87 -7.71 -0.49
N CYS A 100 -6.77 -8.58 -1.49
CA CYS A 100 -6.96 -10.01 -1.29
C CYS A 100 -5.90 -10.81 -2.04
N THR A 101 -5.74 -12.07 -1.66
CA THR A 101 -4.76 -12.95 -2.30
C THR A 101 -5.39 -14.28 -2.69
N ASP A 102 -4.57 -15.16 -3.25
CA ASP A 102 -5.04 -16.49 -3.66
C ASP A 102 -5.16 -17.41 -2.47
N THR A 103 -4.17 -17.38 -1.58
CA THR A 103 -4.17 -18.22 -0.39
C THR A 103 -3.57 -17.49 0.80
N GLY A 104 -3.52 -18.16 1.94
CA GLY A 104 -2.97 -17.56 3.14
C GLY A 104 -1.55 -17.09 2.95
N LYS A 105 -0.74 -17.89 2.24
CA LYS A 105 0.64 -17.54 2.00
C LYS A 105 0.76 -16.19 1.29
N GLU A 106 0.24 -16.12 0.08
CA GLU A 106 0.27 -14.88 -0.70
C GLU A 106 -0.16 -13.70 0.15
N MET A 107 -0.88 -13.98 1.24
CA MET A 107 -1.35 -12.93 2.13
C MET A 107 -0.31 -12.62 3.21
N GLU A 108 0.31 -13.67 3.75
CA GLU A 108 1.31 -13.51 4.78
C GLU A 108 2.51 -12.72 4.25
N LEU A 109 2.83 -12.92 2.98
CA LEU A 109 3.96 -12.23 2.35
C LEU A 109 3.70 -10.73 2.29
N TRP A 110 2.47 -10.36 1.96
CA TRP A 110 2.09 -8.95 1.85
C TRP A 110 1.91 -8.34 3.24
N MET A 111 1.12 -9.00 4.08
CA MET A 111 0.86 -8.52 5.42
C MET A 111 2.17 -8.36 6.20
N LYS A 112 2.91 -9.46 6.35
CA LYS A 112 4.18 -9.43 7.06
C LYS A 112 4.94 -8.14 6.78
N ALA A 113 4.92 -7.71 5.52
CA ALA A 113 5.61 -6.49 5.13
C ALA A 113 4.75 -5.26 5.43
N MET A 114 3.63 -5.14 4.73
CA MET A 114 2.72 -4.02 4.90
C MET A 114 2.71 -3.57 6.37
N LEU A 115 2.40 -4.49 7.27
CA LEU A 115 2.35 -4.19 8.69
C LEU A 115 3.64 -3.51 9.15
N ASP A 116 4.77 -4.00 8.65
CA ASP A 116 6.06 -3.43 9.01
C ASP A 116 6.13 -1.96 8.63
N ALA A 117 5.36 -1.57 7.62
CA ALA A 117 5.33 -0.18 7.17
C ALA A 117 4.25 0.61 7.88
N ALA A 118 3.07 0.02 8.00
CA ALA A 118 1.95 0.67 8.66
C ALA A 118 2.27 0.95 10.13
N LEU A 119 2.69 -0.09 10.84
CA LEU A 119 3.03 0.03 12.25
C LEU A 119 3.69 1.38 12.53
N VAL A 120 4.44 1.89 11.55
CA VAL A 120 5.12 3.16 11.69
C VAL A 120 4.22 4.21 12.34
N GLN A 121 4.78 4.99 13.24
CA GLN A 121 4.01 6.03 13.93
C GLN A 121 4.37 7.41 13.39
N THR A 122 4.40 7.54 12.07
CA THR A 122 4.73 8.80 11.43
C THR A 122 3.48 9.64 11.19
N SER A 123 2.50 9.48 12.07
CA SER A 123 1.24 10.22 11.96
C SER A 123 1.47 11.71 12.17
N GLY A 124 0.90 12.53 11.29
CA GLY A 124 1.06 13.96 11.40
C GLY A 124 -0.23 14.70 11.10
N PRO A 125 -0.98 15.04 12.15
CA PRO A 125 -2.25 15.76 12.02
C PRO A 125 -2.15 16.93 11.06
N SER A 126 -1.00 17.59 11.04
CA SER A 126 -0.77 18.73 10.17
C SER A 126 -0.56 18.28 8.73
N SER A 127 -1.66 18.14 7.99
CA SER A 127 -1.58 17.70 6.60
C SER A 127 -1.47 18.90 5.67
N GLY A 128 -0.23 19.23 5.28
CA GLY A 128 -0.01 20.36 4.39
C GLY A 128 0.76 21.47 5.06
N GLY A 1 22.49 2.85 5.68
CA GLY A 1 23.26 1.97 6.54
C GLY A 1 24.65 2.51 6.81
N SER A 2 25.63 2.02 6.05
CA SER A 2 27.01 2.44 6.22
C SER A 2 27.12 3.97 6.19
N SER A 3 26.62 4.57 5.11
CA SER A 3 26.64 6.03 4.97
C SER A 3 25.36 6.66 5.48
N GLY A 4 24.23 6.08 5.11
CA GLY A 4 22.95 6.60 5.55
C GLY A 4 21.96 6.76 4.40
N SER A 5 21.63 8.00 4.08
CA SER A 5 20.69 8.29 3.00
C SER A 5 20.90 9.69 2.45
N SER A 6 20.56 9.88 1.17
CA SER A 6 20.72 11.18 0.53
C SER A 6 19.61 12.13 0.95
N GLY A 7 18.37 11.63 0.95
CA GLY A 7 17.24 12.45 1.33
C GLY A 7 16.05 12.24 0.41
N LYS A 8 14.91 12.83 0.79
CA LYS A 8 13.69 12.71 0.00
C LYS A 8 13.12 14.08 -0.33
N ARG A 9 12.20 14.13 -1.28
CA ARG A 9 11.57 15.38 -1.68
C ARG A 9 10.21 15.55 -1.01
N SER A 10 9.86 16.79 -0.72
CA SER A 10 8.59 17.10 -0.07
C SER A 10 7.48 17.28 -1.10
N ASN A 11 7.68 18.20 -2.02
CA ASN A 11 6.69 18.48 -3.06
C ASN A 11 6.13 17.17 -3.63
N SER A 12 7.01 16.28 -4.05
CA SER A 12 6.60 15.00 -4.61
C SER A 12 7.45 13.86 -4.03
N ILE A 13 6.97 12.64 -4.20
CA ILE A 13 7.67 11.47 -3.69
C ILE A 13 8.29 10.66 -4.84
N LYS A 14 9.54 10.26 -4.66
CA LYS A 14 10.24 9.48 -5.68
C LYS A 14 10.82 8.20 -5.09
N ARG A 15 10.57 7.09 -5.76
CA ARG A 15 11.07 5.79 -5.30
C ARG A 15 12.58 5.80 -5.17
N ASN A 16 13.11 4.88 -4.37
CA ASN A 16 14.55 4.78 -4.16
C ASN A 16 15.07 3.39 -4.54
N PRO A 17 15.59 3.27 -5.77
CA PRO A 17 16.12 2.00 -6.27
C PRO A 17 16.95 1.26 -5.22
N ASN A 18 17.92 1.96 -4.65
CA ASN A 18 18.78 1.37 -3.63
C ASN A 18 17.95 0.65 -2.57
N ALA A 19 16.95 1.33 -2.05
CA ALA A 19 16.07 0.76 -1.03
C ALA A 19 15.73 -0.70 -1.35
N PRO A 20 16.41 -1.63 -0.67
CA PRO A 20 16.20 -3.06 -0.86
C PRO A 20 14.71 -3.44 -0.87
N VAL A 21 14.17 -3.66 -2.07
CA VAL A 21 12.78 -4.03 -2.22
C VAL A 21 12.45 -5.29 -1.43
N VAL A 22 11.45 -5.20 -0.57
CA VAL A 22 11.03 -6.33 0.24
C VAL A 22 10.41 -7.44 -0.62
N ARG A 23 9.49 -7.04 -1.50
CA ARG A 23 8.83 -7.99 -2.38
C ARG A 23 7.92 -7.28 -3.37
N ARG A 24 7.82 -7.82 -4.57
CA ARG A 24 6.98 -7.22 -5.61
C ARG A 24 6.16 -8.29 -6.33
N GLY A 25 4.85 -8.09 -6.41
CA GLY A 25 3.98 -9.03 -7.08
C GLY A 25 2.66 -8.42 -7.49
N TRP A 26 2.02 -9.02 -8.49
CA TRP A 26 0.74 -8.53 -8.99
C TRP A 26 -0.35 -8.68 -7.93
N LEU A 27 -0.55 -7.63 -7.14
CA LEU A 27 -1.55 -7.65 -6.09
C LEU A 27 -2.92 -7.26 -6.65
N TYR A 28 -3.97 -7.62 -5.91
CA TYR A 28 -5.34 -7.30 -6.33
C TYR A 28 -5.94 -6.22 -5.44
N LYS A 29 -6.48 -5.18 -6.08
CA LYS A 29 -7.10 -4.09 -5.35
C LYS A 29 -8.54 -3.89 -5.79
N GLN A 30 -9.38 -3.40 -4.88
CA GLN A 30 -10.79 -3.16 -5.17
C GLN A 30 -10.93 -2.18 -6.33
N ASP A 31 -12.18 -1.92 -6.74
CA ASP A 31 -12.46 -1.00 -7.83
C ASP A 31 -13.41 0.09 -7.39
N SER A 32 -14.40 -0.28 -6.58
CA SER A 32 -15.39 0.67 -6.09
C SER A 32 -16.15 1.32 -7.24
N THR A 33 -16.65 0.48 -8.15
CA THR A 33 -17.39 0.96 -9.31
C THR A 33 -18.67 0.17 -9.51
N GLY A 34 -19.66 0.42 -8.65
CA GLY A 34 -20.93 -0.29 -8.75
C GLY A 34 -20.94 -1.58 -7.96
N MET A 35 -19.89 -2.39 -8.15
CA MET A 35 -19.79 -3.66 -7.45
C MET A 35 -18.39 -3.85 -6.88
N LYS A 36 -18.32 -4.16 -5.59
CA LYS A 36 -17.05 -4.36 -4.91
C LYS A 36 -16.27 -5.51 -5.56
N LEU A 37 -15.60 -5.20 -6.67
CA LEU A 37 -14.82 -6.20 -7.39
C LEU A 37 -13.32 -5.93 -7.23
N TRP A 38 -12.50 -6.87 -7.69
CA TRP A 38 -11.06 -6.74 -7.60
C TRP A 38 -10.44 -6.55 -8.99
N LYS A 39 -9.25 -5.97 -9.02
CA LYS A 39 -8.55 -5.73 -10.28
C LYS A 39 -7.06 -6.04 -10.14
N LYS A 40 -6.47 -6.55 -11.22
CA LYS A 40 -5.04 -6.87 -11.21
C LYS A 40 -4.20 -5.63 -11.44
N ARG A 41 -3.21 -5.42 -10.57
CA ARG A 41 -2.33 -4.27 -10.67
C ARG A 41 -0.96 -4.58 -10.08
N TRP A 42 0.08 -4.01 -10.67
CA TRP A 42 1.45 -4.23 -10.20
C TRP A 42 1.71 -3.43 -8.92
N PHE A 43 2.33 -4.07 -7.94
CA PHE A 43 2.64 -3.42 -6.68
C PHE A 43 4.07 -3.75 -6.24
N VAL A 44 4.68 -2.82 -5.51
CA VAL A 44 6.04 -3.01 -5.02
C VAL A 44 6.19 -2.50 -3.59
N LEU A 45 6.69 -3.36 -2.71
CA LEU A 45 6.88 -2.99 -1.31
C LEU A 45 8.32 -2.54 -1.05
N SER A 46 8.53 -1.23 -1.00
CA SER A 46 9.86 -0.68 -0.76
C SER A 46 9.77 0.59 0.08
N ASP A 47 10.85 0.89 0.79
CA ASP A 47 10.90 2.07 1.65
C ASP A 47 9.65 2.18 2.50
N LEU A 48 9.21 1.05 3.04
CA LEU A 48 8.02 1.02 3.88
C LEU A 48 6.88 1.82 3.24
N CYS A 49 6.71 1.66 1.94
CA CYS A 49 5.66 2.36 1.21
C CYS A 49 5.12 1.50 0.07
N LEU A 50 4.01 1.94 -0.52
CA LEU A 50 3.39 1.21 -1.62
C LEU A 50 3.60 1.93 -2.94
N PHE A 51 4.00 1.19 -3.97
CA PHE A 51 4.23 1.75 -5.29
C PHE A 51 3.73 0.82 -6.39
N TYR A 52 2.92 1.34 -7.29
CA TYR A 52 2.37 0.55 -8.38
C TYR A 52 2.56 1.27 -9.72
N TYR A 53 2.56 0.50 -10.80
CA TYR A 53 2.72 1.06 -12.14
C TYR A 53 1.67 0.52 -13.09
N ARG A 54 1.66 1.04 -14.32
CA ARG A 54 0.71 0.59 -15.33
C ARG A 54 0.86 -0.90 -15.62
N ASP A 55 2.09 -1.38 -15.55
CA ASP A 55 2.37 -2.79 -15.80
C ASP A 55 3.73 -3.19 -15.22
N GLU A 56 4.11 -4.44 -15.42
CA GLU A 56 5.38 -4.95 -14.92
C GLU A 56 6.54 -4.07 -15.39
N LYS A 57 6.40 -3.53 -16.60
CA LYS A 57 7.44 -2.67 -17.17
C LYS A 57 7.87 -1.60 -16.17
N GLU A 58 6.98 -1.26 -15.26
CA GLU A 58 7.27 -0.26 -14.24
C GLU A 58 7.79 1.03 -14.88
N GLU A 59 7.12 1.47 -15.94
CA GLU A 59 7.51 2.68 -16.64
C GLU A 59 6.62 3.86 -16.24
N GLY A 60 6.94 4.48 -15.11
CA GLY A 60 6.16 5.60 -14.63
C GLY A 60 5.12 5.20 -13.60
N ILE A 61 5.29 5.69 -12.38
CA ILE A 61 4.37 5.38 -11.31
C ILE A 61 3.07 6.18 -11.43
N LEU A 62 1.95 5.47 -11.48
CA LEU A 62 0.65 6.13 -11.61
C LEU A 62 0.26 6.83 -10.30
N GLY A 63 0.72 6.28 -9.19
CA GLY A 63 0.41 6.87 -7.90
C GLY A 63 1.04 6.11 -6.74
N SER A 64 1.46 6.83 -5.71
CA SER A 64 2.10 6.22 -4.56
C SER A 64 1.13 6.18 -3.37
N ILE A 65 1.34 5.22 -2.48
CA ILE A 65 0.48 5.08 -1.30
C ILE A 65 1.32 4.95 -0.04
N LEU A 66 1.06 5.82 0.93
CA LEU A 66 1.79 5.80 2.20
C LEU A 66 1.19 4.79 3.16
N LEU A 67 1.89 3.68 3.37
CA LEU A 67 1.43 2.64 4.28
C LEU A 67 1.44 3.11 5.73
N PRO A 68 2.51 3.82 6.10
CA PRO A 68 2.67 4.36 7.46
C PRO A 68 1.42 5.08 7.94
N SER A 69 0.62 5.58 7.00
CA SER A 69 -0.61 6.29 7.34
C SER A 69 -1.81 5.34 7.33
N PHE A 70 -1.66 4.23 6.61
CA PHE A 70 -2.73 3.24 6.52
C PHE A 70 -2.73 2.32 7.73
N GLN A 71 -3.84 1.63 7.95
CA GLN A 71 -3.97 0.71 9.07
C GLN A 71 -4.43 -0.66 8.59
N ILE A 72 -3.53 -1.64 8.65
CA ILE A 72 -3.85 -3.00 8.23
C ILE A 72 -4.60 -3.75 9.32
N ALA A 73 -5.81 -4.22 8.98
CA ALA A 73 -6.63 -4.95 9.93
C ALA A 73 -7.46 -6.02 9.22
N LEU A 74 -7.60 -7.17 9.86
CA LEU A 74 -8.37 -8.27 9.29
C LEU A 74 -9.83 -7.89 9.13
N LEU A 75 -10.41 -8.24 7.99
CA LEU A 75 -11.81 -7.93 7.71
C LEU A 75 -12.71 -8.43 8.83
N THR A 76 -13.97 -8.00 8.81
CA THR A 76 -14.93 -8.42 9.83
C THR A 76 -16.35 -8.44 9.26
N SER A 77 -17.29 -8.89 10.08
CA SER A 77 -18.69 -8.96 9.66
C SER A 77 -19.15 -7.64 9.07
N GLU A 78 -18.48 -6.56 9.45
CA GLU A 78 -18.82 -5.23 8.96
C GLU A 78 -18.64 -5.15 7.45
N ASP A 79 -17.51 -5.65 6.97
CA ASP A 79 -17.21 -5.63 5.53
C ASP A 79 -18.24 -6.46 4.76
N HIS A 80 -18.65 -5.96 3.61
CA HIS A 80 -19.63 -6.65 2.77
C HIS A 80 -18.93 -7.54 1.76
N ILE A 81 -17.76 -8.05 2.12
CA ILE A 81 -16.99 -8.92 1.24
C ILE A 81 -16.85 -10.31 1.85
N ASN A 82 -16.91 -11.34 1.00
CA ASN A 82 -16.78 -12.72 1.45
C ASN A 82 -15.57 -13.39 0.80
N ARG A 83 -14.47 -12.66 0.72
CA ARG A 83 -13.24 -13.18 0.12
C ARG A 83 -12.32 -13.76 1.19
N LYS A 84 -11.63 -14.84 0.85
CA LYS A 84 -10.72 -15.49 1.79
C LYS A 84 -9.37 -14.78 1.80
N TYR A 85 -8.59 -15.03 2.85
CA TYR A 85 -7.27 -14.41 2.98
C TYR A 85 -7.27 -12.99 2.41
N ALA A 86 -8.20 -12.18 2.89
CA ALA A 86 -8.32 -10.79 2.44
C ALA A 86 -8.24 -9.82 3.61
N PHE A 87 -7.69 -8.64 3.35
CA PHE A 87 -7.55 -7.62 4.38
C PHE A 87 -7.88 -6.23 3.82
N LYS A 88 -8.05 -5.27 4.72
CA LYS A 88 -8.37 -3.90 4.33
C LYS A 88 -7.51 -2.90 5.10
N ALA A 89 -7.28 -1.74 4.49
CA ALA A 89 -6.48 -0.69 5.11
C ALA A 89 -7.30 0.58 5.32
N ALA A 90 -7.28 1.10 6.54
CA ALA A 90 -8.01 2.31 6.87
C ALA A 90 -7.10 3.54 6.84
N HIS A 91 -7.63 4.65 6.37
CA HIS A 91 -6.87 5.89 6.29
C HIS A 91 -7.71 7.08 6.75
N PRO A 92 -7.07 8.00 7.49
CA PRO A 92 -7.74 9.20 8.01
C PRO A 92 -8.00 10.24 6.93
N ASN A 93 -6.96 10.54 6.14
CA ASN A 93 -7.09 11.51 5.06
C ASN A 93 -7.49 10.84 3.76
N MET A 94 -7.89 9.57 3.85
CA MET A 94 -8.30 8.81 2.67
C MET A 94 -9.37 7.79 3.04
N ARG A 95 -9.76 6.97 2.07
CA ARG A 95 -10.78 5.95 2.28
C ARG A 95 -10.15 4.62 2.70
N THR A 96 -10.98 3.61 2.88
CA THR A 96 -10.50 2.29 3.27
C THR A 96 -10.21 1.41 2.05
N TYR A 97 -8.98 0.94 1.94
CA TYR A 97 -8.58 0.10 0.82
C TYR A 97 -8.85 -1.38 1.13
N TYR A 98 -8.65 -2.22 0.13
CA TYR A 98 -8.87 -3.65 0.29
C TYR A 98 -7.93 -4.45 -0.61
N PHE A 99 -7.26 -5.45 -0.02
CA PHE A 99 -6.32 -6.28 -0.76
C PHE A 99 -6.52 -7.76 -0.40
N CYS A 100 -6.55 -8.61 -1.43
CA CYS A 100 -6.73 -10.04 -1.23
C CYS A 100 -5.72 -10.83 -2.05
N THR A 101 -5.55 -12.10 -1.69
CA THR A 101 -4.60 -12.96 -2.39
C THR A 101 -5.26 -14.28 -2.80
N ASP A 102 -4.47 -15.18 -3.36
CA ASP A 102 -4.98 -16.48 -3.80
C ASP A 102 -4.88 -17.51 -2.67
N THR A 103 -3.93 -17.30 -1.77
CA THR A 103 -3.73 -18.20 -0.65
C THR A 103 -3.21 -17.47 0.57
N GLY A 104 -3.11 -18.17 1.70
CA GLY A 104 -2.61 -17.56 2.92
C GLY A 104 -1.24 -16.97 2.75
N LYS A 105 -0.30 -17.78 2.28
CA LYS A 105 1.07 -17.32 2.07
C LYS A 105 1.10 -16.01 1.30
N GLU A 106 0.65 -16.04 0.05
CA GLU A 106 0.62 -14.84 -0.78
C GLU A 106 0.14 -13.63 0.02
N MET A 107 -0.62 -13.89 1.07
CA MET A 107 -1.15 -12.83 1.91
C MET A 107 -0.19 -12.50 3.05
N GLU A 108 0.46 -13.54 3.58
CA GLU A 108 1.40 -13.37 4.68
C GLU A 108 2.59 -12.52 4.24
N LEU A 109 2.99 -12.68 2.99
CA LEU A 109 4.12 -11.92 2.44
C LEU A 109 3.80 -10.44 2.37
N TRP A 110 2.56 -10.13 2.00
CA TRP A 110 2.12 -8.74 1.90
C TRP A 110 1.90 -8.13 3.27
N MET A 111 1.12 -8.83 4.11
CA MET A 111 0.83 -8.36 5.45
C MET A 111 2.11 -8.13 6.25
N LYS A 112 2.84 -9.21 6.49
CA LYS A 112 4.09 -9.14 7.24
C LYS A 112 4.83 -7.82 6.94
N ALA A 113 4.80 -7.42 5.68
CA ALA A 113 5.46 -6.19 5.26
C ALA A 113 4.60 -4.96 5.60
N MET A 114 3.41 -4.91 5.01
CA MET A 114 2.49 -3.80 5.25
C MET A 114 2.43 -3.46 6.74
N LEU A 115 2.13 -4.45 7.56
CA LEU A 115 2.03 -4.25 9.00
C LEU A 115 3.29 -3.56 9.54
N ASP A 116 4.43 -3.86 8.93
CA ASP A 116 5.70 -3.28 9.34
C ASP A 116 5.87 -1.88 8.75
N ALA A 117 5.29 -1.67 7.56
CA ALA A 117 5.38 -0.38 6.89
C ALA A 117 4.25 0.54 7.33
N ALA A 118 3.27 -0.02 8.05
CA ALA A 118 2.14 0.74 8.53
C ALA A 118 2.31 1.15 9.99
N LEU A 119 2.72 0.20 10.82
CA LEU A 119 2.93 0.45 12.24
C LEU A 119 4.07 1.45 12.45
N VAL A 120 5.01 1.47 11.52
CA VAL A 120 6.15 2.38 11.60
C VAL A 120 5.73 3.72 12.20
N GLN A 121 6.55 4.23 13.12
CA GLN A 121 6.27 5.50 13.76
C GLN A 121 6.92 6.65 13.01
N THR A 122 6.15 7.31 12.14
CA THR A 122 6.65 8.42 11.36
C THR A 122 5.51 9.21 10.73
N SER A 123 5.65 10.53 10.71
CA SER A 123 4.62 11.40 10.14
C SER A 123 5.25 12.66 9.56
N GLY A 124 5.21 12.78 8.24
CA GLY A 124 5.77 13.95 7.58
C GLY A 124 4.82 15.13 7.58
N PRO A 125 4.07 15.29 6.47
CA PRO A 125 3.10 16.38 6.33
C PRO A 125 1.81 16.12 7.09
N SER A 126 0.90 17.09 7.04
CA SER A 126 -0.38 16.97 7.74
C SER A 126 -1.52 16.78 6.74
N SER A 127 -1.55 17.64 5.73
CA SER A 127 -2.59 17.58 4.71
C SER A 127 -2.06 16.92 3.43
N GLY A 128 -2.86 16.01 2.87
CA GLY A 128 -2.45 15.32 1.66
C GLY A 128 -3.40 15.59 0.50
N GLY A 1 7.82 29.31 16.77
CA GLY A 1 8.25 29.05 15.41
C GLY A 1 7.91 27.65 14.94
N SER A 2 6.77 27.51 14.26
CA SER A 2 6.33 26.22 13.77
C SER A 2 5.22 26.38 12.73
N SER A 3 4.77 25.26 12.17
CA SER A 3 3.70 25.29 11.17
C SER A 3 2.62 24.27 11.50
N GLY A 4 1.38 24.76 11.61
CA GLY A 4 0.28 23.89 11.93
C GLY A 4 -0.84 23.97 10.91
N SER A 5 -0.62 23.35 9.75
CA SER A 5 -1.62 23.36 8.68
C SER A 5 -1.49 22.11 7.81
N SER A 6 -2.61 21.45 7.55
CA SER A 6 -2.62 20.25 6.73
C SER A 6 -2.66 20.59 5.25
N GLY A 7 -1.57 20.29 4.55
CA GLY A 7 -1.50 20.59 3.12
C GLY A 7 -1.11 22.02 2.85
N LYS A 8 0.18 22.24 2.63
CA LYS A 8 0.68 23.58 2.35
C LYS A 8 0.99 23.75 0.86
N ARG A 9 1.67 22.76 0.28
CA ARG A 9 2.02 22.79 -1.13
C ARG A 9 1.99 21.39 -1.73
N SER A 10 1.66 21.31 -3.01
CA SER A 10 1.59 20.03 -3.70
C SER A 10 2.86 19.23 -3.49
N ASN A 11 2.82 18.31 -2.52
CA ASN A 11 3.97 17.47 -2.21
C ASN A 11 3.81 16.08 -2.81
N SER A 12 4.80 15.67 -3.58
CA SER A 12 4.78 14.35 -4.23
C SER A 12 5.74 13.39 -3.53
N ILE A 13 5.82 12.18 -4.07
CA ILE A 13 6.70 11.16 -3.50
C ILE A 13 7.69 10.64 -4.54
N LYS A 14 8.81 10.10 -4.08
CA LYS A 14 9.83 9.57 -4.97
C LYS A 14 10.35 8.22 -4.45
N ARG A 15 10.48 7.26 -5.36
CA ARG A 15 10.97 5.94 -4.99
C ARG A 15 12.48 5.85 -5.17
N ASN A 16 13.19 5.53 -4.08
CA ASN A 16 14.63 5.42 -4.12
C ASN A 16 15.06 4.03 -4.58
N PRO A 17 15.68 3.96 -5.76
CA PRO A 17 16.15 2.69 -6.34
C PRO A 17 16.91 1.84 -5.32
N ASN A 18 17.96 2.42 -4.75
CA ASN A 18 18.77 1.70 -3.77
C ASN A 18 17.89 0.97 -2.76
N ALA A 19 16.94 1.70 -2.18
CA ALA A 19 16.03 1.12 -1.20
C ALA A 19 15.66 -0.32 -1.57
N PRO A 20 16.30 -1.29 -0.89
CA PRO A 20 16.05 -2.72 -1.14
C PRO A 20 14.57 -3.04 -1.21
N VAL A 21 14.19 -3.80 -2.25
CA VAL A 21 12.79 -4.18 -2.43
C VAL A 21 12.43 -5.37 -1.55
N VAL A 22 11.51 -5.15 -0.62
CA VAL A 22 11.08 -6.21 0.29
C VAL A 22 10.40 -7.34 -0.47
N ARG A 23 9.46 -6.98 -1.34
CA ARG A 23 8.73 -7.95 -2.14
C ARG A 23 7.86 -7.27 -3.19
N ARG A 24 7.75 -7.89 -4.36
CA ARG A 24 6.95 -7.34 -5.45
C ARG A 24 6.16 -8.44 -6.15
N GLY A 25 4.86 -8.22 -6.29
CA GLY A 25 4.01 -9.20 -6.94
C GLY A 25 2.69 -8.61 -7.40
N TRP A 26 2.03 -9.29 -8.33
CA TRP A 26 0.74 -8.83 -8.85
C TRP A 26 -0.35 -8.96 -7.81
N LEU A 27 -0.62 -7.89 -7.09
CA LEU A 27 -1.67 -7.89 -6.07
C LEU A 27 -2.97 -7.32 -6.60
N TYR A 28 -4.07 -7.71 -5.98
CA TYR A 28 -5.39 -7.23 -6.39
C TYR A 28 -5.91 -6.16 -5.44
N LYS A 29 -6.40 -5.06 -6.01
CA LYS A 29 -6.93 -3.96 -5.22
C LYS A 29 -8.41 -3.72 -5.53
N GLN A 30 -9.05 -2.89 -4.71
CA GLN A 30 -10.46 -2.59 -4.90
C GLN A 30 -10.64 -1.27 -5.65
N ASP A 31 -11.52 -1.28 -6.65
CA ASP A 31 -11.79 -0.09 -7.45
C ASP A 31 -13.04 0.62 -6.96
N SER A 32 -13.01 1.95 -7.03
CA SER A 32 -14.15 2.76 -6.59
C SER A 32 -15.36 2.54 -7.50
N THR A 33 -15.18 2.83 -8.79
CA THR A 33 -16.26 2.66 -9.76
C THR A 33 -16.51 1.19 -10.06
N GLY A 34 -17.78 0.80 -10.03
CA GLY A 34 -18.14 -0.58 -10.29
C GLY A 34 -18.76 -1.26 -9.09
N MET A 35 -18.89 -2.58 -9.16
CA MET A 35 -19.48 -3.35 -8.07
C MET A 35 -18.41 -3.77 -7.06
N LYS A 36 -17.52 -2.84 -6.74
CA LYS A 36 -16.44 -3.11 -5.78
C LYS A 36 -15.66 -4.35 -6.19
N LEU A 37 -15.33 -4.45 -7.47
CA LEU A 37 -14.58 -5.58 -8.00
C LEU A 37 -13.08 -5.42 -7.73
N TRP A 38 -12.33 -6.48 -7.96
CA TRP A 38 -10.89 -6.45 -7.74
C TRP A 38 -10.15 -6.27 -9.06
N LYS A 39 -9.09 -5.46 -9.03
CA LYS A 39 -8.30 -5.21 -10.22
C LYS A 39 -6.84 -5.65 -10.02
N LYS A 40 -6.25 -6.19 -11.07
CA LYS A 40 -4.87 -6.66 -11.01
C LYS A 40 -3.90 -5.53 -11.35
N ARG A 41 -2.81 -5.43 -10.59
CA ARG A 41 -1.82 -4.40 -10.82
C ARG A 41 -0.49 -4.77 -10.16
N TRP A 42 0.61 -4.41 -10.81
CA TRP A 42 1.94 -4.70 -10.29
C TRP A 42 2.24 -3.86 -9.06
N PHE A 43 2.35 -4.52 -7.90
CA PHE A 43 2.64 -3.82 -6.65
C PHE A 43 4.05 -4.14 -6.17
N VAL A 44 4.67 -3.17 -5.49
CA VAL A 44 6.02 -3.35 -4.97
C VAL A 44 6.15 -2.75 -3.57
N LEU A 45 6.81 -3.49 -2.69
CA LEU A 45 7.01 -3.04 -1.32
C LEU A 45 8.45 -2.58 -1.09
N SER A 46 8.66 -1.27 -1.16
CA SER A 46 9.99 -0.70 -0.97
C SER A 46 9.94 0.51 -0.04
N ASP A 47 11.06 0.79 0.62
CA ASP A 47 11.15 1.92 1.54
C ASP A 47 9.92 1.96 2.46
N LEU A 48 9.42 0.78 2.82
CA LEU A 48 8.26 0.68 3.70
C LEU A 48 7.08 1.48 3.14
N CYS A 49 6.92 1.43 1.82
CA CYS A 49 5.84 2.15 1.16
C CYS A 49 5.24 1.31 0.04
N LEU A 50 4.19 1.84 -0.60
CA LEU A 50 3.52 1.13 -1.68
C LEU A 50 3.74 1.85 -3.01
N PHE A 51 4.15 1.10 -4.02
CA PHE A 51 4.40 1.66 -5.34
C PHE A 51 3.92 0.70 -6.44
N TYR A 52 3.07 1.20 -7.32
CA TYR A 52 2.54 0.40 -8.41
C TYR A 52 2.80 1.05 -9.76
N TYR A 53 2.87 0.25 -10.81
CA TYR A 53 3.11 0.75 -12.15
C TYR A 53 2.16 0.12 -13.16
N ARG A 54 2.24 0.57 -14.41
CA ARG A 54 1.38 0.05 -15.47
C ARG A 54 1.57 -1.46 -15.63
N ASP A 55 2.82 -1.90 -15.62
CA ASP A 55 3.13 -3.32 -15.76
C ASP A 55 4.51 -3.63 -15.18
N GLU A 56 4.92 -4.89 -15.30
CA GLU A 56 6.22 -5.32 -14.78
C GLU A 56 7.34 -4.42 -15.28
N LYS A 57 7.08 -3.74 -16.40
CA LYS A 57 8.07 -2.83 -16.99
C LYS A 57 8.54 -1.80 -15.96
N GLU A 58 7.72 -1.58 -14.95
CA GLU A 58 8.05 -0.61 -13.91
C GLU A 58 8.42 0.75 -14.51
N GLU A 59 7.75 1.09 -15.60
CA GLU A 59 8.02 2.36 -16.28
C GLU A 59 7.20 3.49 -15.65
N GLY A 60 7.83 4.26 -14.78
CA GLY A 60 7.16 5.36 -14.13
C GLY A 60 6.04 4.89 -13.21
N ILE A 61 5.89 5.56 -12.07
CA ILE A 61 4.86 5.20 -11.10
C ILE A 61 3.58 5.99 -11.35
N LEU A 62 2.46 5.29 -11.43
CA LEU A 62 1.17 5.92 -11.66
C LEU A 62 0.64 6.56 -10.37
N GLY A 63 1.10 6.05 -9.23
CA GLY A 63 0.66 6.57 -7.95
C GLY A 63 1.26 5.83 -6.78
N SER A 64 1.67 6.58 -5.76
CA SER A 64 2.28 5.98 -4.58
C SER A 64 1.31 6.00 -3.39
N ILE A 65 1.45 5.01 -2.51
CA ILE A 65 0.58 4.91 -1.35
C ILE A 65 1.40 4.76 -0.07
N LEU A 66 1.14 5.63 0.89
CA LEU A 66 1.86 5.60 2.17
C LEU A 66 1.21 4.60 3.13
N LEU A 67 1.91 3.49 3.38
CA LEU A 67 1.41 2.46 4.27
C LEU A 67 1.39 2.95 5.72
N PRO A 68 2.46 3.64 6.12
CA PRO A 68 2.60 4.19 7.48
C PRO A 68 1.34 4.94 7.93
N SER A 69 0.57 5.41 6.96
CA SER A 69 -0.65 6.15 7.25
C SER A 69 -1.86 5.22 7.25
N PHE A 70 -1.74 4.11 6.52
CA PHE A 70 -2.83 3.13 6.44
C PHE A 70 -2.85 2.22 7.67
N GLN A 71 -4.01 1.63 7.93
CA GLN A 71 -4.15 0.74 9.08
C GLN A 71 -4.55 -0.67 8.62
N ILE A 72 -3.60 -1.59 8.69
CA ILE A 72 -3.85 -2.97 8.29
C ILE A 72 -4.56 -3.75 9.41
N ALA A 73 -5.76 -4.23 9.10
CA ALA A 73 -6.54 -4.99 10.08
C ALA A 73 -7.47 -5.99 9.38
N LEU A 74 -7.60 -7.18 9.96
CA LEU A 74 -8.46 -8.21 9.40
C LEU A 74 -9.89 -7.71 9.26
N LEU A 75 -10.49 -7.95 8.10
CA LEU A 75 -11.86 -7.53 7.84
C LEU A 75 -12.77 -7.87 9.03
N THR A 76 -13.86 -7.13 9.15
CA THR A 76 -14.81 -7.35 10.24
C THR A 76 -16.24 -7.24 9.74
N SER A 77 -17.19 -7.59 10.61
CA SER A 77 -18.61 -7.55 10.26
C SER A 77 -18.92 -6.33 9.40
N GLU A 78 -18.57 -5.15 9.91
CA GLU A 78 -18.82 -3.91 9.18
C GLU A 78 -18.61 -4.11 7.69
N ASP A 79 -17.49 -4.71 7.31
CA ASP A 79 -17.17 -4.96 5.92
C ASP A 79 -18.22 -5.87 5.29
N HIS A 80 -18.82 -5.41 4.20
CA HIS A 80 -19.84 -6.18 3.49
C HIS A 80 -19.24 -6.92 2.31
N ILE A 81 -18.11 -7.58 2.54
CA ILE A 81 -17.43 -8.33 1.48
C ILE A 81 -17.49 -9.83 1.75
N ASN A 82 -17.92 -10.59 0.75
CA ASN A 82 -18.01 -12.04 0.88
C ASN A 82 -16.74 -12.71 0.37
N ARG A 83 -15.59 -12.13 0.70
CA ARG A 83 -14.31 -12.68 0.27
C ARG A 83 -13.50 -13.17 1.47
N LYS A 84 -12.64 -14.15 1.23
CA LYS A 84 -11.80 -14.72 2.29
C LYS A 84 -10.33 -14.48 2.00
N TYR A 85 -9.50 -14.62 3.04
CA TYR A 85 -8.07 -14.41 2.89
C TYR A 85 -7.76 -13.02 2.37
N ALA A 86 -8.56 -12.04 2.80
CA ALA A 86 -8.37 -10.65 2.39
C ALA A 86 -8.38 -9.72 3.58
N PHE A 87 -7.78 -8.53 3.41
CA PHE A 87 -7.71 -7.54 4.47
C PHE A 87 -8.10 -6.16 3.95
N LYS A 88 -8.09 -5.18 4.84
CA LYS A 88 -8.43 -3.81 4.49
C LYS A 88 -7.50 -2.82 5.17
N ALA A 89 -7.35 -1.65 4.56
CA ALA A 89 -6.50 -0.60 5.12
C ALA A 89 -7.27 0.69 5.35
N ALA A 90 -7.18 1.23 6.56
CA ALA A 90 -7.88 2.46 6.91
C ALA A 90 -6.93 3.65 6.85
N HIS A 91 -7.38 4.72 6.20
CA HIS A 91 -6.57 5.93 6.07
C HIS A 91 -7.35 7.16 6.55
N PRO A 92 -6.66 8.07 7.25
CA PRO A 92 -7.26 9.29 7.77
C PRO A 92 -7.51 10.33 6.69
N ASN A 93 -6.49 10.58 5.88
CA ASN A 93 -6.60 11.55 4.79
C ASN A 93 -7.11 10.89 3.51
N MET A 94 -7.54 9.64 3.64
CA MET A 94 -8.06 8.90 2.49
C MET A 94 -9.13 7.91 2.93
N ARG A 95 -9.65 7.14 1.98
CA ARG A 95 -10.69 6.16 2.26
C ARG A 95 -10.07 4.82 2.67
N THR A 96 -10.93 3.83 2.91
CA THR A 96 -10.47 2.51 3.31
C THR A 96 -10.23 1.62 2.10
N TYR A 97 -8.99 1.14 1.97
CA TYR A 97 -8.63 0.28 0.85
C TYR A 97 -8.85 -1.19 1.19
N TYR A 98 -8.86 -2.04 0.18
CA TYR A 98 -9.07 -3.47 0.37
C TYR A 98 -8.14 -4.28 -0.54
N PHE A 99 -7.51 -5.31 0.03
CA PHE A 99 -6.60 -6.17 -0.72
C PHE A 99 -6.84 -7.63 -0.40
N CYS A 100 -6.81 -8.48 -1.43
CA CYS A 100 -7.03 -9.91 -1.26
C CYS A 100 -6.02 -10.71 -2.07
N THR A 101 -5.86 -11.98 -1.72
CA THR A 101 -4.93 -12.86 -2.41
C THR A 101 -5.61 -14.16 -2.83
N ASP A 102 -4.84 -15.04 -3.48
CA ASP A 102 -5.36 -16.32 -3.93
C ASP A 102 -5.23 -17.38 -2.84
N THR A 103 -4.17 -17.27 -2.04
CA THR A 103 -3.93 -18.22 -0.97
C THR A 103 -3.55 -17.50 0.32
N GLY A 104 -3.38 -18.27 1.40
CA GLY A 104 -3.01 -17.69 2.67
C GLY A 104 -1.62 -17.09 2.66
N LYS A 105 -0.66 -17.81 2.08
CA LYS A 105 0.71 -17.34 2.01
C LYS A 105 0.78 -15.99 1.31
N GLU A 106 0.35 -15.94 0.05
CA GLU A 106 0.37 -14.71 -0.72
C GLU A 106 -0.13 -13.53 0.12
N MET A 107 -0.90 -13.84 1.15
CA MET A 107 -1.44 -12.81 2.04
C MET A 107 -0.48 -12.52 3.19
N GLU A 108 0.22 -13.55 3.64
CA GLU A 108 1.17 -13.41 4.73
C GLU A 108 2.39 -12.59 4.30
N LEU A 109 2.88 -12.87 3.10
CA LEU A 109 4.03 -12.17 2.56
C LEU A 109 3.74 -10.68 2.41
N TRP A 110 2.50 -10.35 2.07
CA TRP A 110 2.09 -8.96 1.89
C TRP A 110 1.87 -8.29 3.24
N MET A 111 1.17 -8.98 4.14
CA MET A 111 0.88 -8.45 5.47
C MET A 111 2.18 -8.20 6.24
N LYS A 112 2.89 -9.28 6.56
CA LYS A 112 4.15 -9.18 7.29
C LYS A 112 4.91 -7.92 6.89
N ALA A 113 4.95 -7.65 5.59
CA ALA A 113 5.65 -6.47 5.09
C ALA A 113 4.83 -5.21 5.30
N MET A 114 3.69 -5.12 4.61
CA MET A 114 2.81 -3.97 4.72
C MET A 114 2.79 -3.44 6.16
N LEU A 115 2.44 -4.32 7.10
CA LEU A 115 2.39 -3.95 8.51
C LEU A 115 3.66 -3.22 8.93
N ASP A 116 4.79 -3.86 8.74
CA ASP A 116 6.08 -3.28 9.10
C ASP A 116 6.19 -1.86 8.58
N ALA A 117 5.46 -1.55 7.51
CA ALA A 117 5.47 -0.23 6.92
C ALA A 117 4.30 0.61 7.42
N ALA A 118 3.27 -0.05 7.92
CA ALA A 118 2.10 0.64 8.44
C ALA A 118 2.29 1.04 9.90
N LEU A 119 2.62 0.06 10.74
CA LEU A 119 2.84 0.31 12.16
C LEU A 119 3.72 1.54 12.36
N VAL A 120 4.48 1.90 11.33
CA VAL A 120 5.36 3.07 11.40
C VAL A 120 4.61 4.30 11.92
N GLN A 121 5.20 4.97 12.90
CA GLN A 121 4.59 6.16 13.47
C GLN A 121 5.32 7.42 13.02
N THR A 122 5.19 7.75 11.74
CA THR A 122 5.84 8.93 11.19
C THR A 122 4.81 9.92 10.65
N SER A 123 3.56 9.74 11.04
CA SER A 123 2.48 10.61 10.60
C SER A 123 1.92 11.43 11.75
N GLY A 124 1.36 12.60 11.44
CA GLY A 124 0.82 13.46 12.46
C GLY A 124 -0.64 13.81 12.21
N PRO A 125 -1.55 13.05 12.85
CA PRO A 125 -2.99 13.26 12.70
C PRO A 125 -3.37 14.74 12.75
N SER A 126 -4.04 15.21 11.71
CA SER A 126 -4.46 16.60 11.63
C SER A 126 -5.91 16.76 12.07
N SER A 127 -6.14 17.65 13.02
CA SER A 127 -7.48 17.89 13.54
C SER A 127 -7.69 19.38 13.84
N GLY A 128 -8.84 19.91 13.43
CA GLY A 128 -9.14 21.31 13.66
C GLY A 128 -8.96 21.70 15.10
N GLY A 1 30.05 8.27 -6.47
CA GLY A 1 28.79 8.94 -6.73
C GLY A 1 28.92 10.45 -6.69
N SER A 2 27.85 11.15 -7.06
CA SER A 2 27.86 12.61 -7.07
C SER A 2 26.46 13.16 -6.82
N SER A 3 26.38 14.21 -6.00
CA SER A 3 25.10 14.82 -5.67
C SER A 3 25.22 16.34 -5.60
N GLY A 4 24.41 17.03 -6.39
CA GLY A 4 24.44 18.48 -6.41
C GLY A 4 23.26 19.08 -7.14
N SER A 5 22.06 18.62 -6.80
CA SER A 5 20.85 19.12 -7.43
C SER A 5 20.37 20.40 -6.76
N SER A 6 19.48 21.12 -7.44
CA SER A 6 18.95 22.37 -6.90
C SER A 6 17.42 22.38 -6.98
N GLY A 7 16.78 22.59 -5.84
CA GLY A 7 15.33 22.63 -5.79
C GLY A 7 14.71 21.31 -6.21
N LYS A 8 14.46 20.44 -5.25
CA LYS A 8 13.86 19.13 -5.52
C LYS A 8 12.41 19.10 -5.08
N ARG A 9 11.62 18.23 -5.71
CA ARG A 9 10.21 18.10 -5.39
C ARG A 9 10.02 17.45 -4.02
N SER A 10 9.85 18.27 -2.99
CA SER A 10 9.67 17.77 -1.63
C SER A 10 8.22 17.34 -1.41
N ASN A 11 7.28 18.20 -1.77
CA ASN A 11 5.86 17.91 -1.61
C ASN A 11 5.52 16.52 -2.16
N SER A 12 6.01 16.23 -3.36
CA SER A 12 5.75 14.95 -4.01
C SER A 12 6.74 13.90 -3.51
N ILE A 13 6.47 12.64 -3.84
CA ILE A 13 7.34 11.54 -3.43
C ILE A 13 7.93 10.82 -4.64
N LYS A 14 9.16 10.37 -4.50
CA LYS A 14 9.85 9.67 -5.59
C LYS A 14 10.43 8.35 -5.09
N ARG A 15 10.28 7.30 -5.90
CA ARG A 15 10.79 5.98 -5.54
C ARG A 15 12.32 5.95 -5.63
N ASN A 16 12.92 5.01 -4.91
CA ASN A 16 14.37 4.88 -4.91
C ASN A 16 14.79 3.45 -5.26
N PRO A 17 15.85 3.33 -6.08
CA PRO A 17 16.37 2.03 -6.52
C PRO A 17 17.18 1.33 -5.42
N ASN A 18 18.10 2.07 -4.82
CA ASN A 18 18.95 1.53 -3.76
C ASN A 18 18.10 0.86 -2.68
N ALA A 19 17.08 1.58 -2.22
CA ALA A 19 16.20 1.05 -1.18
C ALA A 19 15.85 -0.42 -1.45
N PRO A 20 16.50 -1.31 -0.70
CA PRO A 20 16.28 -2.76 -0.82
C PRO A 20 14.80 -3.11 -0.88
N VAL A 21 14.34 -3.53 -2.06
CA VAL A 21 12.94 -3.91 -2.24
C VAL A 21 12.58 -5.12 -1.39
N VAL A 22 11.55 -4.97 -0.56
CA VAL A 22 11.10 -6.05 0.30
C VAL A 22 10.49 -7.20 -0.51
N ARG A 23 9.46 -6.88 -1.28
CA ARG A 23 8.78 -7.88 -2.11
C ARG A 23 7.86 -7.21 -3.12
N ARG A 24 7.94 -7.65 -4.37
CA ARG A 24 7.11 -7.09 -5.44
C ARG A 24 6.34 -8.19 -6.15
N GLY A 25 5.01 -8.08 -6.17
CA GLY A 25 4.18 -9.07 -6.82
C GLY A 25 2.84 -8.51 -7.26
N TRP A 26 2.23 -9.14 -8.25
CA TRP A 26 0.94 -8.71 -8.75
C TRP A 26 -0.14 -8.84 -7.68
N LEU A 27 -0.50 -7.72 -7.06
CA LEU A 27 -1.51 -7.72 -6.01
C LEU A 27 -2.82 -7.11 -6.53
N TYR A 28 -3.93 -7.53 -5.94
CA TYR A 28 -5.24 -7.03 -6.34
C TYR A 28 -5.69 -5.88 -5.43
N LYS A 29 -6.21 -4.82 -6.04
CA LYS A 29 -6.68 -3.66 -5.29
C LYS A 29 -8.07 -3.24 -5.74
N GLN A 30 -8.87 -2.76 -4.81
CA GLN A 30 -10.23 -2.31 -5.12
C GLN A 30 -10.22 -0.94 -5.78
N ASP A 31 -10.67 -0.88 -7.03
CA ASP A 31 -10.72 0.37 -7.76
C ASP A 31 -11.55 1.41 -7.02
N SER A 32 -11.15 2.67 -7.14
CA SER A 32 -11.86 3.76 -6.47
C SER A 32 -12.55 4.67 -7.50
N THR A 33 -13.16 4.05 -8.51
CA THR A 33 -13.85 4.80 -9.55
C THR A 33 -15.30 4.37 -9.66
N GLY A 34 -15.96 4.21 -8.52
CA GLY A 34 -17.35 3.80 -8.51
C GLY A 34 -17.51 2.31 -8.30
N MET A 35 -16.93 1.52 -9.20
CA MET A 35 -17.02 0.06 -9.11
C MET A 35 -15.86 -0.50 -8.28
N LYS A 36 -16.21 -1.27 -7.25
CA LYS A 36 -15.21 -1.86 -6.37
C LYS A 36 -14.95 -3.32 -6.75
N LEU A 37 -14.13 -3.52 -7.78
CA LEU A 37 -13.82 -4.87 -8.24
C LEU A 37 -12.36 -5.20 -7.95
N TRP A 38 -12.01 -6.48 -8.10
CA TRP A 38 -10.65 -6.94 -7.84
C TRP A 38 -9.86 -7.02 -9.15
N LYS A 39 -9.14 -5.95 -9.46
CA LYS A 39 -8.34 -5.90 -10.69
C LYS A 39 -6.88 -6.25 -10.38
N LYS A 40 -6.20 -6.84 -11.37
CA LYS A 40 -4.81 -7.23 -11.22
C LYS A 40 -3.88 -6.05 -11.52
N ARG A 41 -3.06 -5.68 -10.55
CA ARG A 41 -2.12 -4.57 -10.71
C ARG A 41 -0.76 -4.92 -10.14
N TRP A 42 0.28 -4.27 -10.65
CA TRP A 42 1.64 -4.51 -10.19
C TRP A 42 1.97 -3.65 -8.99
N PHE A 43 2.36 -4.30 -7.89
CA PHE A 43 2.70 -3.59 -6.66
C PHE A 43 4.14 -3.86 -6.26
N VAL A 44 4.67 -3.03 -5.36
CA VAL A 44 6.04 -3.19 -4.90
C VAL A 44 6.21 -2.61 -3.49
N LEU A 45 6.71 -3.43 -2.58
CA LEU A 45 6.92 -3.00 -1.19
C LEU A 45 8.37 -2.57 -0.97
N SER A 46 8.60 -1.27 -1.02
CA SER A 46 9.94 -0.72 -0.83
C SER A 46 9.91 0.47 0.12
N ASP A 47 11.05 0.75 0.75
CA ASP A 47 11.15 1.86 1.68
C ASP A 47 9.92 1.95 2.56
N LEU A 48 9.41 0.80 2.99
CA LEU A 48 8.22 0.75 3.84
C LEU A 48 7.09 1.58 3.24
N CYS A 49 6.89 1.46 1.92
CA CYS A 49 5.85 2.20 1.23
C CYS A 49 5.27 1.37 0.09
N LEU A 50 4.10 1.79 -0.39
CA LEU A 50 3.44 1.08 -1.49
C LEU A 50 3.64 1.82 -2.81
N PHE A 51 4.00 1.07 -3.85
CA PHE A 51 4.22 1.65 -5.17
C PHE A 51 3.70 0.73 -6.26
N TYR A 52 2.92 1.29 -7.19
CA TYR A 52 2.36 0.52 -8.28
C TYR A 52 2.61 1.21 -9.63
N TYR A 53 2.56 0.43 -10.70
CA TYR A 53 2.80 0.97 -12.04
C TYR A 53 1.81 0.37 -13.04
N ARG A 54 1.92 0.80 -14.29
CA ARG A 54 1.03 0.32 -15.34
C ARG A 54 1.10 -1.20 -15.45
N ASP A 55 2.33 -1.73 -15.48
CA ASP A 55 2.52 -3.17 -15.58
C ASP A 55 3.87 -3.57 -14.97
N GLU A 56 4.19 -4.86 -15.05
CA GLU A 56 5.43 -5.38 -14.49
C GLU A 56 6.62 -4.53 -14.97
N LYS A 57 6.53 -4.02 -16.18
CA LYS A 57 7.59 -3.20 -16.75
C LYS A 57 8.02 -2.11 -15.76
N GLU A 58 7.08 -1.67 -14.94
CA GLU A 58 7.37 -0.63 -13.94
C GLU A 58 7.83 0.65 -14.62
N GLU A 59 7.11 1.06 -15.67
CA GLU A 59 7.46 2.27 -16.40
C GLU A 59 6.71 3.48 -15.82
N GLY A 60 7.38 4.20 -14.92
CA GLY A 60 6.78 5.36 -14.31
C GLY A 60 5.68 5.00 -13.34
N ILE A 61 5.74 5.55 -12.14
CA ILE A 61 4.74 5.28 -11.11
C ILE A 61 3.48 6.11 -11.34
N LEU A 62 2.34 5.44 -11.33
CA LEU A 62 1.06 6.11 -11.54
C LEU A 62 0.57 6.77 -10.26
N GLY A 63 0.93 6.17 -9.12
CA GLY A 63 0.52 6.73 -7.84
C GLY A 63 1.15 5.99 -6.68
N SER A 64 1.57 6.73 -5.66
CA SER A 64 2.19 6.15 -4.48
C SER A 64 1.21 6.12 -3.31
N ILE A 65 1.45 5.20 -2.37
CA ILE A 65 0.59 5.07 -1.20
C ILE A 65 1.42 4.91 0.07
N LEU A 66 1.04 5.65 1.11
CA LEU A 66 1.75 5.58 2.39
C LEU A 66 1.11 4.55 3.32
N LEU A 67 1.83 3.46 3.56
CA LEU A 67 1.33 2.40 4.43
C LEU A 67 1.32 2.84 5.88
N PRO A 68 2.40 3.54 6.30
CA PRO A 68 2.52 4.05 7.67
C PRO A 68 1.27 4.76 8.15
N SER A 69 0.48 5.26 7.20
CA SER A 69 -0.75 5.97 7.52
C SER A 69 -1.95 5.04 7.46
N PHE A 70 -1.79 3.94 6.75
CA PHE A 70 -2.86 2.95 6.60
C PHE A 70 -2.87 1.98 7.79
N GLN A 71 -4.06 1.49 8.14
CA GLN A 71 -4.20 0.56 9.24
C GLN A 71 -4.58 -0.83 8.74
N ILE A 72 -3.64 -1.76 8.83
CA ILE A 72 -3.88 -3.13 8.38
C ILE A 72 -4.65 -3.92 9.43
N ALA A 73 -5.89 -4.25 9.11
CA ALA A 73 -6.74 -5.01 10.02
C ALA A 73 -7.72 -5.89 9.25
N LEU A 74 -7.87 -7.13 9.71
CA LEU A 74 -8.78 -8.07 9.06
C LEU A 74 -10.14 -7.43 8.79
N LEU A 75 -10.69 -7.72 7.61
CA LEU A 75 -11.98 -7.17 7.22
C LEU A 75 -12.95 -7.16 8.40
N THR A 76 -13.92 -6.25 8.36
CA THR A 76 -14.91 -6.14 9.42
C THR A 76 -15.98 -5.12 9.08
N SER A 77 -16.88 -4.87 10.02
CA SER A 77 -17.96 -3.91 9.81
C SER A 77 -18.95 -4.42 8.75
N GLU A 78 -19.40 -5.66 8.93
CA GLU A 78 -20.34 -6.25 7.99
C GLU A 78 -19.90 -6.02 6.55
N ASP A 79 -18.60 -5.89 6.35
CA ASP A 79 -18.05 -5.66 5.02
C ASP A 79 -18.87 -6.36 3.95
N HIS A 80 -19.28 -5.62 2.93
CA HIS A 80 -20.08 -6.17 1.84
C HIS A 80 -19.20 -6.87 0.82
N ILE A 81 -18.18 -7.57 1.30
CA ILE A 81 -17.26 -8.29 0.43
C ILE A 81 -17.25 -9.78 0.75
N ASN A 82 -17.78 -10.59 -0.16
CA ASN A 82 -17.83 -12.03 0.02
C ASN A 82 -16.53 -12.67 -0.43
N ARG A 83 -15.41 -12.01 -0.14
CA ARG A 83 -14.09 -12.53 -0.51
C ARG A 83 -13.50 -13.37 0.61
N LYS A 84 -12.30 -13.89 0.38
CA LYS A 84 -11.62 -14.72 1.37
C LYS A 84 -10.15 -14.35 1.47
N TYR A 85 -9.51 -14.74 2.57
CA TYR A 85 -8.10 -14.45 2.78
C TYR A 85 -7.76 -13.04 2.30
N ALA A 86 -8.58 -12.08 2.68
CA ALA A 86 -8.38 -10.69 2.29
C ALA A 86 -8.38 -9.77 3.51
N PHE A 87 -7.85 -8.56 3.33
CA PHE A 87 -7.80 -7.59 4.42
C PHE A 87 -8.17 -6.20 3.92
N LYS A 88 -8.13 -5.23 4.83
CA LYS A 88 -8.45 -3.84 4.48
C LYS A 88 -7.53 -2.87 5.20
N ALA A 89 -7.26 -1.73 4.56
CA ALA A 89 -6.40 -0.72 5.15
C ALA A 89 -7.13 0.61 5.33
N ALA A 90 -7.24 1.05 6.57
CA ALA A 90 -7.93 2.30 6.87
C ALA A 90 -6.96 3.47 6.88
N HIS A 91 -7.38 4.60 6.32
CA HIS A 91 -6.53 5.79 6.27
C HIS A 91 -7.25 6.98 6.90
N PRO A 92 -6.49 7.80 7.65
CA PRO A 92 -7.03 8.98 8.32
C PRO A 92 -7.31 10.12 7.36
N ASN A 93 -6.36 10.38 6.46
CA ASN A 93 -6.51 11.44 5.48
C ASN A 93 -7.04 10.89 4.16
N MET A 94 -7.52 9.65 4.19
CA MET A 94 -8.05 9.01 2.99
C MET A 94 -9.14 8.01 3.36
N ARG A 95 -9.65 7.30 2.35
CA ARG A 95 -10.70 6.31 2.58
C ARG A 95 -10.11 4.96 2.96
N THR A 96 -10.97 3.96 3.09
CA THR A 96 -10.54 2.62 3.46
C THR A 96 -10.30 1.76 2.23
N TYR A 97 -9.07 1.28 2.06
CA TYR A 97 -8.71 0.45 0.92
C TYR A 97 -8.94 -1.03 1.23
N TYR A 98 -9.13 -1.83 0.18
CA TYR A 98 -9.35 -3.26 0.35
C TYR A 98 -8.42 -4.06 -0.55
N PHE A 99 -7.84 -5.12 0.01
CA PHE A 99 -6.92 -5.98 -0.74
C PHE A 99 -7.19 -7.45 -0.45
N CYS A 100 -6.88 -8.30 -1.42
CA CYS A 100 -7.08 -9.74 -1.27
C CYS A 100 -6.00 -10.52 -2.00
N THR A 101 -5.85 -11.80 -1.63
CA THR A 101 -4.84 -12.65 -2.24
C THR A 101 -5.45 -13.97 -2.70
N ASP A 102 -4.61 -14.85 -3.21
CA ASP A 102 -5.07 -16.16 -3.68
C ASP A 102 -5.06 -17.18 -2.56
N THR A 103 -3.98 -17.20 -1.78
CA THR A 103 -3.85 -18.12 -0.67
C THR A 103 -3.26 -17.43 0.56
N GLY A 104 -3.05 -18.20 1.62
CA GLY A 104 -2.50 -17.65 2.84
C GLY A 104 -1.13 -17.03 2.63
N LYS A 105 -0.23 -17.80 2.03
CA LYS A 105 1.13 -17.32 1.75
C LYS A 105 1.10 -15.93 1.14
N GLU A 106 0.37 -15.79 0.03
CA GLU A 106 0.27 -14.51 -0.66
C GLU A 106 -0.22 -13.42 0.29
N MET A 107 -0.90 -13.83 1.36
CA MET A 107 -1.42 -12.89 2.33
C MET A 107 -0.40 -12.61 3.42
N GLU A 108 0.35 -13.65 3.81
CA GLU A 108 1.37 -13.51 4.85
C GLU A 108 2.55 -12.68 4.33
N LEU A 109 2.90 -12.88 3.07
CA LEU A 109 4.01 -12.16 2.46
C LEU A 109 3.68 -10.67 2.32
N TRP A 110 2.42 -10.38 2.01
CA TRP A 110 1.97 -9.00 1.84
C TRP A 110 1.71 -8.35 3.19
N MET A 111 1.13 -9.11 4.12
CA MET A 111 0.83 -8.59 5.45
C MET A 111 2.11 -8.31 6.22
N LYS A 112 2.87 -9.36 6.52
CA LYS A 112 4.12 -9.23 7.25
C LYS A 112 4.86 -7.96 6.83
N ALA A 113 4.92 -7.72 5.53
CA ALA A 113 5.60 -6.54 5.00
C ALA A 113 4.77 -5.28 5.24
N MET A 114 3.58 -5.24 4.65
CA MET A 114 2.69 -4.09 4.80
C MET A 114 2.71 -3.58 6.23
N LEU A 115 2.44 -4.46 7.18
CA LEU A 115 2.43 -4.09 8.59
C LEU A 115 3.70 -3.36 8.97
N ASP A 116 4.84 -4.02 8.79
CA ASP A 116 6.14 -3.43 9.11
C ASP A 116 6.23 -2.00 8.57
N ALA A 117 5.41 -1.69 7.58
CA ALA A 117 5.40 -0.37 6.98
C ALA A 117 4.27 0.49 7.56
N ALA A 118 3.21 -0.17 8.02
CA ALA A 118 2.07 0.53 8.59
C ALA A 118 2.34 0.93 10.04
N LEU A 119 2.79 -0.03 10.83
CA LEU A 119 3.09 0.21 12.24
C LEU A 119 4.04 1.40 12.40
N VAL A 120 4.68 1.78 11.30
CA VAL A 120 5.61 2.90 11.31
C VAL A 120 4.97 4.15 11.91
N GLN A 121 5.65 4.75 12.88
CA GLN A 121 5.15 5.96 13.53
C GLN A 121 5.80 7.21 12.95
N THR A 122 5.32 7.64 11.79
CA THR A 122 5.85 8.82 11.14
C THR A 122 4.75 9.64 10.49
N SER A 123 4.67 10.93 10.86
CA SER A 123 3.66 11.82 10.32
C SER A 123 4.13 12.46 9.02
N GLY A 124 5.33 13.05 9.05
CA GLY A 124 5.86 13.68 7.87
C GLY A 124 6.17 15.15 8.08
N PRO A 125 7.45 15.47 8.32
CA PRO A 125 7.89 16.85 8.54
C PRO A 125 7.27 17.83 7.56
N SER A 126 7.13 19.09 7.98
CA SER A 126 6.54 20.12 7.14
C SER A 126 5.31 19.59 6.42
N SER A 127 4.49 18.84 7.14
CA SER A 127 3.27 18.27 6.57
C SER A 127 2.38 19.36 5.99
N GLY A 128 1.60 19.01 4.97
CA GLY A 128 0.71 19.98 4.35
C GLY A 128 1.45 21.18 3.79
N GLY A 1 29.95 3.59 5.48
CA GLY A 1 29.55 4.82 4.82
C GLY A 1 28.21 5.33 5.32
N SER A 2 28.19 6.59 5.75
CA SER A 2 26.97 7.21 6.26
C SER A 2 26.07 7.65 5.12
N SER A 3 24.89 7.05 5.02
CA SER A 3 23.93 7.39 3.98
C SER A 3 22.57 6.76 4.26
N GLY A 4 21.51 7.46 3.86
CA GLY A 4 20.17 6.96 4.08
C GLY A 4 19.29 7.96 4.82
N SER A 5 18.39 8.60 4.09
CA SER A 5 17.49 9.58 4.68
C SER A 5 16.24 9.76 3.82
N SER A 6 15.07 9.70 4.46
CA SER A 6 13.80 9.85 3.75
C SER A 6 12.89 10.83 4.48
N GLY A 7 12.61 11.96 3.82
CA GLY A 7 11.76 12.97 4.41
C GLY A 7 12.03 14.36 3.85
N LYS A 8 11.08 14.86 3.07
CA LYS A 8 11.21 16.18 2.46
C LYS A 8 9.84 16.80 2.20
N ARG A 9 9.83 18.08 1.84
CA ARG A 9 8.59 18.79 1.57
C ARG A 9 8.37 18.95 0.07
N SER A 10 8.30 17.82 -0.64
CA SER A 10 8.10 17.84 -2.08
C SER A 10 6.67 17.43 -2.45
N ASN A 11 6.19 17.96 -3.56
CA ASN A 11 4.83 17.66 -4.01
C ASN A 11 4.67 16.17 -4.26
N SER A 12 5.38 15.66 -5.25
CA SER A 12 5.31 14.24 -5.61
C SER A 12 6.36 13.44 -4.84
N ILE A 13 6.30 12.12 -4.96
CA ILE A 13 7.24 11.24 -4.28
C ILE A 13 8.06 10.43 -5.28
N LYS A 14 9.34 10.27 -4.99
CA LYS A 14 10.23 9.51 -5.87
C LYS A 14 10.84 8.33 -5.12
N ARG A 15 10.71 7.14 -5.71
CA ARG A 15 11.24 5.92 -5.10
C ARG A 15 12.69 6.13 -4.66
N ASN A 16 13.18 5.22 -3.82
CA ASN A 16 14.55 5.30 -3.32
C ASN A 16 15.35 4.09 -3.78
N PRO A 17 16.06 4.24 -4.91
CA PRO A 17 16.89 3.16 -5.47
C PRO A 17 17.72 2.46 -4.41
N ASN A 18 18.28 3.24 -3.49
CA ASN A 18 19.11 2.69 -2.42
C ASN A 18 18.31 1.70 -1.58
N ALA A 19 17.03 1.98 -1.39
CA ALA A 19 16.16 1.10 -0.61
C ALA A 19 15.95 -0.23 -1.31
N PRO A 20 16.25 -1.34 -0.60
CA PRO A 20 16.10 -2.68 -1.14
C PRO A 20 14.65 -3.15 -1.14
N VAL A 21 14.17 -3.54 -2.32
CA VAL A 21 12.79 -4.01 -2.47
C VAL A 21 12.56 -5.27 -1.65
N VAL A 22 11.53 -5.23 -0.79
CA VAL A 22 11.19 -6.37 0.06
C VAL A 22 10.60 -7.50 -0.77
N ARG A 23 9.57 -7.20 -1.55
CA ARG A 23 8.92 -8.20 -2.38
C ARG A 23 7.94 -7.54 -3.35
N ARG A 24 7.92 -8.04 -4.59
CA ARG A 24 7.03 -7.50 -5.60
C ARG A 24 6.13 -8.59 -6.18
N GLY A 25 4.83 -8.33 -6.20
CA GLY A 25 3.88 -9.30 -6.73
C GLY A 25 2.60 -8.65 -7.23
N TRP A 26 1.88 -9.35 -8.10
CA TRP A 26 0.64 -8.83 -8.66
C TRP A 26 -0.47 -8.86 -7.61
N LEU A 27 -0.65 -7.75 -6.90
CA LEU A 27 -1.68 -7.65 -5.88
C LEU A 27 -3.02 -7.22 -6.49
N TYR A 28 -4.10 -7.45 -5.74
CA TYR A 28 -5.42 -7.08 -6.21
C TYR A 28 -6.12 -6.17 -5.20
N LYS A 29 -6.76 -5.11 -5.70
CA LYS A 29 -7.46 -4.17 -4.86
C LYS A 29 -8.83 -3.81 -5.45
N GLN A 30 -9.79 -3.55 -4.58
CA GLN A 30 -11.15 -3.20 -5.01
C GLN A 30 -11.48 -1.76 -4.65
N ASP A 31 -12.65 -1.31 -5.06
CA ASP A 31 -13.09 0.06 -4.78
C ASP A 31 -14.32 0.05 -3.87
N SER A 32 -14.76 1.25 -3.48
CA SER A 32 -15.92 1.39 -2.60
C SER A 32 -17.05 2.11 -3.33
N THR A 33 -16.87 2.35 -4.62
CA THR A 33 -17.88 3.04 -5.42
C THR A 33 -18.60 2.06 -6.34
N GLY A 34 -19.87 2.33 -6.59
CA GLY A 34 -20.66 1.47 -7.46
C GLY A 34 -20.48 0.00 -7.13
N MET A 35 -19.97 -0.77 -8.09
CA MET A 35 -19.76 -2.20 -7.89
C MET A 35 -18.42 -2.46 -7.23
N LYS A 36 -18.44 -3.23 -6.14
CA LYS A 36 -17.23 -3.56 -5.42
C LYS A 36 -16.47 -4.68 -6.11
N LEU A 37 -15.68 -4.33 -7.11
CA LEU A 37 -14.90 -5.31 -7.86
C LEU A 37 -13.40 -5.12 -7.61
N TRP A 38 -12.61 -6.10 -8.03
CA TRP A 38 -11.16 -6.04 -7.85
C TRP A 38 -10.46 -5.83 -9.19
N LYS A 39 -9.19 -5.44 -9.13
CA LYS A 39 -8.41 -5.20 -10.35
C LYS A 39 -6.95 -5.61 -10.13
N LYS A 40 -6.37 -6.24 -11.14
CA LYS A 40 -4.98 -6.67 -11.07
C LYS A 40 -4.02 -5.50 -11.33
N ARG A 41 -3.00 -5.38 -10.50
CA ARG A 41 -2.02 -4.31 -10.64
C ARG A 41 -0.67 -4.72 -10.08
N TRP A 42 0.40 -4.39 -10.81
CA TRP A 42 1.75 -4.73 -10.37
C TRP A 42 2.18 -3.87 -9.20
N PHE A 43 2.23 -4.45 -8.02
CA PHE A 43 2.63 -3.73 -6.81
C PHE A 43 4.08 -4.02 -6.47
N VAL A 44 4.62 -3.24 -5.54
CA VAL A 44 6.01 -3.40 -5.11
C VAL A 44 6.24 -2.82 -3.72
N LEU A 45 6.65 -3.67 -2.78
CA LEU A 45 6.90 -3.23 -1.42
C LEU A 45 8.34 -2.77 -1.25
N SER A 46 8.55 -1.45 -1.30
CA SER A 46 9.89 -0.88 -1.17
C SER A 46 9.82 0.44 -0.40
N ASP A 47 10.94 0.80 0.23
CA ASP A 47 11.03 2.03 1.00
C ASP A 47 9.89 2.11 2.02
N LEU A 48 9.42 0.95 2.48
CA LEU A 48 8.33 0.90 3.45
C LEU A 48 7.11 1.64 2.93
N CYS A 49 6.86 1.54 1.63
CA CYS A 49 5.72 2.20 1.01
C CYS A 49 5.09 1.31 -0.05
N LEU A 50 4.05 1.82 -0.71
CA LEU A 50 3.35 1.07 -1.75
C LEU A 50 3.49 1.75 -3.11
N PHE A 51 3.87 0.99 -4.12
CA PHE A 51 4.03 1.53 -5.47
C PHE A 51 3.46 0.57 -6.50
N TYR A 52 2.79 1.13 -7.50
CA TYR A 52 2.19 0.33 -8.56
C TYR A 52 2.44 0.96 -9.93
N TYR A 53 2.30 0.15 -10.98
CA TYR A 53 2.52 0.63 -12.34
C TYR A 53 1.58 -0.08 -13.32
N ARG A 54 1.24 0.60 -14.41
CA ARG A 54 0.34 0.05 -15.42
C ARG A 54 0.55 -1.45 -15.55
N ASP A 55 1.82 -1.87 -15.70
CA ASP A 55 2.15 -3.27 -15.83
C ASP A 55 3.56 -3.56 -15.30
N GLU A 56 3.94 -4.83 -15.30
CA GLU A 56 5.26 -5.23 -14.83
C GLU A 56 6.36 -4.39 -15.48
N LYS A 57 6.01 -3.76 -16.61
CA LYS A 57 6.97 -2.92 -17.33
C LYS A 57 7.63 -1.91 -16.39
N GLU A 58 6.94 -1.60 -15.29
CA GLU A 58 7.46 -0.64 -14.32
C GLU A 58 7.65 0.73 -14.95
N GLU A 59 6.61 1.20 -15.65
CA GLU A 59 6.67 2.50 -16.31
C GLU A 59 6.37 3.62 -15.32
N GLY A 60 6.33 4.86 -15.83
CA GLY A 60 6.06 6.00 -14.98
C GLY A 60 4.98 5.71 -13.94
N ILE A 61 5.40 5.48 -12.71
CA ILE A 61 4.47 5.18 -11.62
C ILE A 61 3.18 6.00 -11.76
N LEU A 62 2.05 5.34 -11.57
CA LEU A 62 0.76 6.01 -11.67
C LEU A 62 0.39 6.69 -10.36
N GLY A 63 0.93 6.17 -9.26
CA GLY A 63 0.66 6.75 -7.95
C GLY A 63 1.23 5.93 -6.82
N SER A 64 1.68 6.60 -5.77
CA SER A 64 2.27 5.92 -4.63
C SER A 64 1.32 5.96 -3.42
N ILE A 65 1.39 4.93 -2.59
CA ILE A 65 0.54 4.86 -1.41
C ILE A 65 1.38 4.74 -0.13
N LEU A 66 1.13 5.63 0.82
CA LEU A 66 1.87 5.63 2.08
C LEU A 66 1.26 4.63 3.05
N LEU A 67 2.01 3.56 3.35
CA LEU A 67 1.54 2.53 4.27
C LEU A 67 1.53 3.04 5.71
N PRO A 68 2.60 3.76 6.09
CA PRO A 68 2.74 4.32 7.43
C PRO A 68 1.48 5.06 7.88
N SER A 69 0.69 5.51 6.92
CA SER A 69 -0.54 6.24 7.22
C SER A 69 -1.74 5.29 7.24
N PHE A 70 -1.64 4.20 6.48
CA PHE A 70 -2.71 3.22 6.41
C PHE A 70 -2.67 2.28 7.61
N GLN A 71 -3.81 1.68 7.93
CA GLN A 71 -3.91 0.77 9.06
C GLN A 71 -4.35 -0.62 8.59
N ILE A 72 -3.40 -1.55 8.57
CA ILE A 72 -3.68 -2.92 8.15
C ILE A 72 -4.32 -3.72 9.28
N ALA A 73 -5.53 -4.20 9.04
CA ALA A 73 -6.25 -4.98 10.04
C ALA A 73 -7.14 -6.04 9.38
N LEU A 74 -7.34 -7.16 10.07
CA LEU A 74 -8.16 -8.24 9.54
C LEU A 74 -9.60 -7.76 9.32
N LEU A 75 -10.19 -8.22 8.22
CA LEU A 75 -11.56 -7.85 7.88
C LEU A 75 -12.50 -8.09 9.06
N THR A 76 -13.75 -7.67 8.92
CA THR A 76 -14.75 -7.84 9.98
C THR A 76 -16.16 -7.73 9.41
N SER A 77 -17.14 -8.16 10.20
CA SER A 77 -18.53 -8.11 9.80
C SER A 77 -18.80 -6.87 8.93
N GLU A 78 -18.29 -5.74 9.38
CA GLU A 78 -18.47 -4.48 8.65
C GLU A 78 -18.35 -4.71 7.14
N ASP A 79 -17.27 -5.38 6.74
CA ASP A 79 -17.04 -5.66 5.32
C ASP A 79 -17.75 -6.94 4.91
N HIS A 80 -18.88 -6.79 4.21
CA HIS A 80 -19.65 -7.93 3.75
C HIS A 80 -19.07 -8.49 2.45
N ILE A 81 -17.75 -8.53 2.36
CA ILE A 81 -17.07 -9.04 1.18
C ILE A 81 -17.10 -10.57 1.15
N ASN A 82 -17.46 -11.12 0.01
CA ASN A 82 -17.52 -12.58 -0.15
C ASN A 82 -16.12 -13.17 -0.20
N ARG A 83 -15.20 -12.47 -0.86
CA ARG A 83 -13.82 -12.94 -0.97
C ARG A 83 -13.25 -13.26 0.40
N LYS A 84 -12.30 -14.20 0.43
CA LYS A 84 -11.67 -14.60 1.69
C LYS A 84 -10.17 -14.31 1.65
N TYR A 85 -9.47 -14.70 2.72
CA TYR A 85 -8.03 -14.47 2.81
C TYR A 85 -7.67 -13.07 2.34
N ALA A 86 -8.43 -12.09 2.79
CA ALA A 86 -8.19 -10.69 2.42
C ALA A 86 -8.13 -9.80 3.65
N PHE A 87 -7.74 -8.55 3.45
CA PHE A 87 -7.64 -7.59 4.54
C PHE A 87 -8.14 -6.21 4.11
N LYS A 88 -8.02 -5.24 5.01
CA LYS A 88 -8.45 -3.87 4.72
C LYS A 88 -7.51 -2.86 5.38
N ALA A 89 -7.27 -1.76 4.68
CA ALA A 89 -6.40 -0.71 5.18
C ALA A 89 -7.17 0.58 5.42
N ALA A 90 -7.10 1.11 6.64
CA ALA A 90 -7.80 2.34 6.99
C ALA A 90 -6.86 3.53 6.92
N HIS A 91 -7.39 4.66 6.47
CA HIS A 91 -6.60 5.88 6.36
C HIS A 91 -7.32 7.07 7.00
N PRO A 92 -6.56 7.93 7.69
CA PRO A 92 -7.11 9.12 8.35
C PRO A 92 -7.50 10.21 7.37
N ASN A 93 -6.58 10.54 6.46
CA ASN A 93 -6.82 11.57 5.46
C ASN A 93 -7.40 10.97 4.18
N MET A 94 -7.71 9.68 4.24
CA MET A 94 -8.27 8.98 3.09
C MET A 94 -9.30 7.94 3.53
N ARG A 95 -9.81 7.18 2.56
CA ARG A 95 -10.80 6.15 2.84
C ARG A 95 -10.12 4.81 3.13
N THR A 96 -10.92 3.79 3.39
CA THR A 96 -10.40 2.46 3.68
C THR A 96 -10.27 1.63 2.41
N TYR A 97 -9.06 1.14 2.15
CA TYR A 97 -8.80 0.33 0.96
C TYR A 97 -9.06 -1.15 1.25
N TYR A 98 -9.08 -1.95 0.18
CA TYR A 98 -9.32 -3.38 0.31
C TYR A 98 -8.41 -4.17 -0.63
N PHE A 99 -7.84 -5.25 -0.12
CA PHE A 99 -6.96 -6.10 -0.91
C PHE A 99 -7.17 -7.58 -0.59
N CYS A 100 -6.83 -8.44 -1.53
CA CYS A 100 -7.00 -9.88 -1.35
C CYS A 100 -5.91 -10.65 -2.10
N THR A 101 -5.72 -11.91 -1.74
CA THR A 101 -4.72 -12.75 -2.37
C THR A 101 -5.32 -14.08 -2.81
N ASP A 102 -4.47 -14.95 -3.36
CA ASP A 102 -4.92 -16.26 -3.83
C ASP A 102 -5.02 -17.23 -2.66
N THR A 103 -4.00 -17.25 -1.81
CA THR A 103 -3.99 -18.13 -0.66
C THR A 103 -3.44 -17.43 0.57
N GLY A 104 -3.32 -18.17 1.67
CA GLY A 104 -2.80 -17.59 2.90
C GLY A 104 -1.39 -17.05 2.75
N LYS A 105 -0.56 -17.77 1.99
CA LYS A 105 0.81 -17.36 1.76
C LYS A 105 0.87 -15.99 1.14
N GLU A 106 0.31 -15.85 -0.05
CA GLU A 106 0.29 -14.58 -0.77
C GLU A 106 -0.19 -13.45 0.14
N MET A 107 -0.88 -13.82 1.21
CA MET A 107 -1.40 -12.85 2.16
C MET A 107 -0.37 -12.52 3.24
N GLU A 108 0.25 -13.57 3.78
CA GLU A 108 1.25 -13.40 4.82
C GLU A 108 2.42 -12.56 4.32
N LEU A 109 2.81 -12.80 3.07
CA LEU A 109 3.93 -12.07 2.47
C LEU A 109 3.60 -10.58 2.35
N TRP A 110 2.40 -10.28 1.89
CA TRP A 110 1.96 -8.90 1.74
C TRP A 110 1.78 -8.23 3.10
N MET A 111 1.07 -8.92 3.98
CA MET A 111 0.82 -8.39 5.32
C MET A 111 2.12 -8.18 6.08
N LYS A 112 2.84 -9.28 6.33
CA LYS A 112 4.11 -9.22 7.04
C LYS A 112 4.85 -7.92 6.72
N ALA A 113 4.88 -7.56 5.44
CA ALA A 113 5.56 -6.35 5.00
C ALA A 113 4.70 -5.12 5.27
N MET A 114 3.52 -5.09 4.66
CA MET A 114 2.61 -3.96 4.84
C MET A 114 2.58 -3.51 6.30
N LEU A 115 2.26 -4.44 7.20
CA LEU A 115 2.20 -4.13 8.63
C LEU A 115 3.50 -3.52 9.10
N ASP A 116 4.62 -4.07 8.63
CA ASP A 116 5.93 -3.57 9.02
C ASP A 116 6.18 -2.19 8.43
N ALA A 117 5.48 -1.86 7.35
CA ALA A 117 5.62 -0.58 6.70
C ALA A 117 4.47 0.36 7.06
N ALA A 118 3.54 -0.15 7.86
CA ALA A 118 2.39 0.65 8.28
C ALA A 118 2.49 1.00 9.76
N LEU A 119 2.94 0.04 10.57
CA LEU A 119 3.08 0.26 12.00
C LEU A 119 3.98 1.45 12.29
N VAL A 120 4.72 1.90 11.28
CA VAL A 120 5.61 3.04 11.42
C VAL A 120 4.83 4.35 11.46
N GLN A 121 5.14 5.19 12.44
CA GLN A 121 4.47 6.47 12.60
C GLN A 121 5.40 7.62 12.23
N THR A 122 5.93 7.58 11.01
CA THR A 122 6.83 8.63 10.52
C THR A 122 6.07 9.73 9.81
N SER A 123 4.75 9.58 9.74
CA SER A 123 3.90 10.57 9.07
C SER A 123 3.23 11.49 10.09
N GLY A 124 2.80 12.65 9.63
CA GLY A 124 2.14 13.60 10.53
C GLY A 124 1.30 14.62 9.77
N PRO A 125 0.00 14.35 9.66
CA PRO A 125 -0.94 15.23 8.96
C PRO A 125 -1.26 16.49 9.77
N SER A 126 -0.62 17.60 9.42
CA SER A 126 -0.84 18.86 10.12
C SER A 126 -2.28 19.32 9.96
N SER A 127 -2.99 18.72 9.02
CA SER A 127 -4.39 19.07 8.77
C SER A 127 -5.30 17.89 9.06
N GLY A 128 -5.05 16.77 8.40
CA GLY A 128 -5.86 15.58 8.61
C GLY A 128 -6.47 15.07 7.31
N GLY A 1 6.45 34.58 19.59
CA GLY A 1 6.92 33.49 18.77
C GLY A 1 7.81 33.96 17.63
N SER A 2 9.12 33.85 17.83
CA SER A 2 10.08 34.27 16.82
C SER A 2 10.70 33.07 16.11
N SER A 3 9.86 32.08 15.80
CA SER A 3 10.32 30.88 15.13
C SER A 3 9.38 30.49 13.98
N GLY A 4 9.93 29.84 12.97
CA GLY A 4 9.14 29.44 11.82
C GLY A 4 9.99 29.00 10.64
N SER A 5 9.44 28.12 9.82
CA SER A 5 10.16 27.63 8.65
C SER A 5 9.24 26.80 7.75
N SER A 6 9.33 27.05 6.45
CA SER A 6 8.50 26.33 5.48
C SER A 6 8.91 26.67 4.06
N GLY A 7 8.85 25.69 3.17
CA GLY A 7 9.22 25.90 1.78
C GLY A 7 9.91 24.70 1.17
N LYS A 8 11.15 24.47 1.57
CA LYS A 8 11.93 23.34 1.05
C LYS A 8 11.03 22.14 0.81
N ARG A 9 10.15 21.86 1.76
CA ARG A 9 9.23 20.73 1.63
C ARG A 9 8.80 20.53 0.19
N SER A 10 8.62 19.27 -0.21
CA SER A 10 8.21 18.94 -1.57
C SER A 10 6.79 18.39 -1.59
N ASN A 11 6.09 18.62 -2.70
CA ASN A 11 4.72 18.14 -2.85
C ASN A 11 4.67 16.90 -3.74
N SER A 12 5.61 15.98 -3.52
CA SER A 12 5.68 14.75 -4.29
C SER A 12 6.55 13.72 -3.60
N ILE A 13 6.42 12.46 -4.02
CA ILE A 13 7.19 11.38 -3.43
C ILE A 13 8.03 10.67 -4.50
N LYS A 14 9.31 10.45 -4.19
CA LYS A 14 10.21 9.77 -5.13
C LYS A 14 10.66 8.43 -4.56
N ARG A 15 10.64 7.41 -5.41
CA ARG A 15 11.04 6.07 -5.01
C ARG A 15 12.53 5.85 -5.27
N ASN A 16 13.27 5.52 -4.20
CA ASN A 16 14.71 5.30 -4.32
C ASN A 16 14.98 3.86 -4.76
N PRO A 17 15.54 3.70 -5.97
CA PRO A 17 15.87 2.40 -6.53
C PRO A 17 16.68 1.54 -5.57
N ASN A 18 17.85 2.03 -5.19
CA ASN A 18 18.72 1.30 -4.27
C ASN A 18 17.91 0.67 -3.14
N ALA A 19 17.06 1.47 -2.51
CA ALA A 19 16.21 0.98 -1.42
C ALA A 19 15.75 -0.45 -1.68
N PRO A 20 16.41 -1.42 -1.02
CA PRO A 20 16.07 -2.84 -1.16
C PRO A 20 14.58 -3.09 -1.13
N VAL A 21 14.06 -3.79 -2.13
CA VAL A 21 12.64 -4.10 -2.22
C VAL A 21 12.31 -5.34 -1.39
N VAL A 22 11.25 -5.23 -0.59
CA VAL A 22 10.82 -6.34 0.26
C VAL A 22 10.19 -7.46 -0.57
N ARG A 23 9.29 -7.08 -1.47
CA ARG A 23 8.63 -8.06 -2.33
C ARG A 23 7.76 -7.35 -3.39
N ARG A 24 7.74 -7.90 -4.58
CA ARG A 24 6.97 -7.33 -5.68
C ARG A 24 6.15 -8.41 -6.39
N GLY A 25 4.83 -8.25 -6.38
CA GLY A 25 3.96 -9.22 -7.02
C GLY A 25 2.61 -8.63 -7.39
N TRP A 26 2.07 -9.07 -8.52
CA TRP A 26 0.77 -8.58 -8.98
C TRP A 26 -0.29 -8.78 -7.92
N LEU A 27 -0.59 -7.72 -7.17
CA LEU A 27 -1.60 -7.79 -6.12
C LEU A 27 -2.95 -7.30 -6.62
N TYR A 28 -4.01 -7.67 -5.91
CA TYR A 28 -5.36 -7.28 -6.29
C TYR A 28 -5.94 -6.30 -5.27
N LYS A 29 -6.66 -5.29 -5.77
CA LYS A 29 -7.28 -4.30 -4.90
C LYS A 29 -8.73 -4.06 -5.30
N GLN A 30 -9.56 -3.72 -4.31
CA GLN A 30 -10.98 -3.46 -4.56
C GLN A 30 -11.25 -1.96 -4.64
N ASP A 31 -12.35 -1.60 -5.30
CA ASP A 31 -12.73 -0.20 -5.45
C ASP A 31 -14.08 0.07 -4.80
N SER A 32 -14.05 0.86 -3.72
CA SER A 32 -15.28 1.20 -3.00
C SER A 32 -16.36 1.68 -3.96
N THR A 33 -15.97 2.54 -4.89
CA THR A 33 -16.90 3.09 -5.87
C THR A 33 -17.43 2.00 -6.79
N GLY A 34 -18.57 2.26 -7.42
CA GLY A 34 -19.17 1.29 -8.32
C GLY A 34 -19.13 -0.11 -7.76
N MET A 35 -19.04 -1.10 -8.65
CA MET A 35 -19.00 -2.50 -8.24
C MET A 35 -17.70 -2.80 -7.50
N LYS A 36 -17.77 -3.71 -6.53
CA LYS A 36 -16.60 -4.10 -5.75
C LYS A 36 -15.83 -5.21 -6.45
N LEU A 37 -15.04 -4.84 -7.44
CA LEU A 37 -14.23 -5.80 -8.19
C LEU A 37 -12.75 -5.66 -7.86
N TRP A 38 -11.97 -6.66 -8.23
CA TRP A 38 -10.53 -6.65 -7.98
C TRP A 38 -9.75 -6.55 -9.29
N LYS A 39 -8.79 -5.63 -9.33
CA LYS A 39 -7.98 -5.43 -10.52
C LYS A 39 -6.54 -5.90 -10.27
N LYS A 40 -5.90 -6.42 -11.31
CA LYS A 40 -4.54 -6.89 -11.21
C LYS A 40 -3.55 -5.81 -11.62
N ARG A 41 -2.65 -5.44 -10.71
CA ARG A 41 -1.66 -4.41 -10.97
C ARG A 41 -0.31 -4.79 -10.37
N TRP A 42 0.76 -4.22 -10.92
CA TRP A 42 2.10 -4.50 -10.43
C TRP A 42 2.42 -3.68 -9.18
N PHE A 43 2.40 -4.34 -8.02
CA PHE A 43 2.67 -3.68 -6.76
C PHE A 43 4.07 -4.02 -6.26
N VAL A 44 4.74 -3.04 -5.67
CA VAL A 44 6.08 -3.24 -5.14
C VAL A 44 6.22 -2.67 -3.73
N LEU A 45 6.63 -3.51 -2.80
CA LEU A 45 6.80 -3.09 -1.41
C LEU A 45 8.25 -2.71 -1.13
N SER A 46 8.52 -1.41 -1.07
CA SER A 46 9.87 -0.92 -0.81
C SER A 46 9.83 0.40 -0.06
N ASP A 47 10.88 0.68 0.72
CA ASP A 47 10.96 1.91 1.48
C ASP A 47 9.73 2.09 2.36
N LEU A 48 9.33 1.02 3.05
CA LEU A 48 8.16 1.07 3.91
C LEU A 48 7.02 1.84 3.26
N CYS A 49 6.82 1.59 1.97
CA CYS A 49 5.75 2.26 1.23
C CYS A 49 5.26 1.39 0.07
N LEU A 50 4.11 1.73 -0.48
CA LEU A 50 3.54 0.98 -1.59
C LEU A 50 3.70 1.75 -2.90
N PHE A 51 4.18 1.05 -3.92
CA PHE A 51 4.38 1.65 -5.23
C PHE A 51 3.91 0.72 -6.35
N TYR A 52 3.15 1.28 -7.29
CA TYR A 52 2.63 0.50 -8.41
C TYR A 52 2.83 1.23 -9.73
N TYR A 53 2.74 0.50 -10.84
CA TYR A 53 2.91 1.07 -12.16
C TYR A 53 1.90 0.50 -13.14
N ARG A 54 2.03 0.88 -14.41
CA ARG A 54 1.13 0.41 -15.45
C ARG A 54 1.27 -1.11 -15.64
N ASP A 55 2.51 -1.57 -15.69
CA ASP A 55 2.78 -2.99 -15.87
C ASP A 55 4.07 -3.40 -15.17
N GLU A 56 4.48 -4.65 -15.34
CA GLU A 56 5.70 -5.16 -14.72
C GLU A 56 6.89 -4.27 -15.07
N LYS A 57 6.86 -3.68 -16.25
CA LYS A 57 7.93 -2.81 -16.71
C LYS A 57 8.21 -1.70 -15.69
N GLU A 58 7.22 -1.45 -14.82
CA GLU A 58 7.36 -0.42 -13.80
C GLU A 58 8.25 0.71 -14.29
N GLU A 59 7.99 1.19 -15.50
CA GLU A 59 8.78 2.28 -16.08
C GLU A 59 8.11 3.62 -15.83
N GLY A 60 7.51 3.76 -14.65
CA GLY A 60 6.84 5.01 -14.31
C GLY A 60 5.71 4.81 -13.32
N ILE A 61 5.91 5.29 -12.09
CA ILE A 61 4.90 5.15 -11.06
C ILE A 61 3.69 6.06 -11.33
N LEU A 62 2.50 5.49 -11.24
CA LEU A 62 1.28 6.23 -11.48
C LEU A 62 0.78 6.89 -10.19
N GLY A 63 1.05 6.24 -9.07
CA GLY A 63 0.63 6.78 -7.78
C GLY A 63 1.15 5.98 -6.61
N SER A 64 1.74 6.66 -5.63
CA SER A 64 2.29 6.01 -4.45
C SER A 64 1.29 6.04 -3.30
N ILE A 65 1.42 5.07 -2.39
CA ILE A 65 0.54 5.00 -1.24
C ILE A 65 1.33 4.85 0.06
N LEU A 66 1.01 5.68 1.04
CA LEU A 66 1.69 5.65 2.33
C LEU A 66 1.02 4.65 3.27
N LEU A 67 1.75 3.59 3.61
CA LEU A 67 1.24 2.55 4.50
C LEU A 67 1.23 3.04 5.95
N PRO A 68 2.30 3.75 6.34
CA PRO A 68 2.44 4.28 7.70
C PRO A 68 1.19 5.03 8.15
N SER A 69 0.41 5.51 7.19
CA SER A 69 -0.82 6.25 7.50
C SER A 69 -2.02 5.32 7.48
N PHE A 70 -1.89 4.20 6.77
CA PHE A 70 -2.97 3.23 6.67
C PHE A 70 -2.99 2.30 7.88
N GLN A 71 -4.15 1.72 8.15
CA GLN A 71 -4.30 0.80 9.29
C GLN A 71 -4.69 -0.60 8.82
N ILE A 72 -3.75 -1.52 8.91
CA ILE A 72 -4.00 -2.90 8.49
C ILE A 72 -4.76 -3.67 9.56
N ALA A 73 -6.02 -3.98 9.28
CA ALA A 73 -6.86 -4.72 10.22
C ALA A 73 -7.59 -5.87 9.53
N LEU A 74 -7.60 -7.03 10.18
CA LEU A 74 -8.27 -8.20 9.62
C LEU A 74 -9.70 -7.88 9.22
N LEU A 75 -10.14 -8.43 8.10
CA LEU A 75 -11.50 -8.20 7.61
C LEU A 75 -12.52 -8.53 8.70
N THR A 76 -13.81 -8.46 8.34
CA THR A 76 -14.88 -8.75 9.27
C THR A 76 -15.07 -7.60 10.26
N SER A 77 -14.68 -6.40 9.85
CA SER A 77 -14.81 -5.23 10.69
C SER A 77 -15.37 -4.04 9.90
N GLU A 78 -16.66 -4.13 9.58
CA GLU A 78 -17.32 -3.07 8.82
C GLU A 78 -16.76 -2.97 7.40
N ASP A 79 -16.51 -4.13 6.79
CA ASP A 79 -15.98 -4.18 5.44
C ASP A 79 -17.09 -4.39 4.41
N HIS A 80 -18.11 -5.15 4.80
CA HIS A 80 -19.23 -5.43 3.93
C HIS A 80 -18.78 -6.19 2.69
N ILE A 81 -17.70 -6.95 2.83
CA ILE A 81 -17.17 -7.74 1.71
C ILE A 81 -17.35 -9.23 1.96
N ASN A 82 -17.62 -9.97 0.88
CA ASN A 82 -17.82 -11.41 0.98
C ASN A 82 -16.60 -12.17 0.46
N ARG A 83 -15.41 -11.72 0.89
CA ARG A 83 -14.17 -12.36 0.48
C ARG A 83 -13.38 -12.84 1.69
N LYS A 84 -12.52 -13.83 1.47
CA LYS A 84 -11.70 -14.38 2.55
C LYS A 84 -10.22 -14.27 2.22
N TYR A 85 -9.37 -14.58 3.19
CA TYR A 85 -7.92 -14.52 3.01
C TYR A 85 -7.50 -13.14 2.50
N ALA A 86 -8.22 -12.11 2.94
CA ALA A 86 -7.92 -10.74 2.53
C ALA A 86 -7.94 -9.80 3.73
N PHE A 87 -7.57 -8.54 3.49
CA PHE A 87 -7.54 -7.54 4.56
C PHE A 87 -8.05 -6.20 4.06
N LYS A 88 -7.99 -5.19 4.92
CA LYS A 88 -8.46 -3.85 4.56
C LYS A 88 -7.68 -2.79 5.33
N ALA A 89 -7.34 -1.70 4.65
CA ALA A 89 -6.60 -0.61 5.26
C ALA A 89 -7.49 0.61 5.47
N ALA A 90 -7.56 1.10 6.70
CA ALA A 90 -8.37 2.26 7.03
C ALA A 90 -7.53 3.53 7.08
N HIS A 91 -8.01 4.59 6.45
CA HIS A 91 -7.29 5.86 6.43
C HIS A 91 -8.20 7.00 6.87
N PRO A 92 -7.65 7.94 7.67
CA PRO A 92 -8.39 9.09 8.18
C PRO A 92 -8.67 10.12 7.08
N ASN A 93 -7.63 10.47 6.33
CA ASN A 93 -7.77 11.45 5.26
C ASN A 93 -7.99 10.76 3.92
N MET A 94 -8.51 9.54 3.97
CA MET A 94 -8.77 8.77 2.76
C MET A 94 -9.83 7.70 3.01
N ARG A 95 -10.08 6.87 2.01
CA ARG A 95 -11.08 5.80 2.12
C ARG A 95 -10.43 4.51 2.60
N THR A 96 -11.24 3.46 2.71
CA THR A 96 -10.75 2.16 3.15
C THR A 96 -10.32 1.30 1.97
N TYR A 97 -9.05 0.95 1.93
CA TYR A 97 -8.51 0.12 0.85
C TYR A 97 -8.65 -1.36 1.17
N TYR A 98 -8.67 -2.18 0.13
CA TYR A 98 -8.81 -3.63 0.31
C TYR A 98 -7.77 -4.38 -0.53
N PHE A 99 -7.29 -5.49 0.00
CA PHE A 99 -6.29 -6.30 -0.69
C PHE A 99 -6.51 -7.79 -0.40
N CYS A 100 -6.50 -8.60 -1.46
CA CYS A 100 -6.70 -10.03 -1.31
C CYS A 100 -5.66 -10.80 -2.13
N THR A 101 -5.49 -12.08 -1.81
CA THR A 101 -4.52 -12.92 -2.51
C THR A 101 -5.15 -14.25 -2.92
N ASP A 102 -4.39 -15.07 -3.64
CA ASP A 102 -4.87 -16.37 -4.09
C ASP A 102 -4.88 -17.37 -2.94
N THR A 103 -3.80 -17.36 -2.15
CA THR A 103 -3.68 -18.27 -1.02
C THR A 103 -3.24 -17.53 0.23
N GLY A 104 -3.32 -18.20 1.38
CA GLY A 104 -2.93 -17.59 2.63
C GLY A 104 -1.51 -17.07 2.60
N LYS A 105 -0.62 -17.79 1.92
CA LYS A 105 0.77 -17.39 1.81
C LYS A 105 0.89 -16.01 1.18
N GLU A 106 0.41 -15.88 -0.05
CA GLU A 106 0.46 -14.61 -0.77
C GLU A 106 -0.03 -13.47 0.11
N MET A 107 -0.83 -13.82 1.12
CA MET A 107 -1.38 -12.81 2.03
C MET A 107 -0.39 -12.52 3.16
N GLU A 108 0.12 -13.58 3.78
CA GLU A 108 1.08 -13.43 4.88
C GLU A 108 2.30 -12.63 4.44
N LEU A 109 2.67 -12.79 3.17
CA LEU A 109 3.83 -12.09 2.62
C LEU A 109 3.55 -10.60 2.49
N TRP A 110 2.33 -10.26 2.09
CA TRP A 110 1.95 -8.85 1.93
C TRP A 110 1.71 -8.21 3.30
N MET A 111 1.01 -8.91 4.18
CA MET A 111 0.72 -8.41 5.51
C MET A 111 2.01 -8.14 6.29
N LYS A 112 2.74 -9.22 6.58
CA LYS A 112 4.00 -9.10 7.32
C LYS A 112 4.77 -7.85 6.91
N ALA A 113 4.82 -7.60 5.60
CA ALA A 113 5.51 -6.43 5.07
C ALA A 113 4.72 -5.16 5.32
N MET A 114 3.55 -5.05 4.68
CA MET A 114 2.71 -3.89 4.84
C MET A 114 2.69 -3.41 6.28
N LEU A 115 2.32 -4.30 7.19
CA LEU A 115 2.27 -3.98 8.62
C LEU A 115 3.56 -3.29 9.07
N ASP A 116 4.69 -3.85 8.66
CA ASP A 116 5.99 -3.30 9.02
C ASP A 116 6.03 -1.80 8.73
N ALA A 117 5.49 -1.40 7.59
CA ALA A 117 5.47 0.00 7.21
C ALA A 117 4.35 0.75 7.92
N ALA A 118 3.14 0.20 7.85
CA ALA A 118 1.99 0.82 8.50
C ALA A 118 2.30 1.19 9.94
N LEU A 119 2.79 0.24 10.71
CA LEU A 119 3.14 0.47 12.11
C LEU A 119 3.93 1.76 12.26
N VAL A 120 4.64 2.15 11.21
CA VAL A 120 5.44 3.36 11.22
C VAL A 120 4.58 4.58 11.53
N GLN A 121 5.06 5.42 12.45
CA GLN A 121 4.33 6.62 12.84
C GLN A 121 5.07 7.88 12.39
N THR A 122 5.43 7.93 11.11
CA THR A 122 6.15 9.07 10.56
C THR A 122 5.19 10.00 9.82
N SER A 123 3.99 10.15 10.34
CA SER A 123 2.98 11.03 9.73
C SER A 123 3.33 12.49 9.95
N GLY A 124 2.76 13.36 9.12
CA GLY A 124 3.02 14.79 9.24
C GLY A 124 2.67 15.32 10.61
N PRO A 125 1.38 15.23 10.99
CA PRO A 125 0.90 15.71 12.28
C PRO A 125 1.78 15.26 13.43
N SER A 126 2.49 14.15 13.23
CA SER A 126 3.38 13.61 14.26
C SER A 126 4.01 14.74 15.07
N SER A 127 4.13 14.53 16.38
CA SER A 127 4.71 15.52 17.27
C SER A 127 5.36 14.85 18.48
N GLY A 128 6.68 15.01 18.59
CA GLY A 128 7.39 14.41 19.70
C GLY A 128 8.49 13.47 19.26
N GLY A 1 14.77 10.24 4.17
CA GLY A 1 13.79 10.77 5.08
C GLY A 1 13.99 12.25 5.36
N SER A 2 14.98 12.56 6.19
CA SER A 2 15.26 13.95 6.53
C SER A 2 16.63 14.38 6.00
N SER A 3 16.93 13.97 4.77
CA SER A 3 18.21 14.30 4.15
C SER A 3 18.00 15.03 2.83
N GLY A 4 18.50 16.26 2.75
CA GLY A 4 18.36 17.05 1.54
C GLY A 4 17.89 18.46 1.82
N SER A 5 17.35 19.12 0.80
CA SER A 5 16.86 20.49 0.95
C SER A 5 15.34 20.53 0.85
N SER A 6 14.68 20.55 1.99
CA SER A 6 13.22 20.59 2.04
C SER A 6 12.71 22.00 1.75
N GLY A 7 12.27 22.23 0.52
CA GLY A 7 11.76 23.54 0.14
C GLY A 7 11.35 23.60 -1.31
N LYS A 8 10.52 22.64 -1.73
CA LYS A 8 10.05 22.58 -3.12
C LYS A 8 8.71 21.87 -3.20
N ARG A 9 7.74 22.51 -3.83
CA ARG A 9 6.41 21.93 -3.99
C ARG A 9 6.49 20.48 -4.44
N SER A 10 6.04 19.57 -3.58
CA SER A 10 6.07 18.14 -3.87
C SER A 10 4.66 17.62 -4.18
N ASN A 11 4.41 17.36 -5.46
CA ASN A 11 3.11 16.85 -5.89
C ASN A 11 3.03 15.35 -5.73
N SER A 12 4.02 14.65 -6.29
CA SER A 12 4.07 13.19 -6.21
C SER A 12 5.35 12.72 -5.54
N ILE A 13 5.39 11.44 -5.19
CA ILE A 13 6.56 10.86 -4.54
C ILE A 13 7.31 9.93 -5.49
N LYS A 14 8.64 10.04 -5.49
CA LYS A 14 9.48 9.21 -6.34
C LYS A 14 10.15 8.11 -5.53
N ARG A 15 10.04 6.87 -6.01
CA ARG A 15 10.63 5.73 -5.34
C ARG A 15 12.13 5.92 -5.17
N ASN A 16 12.76 5.04 -4.38
CA ASN A 16 14.20 5.11 -4.15
C ASN A 16 14.86 3.80 -4.50
N PRO A 17 15.50 3.75 -5.68
CA PRO A 17 16.20 2.56 -6.16
C PRO A 17 17.01 1.88 -5.06
N ASN A 18 17.92 2.63 -4.46
CA ASN A 18 18.76 2.09 -3.39
C ASN A 18 17.92 1.37 -2.35
N ALA A 19 16.86 2.02 -1.89
CA ALA A 19 15.97 1.43 -0.90
C ALA A 19 15.67 -0.03 -1.21
N PRO A 20 16.33 -0.94 -0.48
CA PRO A 20 16.15 -2.38 -0.67
C PRO A 20 14.69 -2.78 -0.78
N VAL A 21 14.35 -3.49 -1.85
CA VAL A 21 12.98 -3.93 -2.08
C VAL A 21 12.64 -5.14 -1.22
N VAL A 22 11.64 -4.99 -0.36
CA VAL A 22 11.21 -6.07 0.52
C VAL A 22 10.64 -7.23 -0.28
N ARG A 23 9.58 -6.96 -1.03
CA ARG A 23 8.92 -7.98 -1.84
C ARG A 23 8.01 -7.34 -2.89
N ARG A 24 7.89 -8.01 -4.04
CA ARG A 24 7.04 -7.51 -5.12
C ARG A 24 6.19 -8.63 -5.70
N GLY A 25 4.90 -8.35 -5.90
CA GLY A 25 4.01 -9.35 -6.45
C GLY A 25 2.75 -8.74 -7.04
N TRP A 26 2.12 -9.45 -7.97
CA TRP A 26 0.90 -8.97 -8.60
C TRP A 26 -0.26 -8.96 -7.62
N LEU A 27 -0.43 -7.83 -6.93
CA LEU A 27 -1.50 -7.69 -5.96
C LEU A 27 -2.76 -7.13 -6.61
N TYR A 28 -3.91 -7.34 -5.96
CA TYR A 28 -5.18 -6.86 -6.48
C TYR A 28 -5.73 -5.73 -5.61
N LYS A 29 -6.03 -4.60 -6.24
CA LYS A 29 -6.56 -3.45 -5.53
C LYS A 29 -8.09 -3.38 -5.66
N GLN A 30 -8.76 -3.09 -4.55
CA GLN A 30 -10.21 -3.00 -4.54
C GLN A 30 -10.66 -1.56 -4.47
N ASP A 31 -11.58 -1.18 -5.36
CA ASP A 31 -12.10 0.18 -5.41
C ASP A 31 -13.30 0.33 -4.49
N SER A 32 -13.38 1.47 -3.81
CA SER A 32 -14.47 1.74 -2.89
C SER A 32 -15.47 2.72 -3.50
N THR A 33 -15.74 2.55 -4.79
CA THR A 33 -16.68 3.42 -5.50
C THR A 33 -16.98 2.87 -6.89
N GLY A 34 -18.24 2.99 -7.31
CA GLY A 34 -18.64 2.50 -8.61
C GLY A 34 -18.87 1.01 -8.63
N MET A 35 -17.90 0.26 -8.11
CA MET A 35 -18.00 -1.20 -8.08
C MET A 35 -17.00 -1.78 -7.08
N LYS A 36 -17.41 -2.83 -6.38
CA LYS A 36 -16.55 -3.48 -5.40
C LYS A 36 -15.72 -4.59 -6.06
N LEU A 37 -15.33 -4.35 -7.31
CA LEU A 37 -14.52 -5.32 -8.05
C LEU A 37 -13.04 -5.16 -7.71
N TRP A 38 -12.28 -6.22 -7.95
CA TRP A 38 -10.84 -6.20 -7.68
C TRP A 38 -10.04 -6.06 -8.97
N LYS A 39 -9.19 -5.04 -9.02
CA LYS A 39 -8.37 -4.80 -10.20
C LYS A 39 -6.98 -5.41 -10.04
N LYS A 40 -6.44 -5.93 -11.13
CA LYS A 40 -5.12 -6.54 -11.11
C LYS A 40 -4.04 -5.55 -11.53
N ARG A 41 -2.97 -5.47 -10.75
CA ARG A 41 -1.87 -4.55 -11.03
C ARG A 41 -0.60 -4.98 -10.30
N TRP A 42 0.54 -4.57 -10.84
CA TRP A 42 1.83 -4.90 -10.24
C TRP A 42 2.09 -4.04 -9.00
N PHE A 43 2.42 -4.69 -7.89
CA PHE A 43 2.69 -3.99 -6.65
C PHE A 43 4.10 -4.30 -6.14
N VAL A 44 4.73 -3.32 -5.51
CA VAL A 44 6.08 -3.50 -4.97
C VAL A 44 6.19 -2.89 -3.58
N LEU A 45 6.80 -3.64 -2.66
CA LEU A 45 6.98 -3.18 -1.29
C LEU A 45 8.40 -2.67 -1.07
N SER A 46 8.57 -1.36 -1.13
CA SER A 46 9.88 -0.75 -0.93
C SER A 46 9.77 0.55 -0.14
N ASP A 47 10.85 0.93 0.53
CA ASP A 47 10.88 2.16 1.32
C ASP A 47 9.70 2.19 2.29
N LEU A 48 9.25 1.01 2.71
CA LEU A 48 8.12 0.90 3.64
C LEU A 48 6.89 1.63 3.08
N CYS A 49 6.74 1.60 1.77
CA CYS A 49 5.61 2.23 1.11
C CYS A 49 5.02 1.33 0.03
N LEU A 50 3.99 1.82 -0.64
CA LEU A 50 3.33 1.06 -1.70
C LEU A 50 3.53 1.72 -3.06
N PHE A 51 4.00 0.94 -4.03
CA PHE A 51 4.23 1.45 -5.37
C PHE A 51 3.73 0.46 -6.42
N TYR A 52 3.12 0.99 -7.48
CA TYR A 52 2.59 0.15 -8.55
C TYR A 52 2.97 0.73 -9.91
N TYR A 53 2.93 -0.12 -10.93
CA TYR A 53 3.26 0.31 -12.30
C TYR A 53 2.28 -0.29 -13.30
N ARG A 54 2.35 0.20 -14.53
CA ARG A 54 1.47 -0.29 -15.59
C ARG A 54 1.62 -1.80 -15.78
N ASP A 55 2.84 -2.29 -15.63
CA ASP A 55 3.12 -3.71 -15.78
C ASP A 55 4.41 -4.10 -15.04
N GLU A 56 4.75 -5.38 -15.07
CA GLU A 56 5.95 -5.87 -14.41
C GLU A 56 7.18 -5.11 -14.90
N LYS A 57 7.03 -4.40 -16.01
CA LYS A 57 8.13 -3.64 -16.58
C LYS A 57 8.63 -2.58 -15.59
N GLU A 58 7.78 -2.22 -14.63
CA GLU A 58 8.13 -1.21 -13.63
C GLU A 58 8.70 0.04 -14.28
N GLU A 59 7.98 0.57 -15.26
CA GLU A 59 8.41 1.76 -15.97
C GLU A 59 7.51 2.95 -15.65
N GLY A 60 8.09 4.01 -15.11
CA GLY A 60 7.32 5.20 -14.77
C GLY A 60 6.25 4.90 -13.74
N ILE A 61 6.39 5.50 -12.56
CA ILE A 61 5.43 5.30 -11.49
C ILE A 61 4.07 5.92 -11.84
N LEU A 62 3.01 5.35 -11.27
CA LEU A 62 1.66 5.85 -11.53
C LEU A 62 1.03 6.41 -10.25
N GLY A 63 1.62 6.05 -9.12
CA GLY A 63 1.10 6.52 -7.84
C GLY A 63 1.58 5.68 -6.67
N SER A 64 2.01 6.34 -5.60
CA SER A 64 2.50 5.65 -4.41
C SER A 64 1.53 5.82 -3.25
N ILE A 65 1.44 4.79 -2.41
CA ILE A 65 0.55 4.83 -1.25
C ILE A 65 1.34 4.68 0.05
N LEU A 66 1.19 5.65 0.94
CA LEU A 66 1.88 5.63 2.22
C LEU A 66 1.25 4.62 3.17
N LEU A 67 1.95 3.54 3.44
CA LEU A 67 1.44 2.49 4.34
C LEU A 67 1.48 2.96 5.78
N PRO A 68 2.58 3.65 6.17
CA PRO A 68 2.76 4.16 7.53
C PRO A 68 1.53 4.91 8.03
N SER A 69 0.73 5.42 7.09
CA SER A 69 -0.47 6.16 7.44
C SER A 69 -1.69 5.24 7.46
N PHE A 70 -1.58 4.12 6.76
CA PHE A 70 -2.68 3.16 6.68
C PHE A 70 -2.65 2.20 7.88
N GLN A 71 -3.78 1.58 8.16
CA GLN A 71 -3.89 0.64 9.27
C GLN A 71 -4.36 -0.72 8.79
N ILE A 72 -3.45 -1.69 8.77
CA ILE A 72 -3.78 -3.04 8.33
C ILE A 72 -4.45 -3.82 9.45
N ALA A 73 -5.69 -4.25 9.20
CA ALA A 73 -6.44 -5.02 10.19
C ALA A 73 -7.33 -6.06 9.51
N LEU A 74 -7.36 -7.27 10.07
CA LEU A 74 -8.17 -8.35 9.52
C LEU A 74 -9.58 -7.86 9.18
N LEU A 75 -10.11 -8.35 8.07
CA LEU A 75 -11.45 -7.96 7.64
C LEU A 75 -12.48 -8.22 8.74
N THR A 76 -13.68 -7.70 8.55
CA THR A 76 -14.75 -7.88 9.53
C THR A 76 -16.07 -8.19 8.84
N SER A 77 -17.09 -8.54 9.63
CA SER A 77 -18.40 -8.86 9.09
C SER A 77 -19.00 -7.66 8.37
N GLU A 78 -18.95 -6.50 9.01
CA GLU A 78 -19.48 -5.28 8.44
C GLU A 78 -18.99 -5.10 7.00
N ASP A 79 -17.79 -5.59 6.72
CA ASP A 79 -17.21 -5.49 5.39
C ASP A 79 -18.15 -6.08 4.34
N HIS A 80 -18.78 -7.20 4.69
CA HIS A 80 -19.70 -7.86 3.77
C HIS A 80 -18.98 -8.33 2.51
N ILE A 81 -17.68 -8.55 2.64
CA ILE A 81 -16.86 -9.01 1.51
C ILE A 81 -16.65 -10.51 1.55
N ASN A 82 -17.25 -11.22 0.61
CA ASN A 82 -17.12 -12.67 0.54
C ASN A 82 -15.79 -13.06 -0.09
N ARG A 83 -14.72 -12.42 0.35
CA ARG A 83 -13.39 -12.71 -0.18
C ARG A 83 -12.49 -13.28 0.92
N LYS A 84 -11.71 -14.30 0.56
CA LYS A 84 -10.81 -14.93 1.51
C LYS A 84 -9.39 -14.39 1.35
N TYR A 85 -8.56 -14.62 2.37
CA TYR A 85 -7.18 -14.15 2.34
C TYR A 85 -7.10 -12.68 1.94
N ALA A 86 -8.01 -11.88 2.47
CA ALA A 86 -8.06 -10.45 2.18
C ALA A 86 -8.04 -9.62 3.45
N PHE A 87 -7.55 -8.39 3.34
CA PHE A 87 -7.48 -7.49 4.48
C PHE A 87 -8.01 -6.11 4.13
N LYS A 88 -7.93 -5.19 5.08
CA LYS A 88 -8.40 -3.82 4.87
C LYS A 88 -7.46 -2.82 5.52
N ALA A 89 -7.28 -1.67 4.87
CA ALA A 89 -6.42 -0.62 5.39
C ALA A 89 -7.20 0.65 5.68
N ALA A 90 -7.17 1.08 6.93
CA ALA A 90 -7.88 2.29 7.34
C ALA A 90 -6.96 3.50 7.30
N HIS A 91 -7.49 4.63 6.83
CA HIS A 91 -6.72 5.86 6.75
C HIS A 91 -7.50 7.04 7.35
N PRO A 92 -6.79 7.90 8.08
CA PRO A 92 -7.40 9.08 8.72
C PRO A 92 -7.72 10.18 7.71
N ASN A 93 -6.74 10.53 6.89
CA ASN A 93 -6.91 11.57 5.88
C ASN A 93 -7.43 10.97 4.57
N MET A 94 -7.79 9.69 4.61
CA MET A 94 -8.29 9.02 3.43
C MET A 94 -9.34 7.96 3.81
N ARG A 95 -9.82 7.23 2.82
CA ARG A 95 -10.82 6.19 3.05
C ARG A 95 -10.15 4.85 3.36
N THR A 96 -10.97 3.84 3.64
CA THR A 96 -10.46 2.51 3.95
C THR A 96 -10.27 1.68 2.68
N TYR A 97 -9.03 1.26 2.44
CA TYR A 97 -8.71 0.47 1.27
C TYR A 97 -8.90 -1.03 1.54
N TYR A 98 -8.86 -1.82 0.48
CA TYR A 98 -9.03 -3.27 0.61
C TYR A 98 -8.16 -4.01 -0.40
N PHE A 99 -7.40 -4.99 0.10
CA PHE A 99 -6.53 -5.79 -0.76
C PHE A 99 -6.74 -7.28 -0.53
N CYS A 100 -6.65 -8.05 -1.60
CA CYS A 100 -6.84 -9.49 -1.52
C CYS A 100 -5.82 -10.22 -2.39
N THR A 101 -5.56 -11.48 -2.05
CA THR A 101 -4.59 -12.29 -2.78
C THR A 101 -5.23 -13.59 -3.28
N ASP A 102 -4.45 -14.39 -4.00
CA ASP A 102 -4.94 -15.66 -4.51
C ASP A 102 -5.12 -16.67 -3.38
N THR A 103 -4.14 -16.75 -2.50
CA THR A 103 -4.18 -17.68 -1.38
C THR A 103 -3.64 -17.04 -0.10
N GLY A 104 -3.54 -17.83 0.96
CA GLY A 104 -3.03 -17.32 2.22
C GLY A 104 -1.60 -16.83 2.11
N LYS A 105 -0.74 -17.66 1.53
CA LYS A 105 0.67 -17.30 1.36
C LYS A 105 0.80 -15.92 0.70
N GLU A 106 0.20 -15.78 -0.47
CA GLU A 106 0.26 -14.52 -1.20
C GLU A 106 -0.15 -13.34 -0.30
N MET A 107 -0.89 -13.65 0.76
CA MET A 107 -1.35 -12.63 1.69
C MET A 107 -0.34 -12.43 2.82
N GLU A 108 0.16 -13.54 3.37
CA GLU A 108 1.14 -13.48 4.45
C GLU A 108 2.37 -12.72 4.02
N LEU A 109 2.74 -12.85 2.76
CA LEU A 109 3.92 -12.17 2.22
C LEU A 109 3.69 -10.65 2.16
N TRP A 110 2.45 -10.26 1.92
CA TRP A 110 2.10 -8.85 1.85
C TRP A 110 1.93 -8.26 3.23
N MET A 111 1.08 -8.88 4.04
CA MET A 111 0.84 -8.41 5.40
C MET A 111 2.15 -8.24 6.17
N LYS A 112 2.85 -9.35 6.38
CA LYS A 112 4.12 -9.32 7.09
C LYS A 112 4.88 -8.03 6.80
N ALA A 113 4.85 -7.61 5.54
CA ALA A 113 5.54 -6.38 5.13
C ALA A 113 4.72 -5.16 5.48
N MET A 114 3.54 -5.04 4.87
CA MET A 114 2.66 -3.90 5.12
C MET A 114 2.61 -3.57 6.61
N LEU A 115 2.20 -4.55 7.42
CA LEU A 115 2.10 -4.36 8.86
C LEU A 115 3.36 -3.69 9.40
N ASP A 116 4.51 -4.00 8.81
CA ASP A 116 5.77 -3.42 9.23
C ASP A 116 5.91 -1.98 8.73
N ALA A 117 5.35 -1.72 7.56
CA ALA A 117 5.40 -0.39 6.97
C ALA A 117 4.25 0.49 7.47
N ALA A 118 3.31 -0.14 8.16
CA ALA A 118 2.16 0.58 8.70
C ALA A 118 2.35 0.92 10.17
N LEU A 119 2.85 -0.06 10.93
CA LEU A 119 3.09 0.14 12.35
C LEU A 119 4.19 1.16 12.60
N VAL A 120 5.08 1.32 11.61
CA VAL A 120 6.18 2.26 11.72
C VAL A 120 5.76 3.51 12.47
N GLN A 121 6.63 3.98 13.35
CA GLN A 121 6.36 5.17 14.15
C GLN A 121 7.12 6.38 13.60
N THR A 122 7.07 6.55 12.28
CA THR A 122 7.75 7.66 11.64
C THR A 122 6.84 8.88 11.52
N SER A 123 7.41 10.07 11.73
CA SER A 123 6.65 11.31 11.65
C SER A 123 5.74 11.31 10.43
N GLY A 124 4.44 11.40 10.68
CA GLY A 124 3.48 11.41 9.57
C GLY A 124 2.23 12.18 9.92
N PRO A 125 1.18 11.47 10.35
CA PRO A 125 -0.10 12.08 10.71
C PRO A 125 0.07 13.30 11.61
N SER A 126 -0.55 14.41 11.22
CA SER A 126 -0.46 15.65 11.98
C SER A 126 -1.60 15.76 12.99
N SER A 127 -1.45 15.09 14.12
CA SER A 127 -2.48 15.09 15.16
C SER A 127 -2.59 16.48 15.79
N GLY A 128 -3.78 17.08 15.66
CA GLY A 128 -4.02 18.40 16.23
C GLY A 128 -5.12 19.14 15.52
#